data_1CS1
#
_entry.id   1CS1
#
_cell.length_a   160.040
_cell.length_b   61.300
_cell.length_c   153.840
_cell.angle_alpha   90.00
_cell.angle_beta   104.18
_cell.angle_gamma   90.00
#
_symmetry.space_group_name_H-M   'C 1 2 1'
#
loop_
_entity.id
_entity.type
_entity.pdbx_description
1 polymer 'PROTEIN (CYSTATHIONINE GAMMA-SYNTHASE)'
2 non-polymer '2,4-DIOXO-PENTANEDIOIC ACID'
3 water water
#
_entity_poly.entity_id   1
_entity_poly.type   'polypeptide(L)'
_entity_poly.pdbx_seq_one_letter_code
;MTRKQATIAVRSGLNDDEQYGCVVPPIHLSSTYNFTGFNEPRAHDYSRRGNPTRDVVQRALAELEGGAGAVLTNTGMSAI
HLVTTVFLKPGDLLVAPHDCYGGSYRLFDSLAKRGCYRVLFVDQGDEQALRAALAEKPKLVLVESPSNPLLRVVDIAKIC
HLAREVGAVSVVDNTFLSPALQNPLALGADLVLHSCT(LLP)YLNGHSDVVAGVVIAKDPDVVTELAWWANNIGVTGGAF
DSYLLLRGLRTLVPRMELAQRNAQAIVKYLQTQPLVKKLYHPSLPENQGHEIAARQQKGFGAMLSFELDGDEQTLRRFLG
GLSLFTLAESLGGVESLISHAATMTHAGMAPEARAAAGISETLLRISTGIEDGEDLIADLENGFRAANKG
;
_entity_poly.pdbx_strand_id   A,B,C,D
#
# COMPACT_ATOMS: atom_id res chain seq x y z
N ARG A 3 29.79 -5.89 11.34
CA ARG A 3 29.07 -6.52 10.18
C ARG A 3 29.23 -5.66 8.92
N LYS A 4 29.38 -6.33 7.78
CA LYS A 4 29.58 -5.65 6.50
C LYS A 4 28.33 -4.95 5.98
N GLN A 5 28.47 -4.11 4.97
CA GLN A 5 27.30 -3.41 4.45
C GLN A 5 26.23 -4.35 3.92
N ALA A 6 26.61 -5.48 3.33
CA ALA A 6 25.62 -6.40 2.82
C ALA A 6 24.72 -6.90 3.95
N THR A 7 25.32 -7.14 5.11
CA THR A 7 24.56 -7.63 6.27
C THR A 7 23.65 -6.56 6.85
N ILE A 8 24.14 -5.33 6.91
CA ILE A 8 23.38 -4.21 7.43
C ILE A 8 22.13 -3.95 6.57
N ALA A 9 22.33 -3.86 5.25
CA ALA A 9 21.23 -3.58 4.34
C ALA A 9 20.11 -4.60 4.48
N VAL A 10 20.48 -5.86 4.65
CA VAL A 10 19.52 -6.94 4.74
C VAL A 10 18.78 -7.06 6.07
N ARG A 11 19.50 -6.91 7.17
CA ARG A 11 18.91 -7.09 8.49
C ARG A 11 18.54 -5.87 9.35
N SER A 12 19.04 -4.68 9.03
CA SER A 12 18.68 -3.51 9.84
C SER A 12 17.16 -3.32 9.91
N GLY A 13 16.63 -3.28 11.12
CA GLY A 13 15.20 -3.08 11.30
C GLY A 13 14.39 -4.35 11.41
N LEU A 14 14.94 -5.49 10.99
CA LEU A 14 14.23 -6.76 11.09
C LEU A 14 13.91 -7.11 12.54
N ASN A 15 12.76 -7.73 12.77
CA ASN A 15 12.35 -8.12 14.11
C ASN A 15 12.20 -6.92 15.05
N ASP A 16 11.74 -5.80 14.49
CA ASP A 16 11.52 -4.58 15.27
C ASP A 16 10.26 -4.78 16.10
N ASP A 17 9.24 -5.36 15.47
CA ASP A 17 7.94 -5.62 16.08
C ASP A 17 8.06 -6.44 17.35
N GLU A 18 7.82 -5.81 18.50
CA GLU A 18 7.92 -6.49 19.77
C GLU A 18 6.61 -7.12 20.19
N GLN A 19 5.51 -6.71 19.57
CA GLN A 19 4.20 -7.22 19.93
C GLN A 19 3.79 -8.54 19.28
N TYR A 20 3.99 -8.66 17.97
CA TYR A 20 3.57 -9.88 17.29
C TYR A 20 4.71 -10.76 16.80
N GLY A 21 5.95 -10.31 17.00
CA GLY A 21 7.08 -11.10 16.56
C GLY A 21 7.24 -11.14 15.04
N CYS A 22 6.75 -10.11 14.35
CA CYS A 22 6.85 -10.03 12.90
C CYS A 22 8.31 -9.85 12.55
N VAL A 23 8.78 -10.59 11.55
CA VAL A 23 10.17 -10.43 11.11
C VAL A 23 10.28 -9.11 10.36
N VAL A 24 9.38 -8.89 9.41
CA VAL A 24 9.37 -7.64 8.66
C VAL A 24 8.47 -6.65 9.45
N PRO A 25 8.97 -5.45 9.76
CA PRO A 25 8.14 -4.49 10.50
C PRO A 25 6.88 -4.03 9.76
N PRO A 26 5.77 -3.83 10.50
CA PRO A 26 4.52 -3.39 9.91
C PRO A 26 4.65 -1.94 9.43
N ILE A 27 3.67 -1.50 8.66
CA ILE A 27 3.70 -0.13 8.16
C ILE A 27 2.83 0.69 9.10
N HIS A 28 3.45 1.59 9.85
CA HIS A 28 2.74 2.44 10.80
C HIS A 28 2.24 3.69 10.10
N LEU A 29 1.03 3.62 9.54
CA LEU A 29 0.47 4.75 8.81
C LEU A 29 -0.16 5.80 9.74
N SER A 30 -0.48 5.38 10.97
CA SER A 30 -1.13 6.26 11.95
C SER A 30 -0.48 7.66 12.07
N SER A 31 -1.31 8.69 11.92
CA SER A 31 -0.86 10.06 12.00
C SER A 31 -0.61 10.48 13.44
N THR A 32 -1.20 9.74 14.38
CA THR A 32 -1.03 10.05 15.79
C THR A 32 -0.89 8.84 16.71
N TYR A 33 -0.49 9.10 17.95
CA TYR A 33 -0.27 8.05 18.94
C TYR A 33 -0.88 8.39 20.28
N ASN A 34 -1.50 7.43 20.93
CA ASN A 34 -2.10 7.70 22.23
C ASN A 34 -1.03 7.88 23.30
N PHE A 35 -1.36 8.68 24.30
CA PHE A 35 -0.46 8.94 25.42
C PHE A 35 -0.53 7.78 26.39
N THR A 36 0.58 7.47 27.02
CA THR A 36 0.61 6.38 28.00
C THR A 36 -0.40 6.77 29.08
N GLY A 37 -0.34 8.04 29.49
CA GLY A 37 -1.25 8.57 30.50
C GLY A 37 -1.22 10.08 30.39
N PHE A 38 -1.97 10.77 31.24
CA PHE A 38 -1.99 12.23 31.19
C PHE A 38 -0.57 12.74 31.32
N ASN A 39 -0.20 13.67 30.44
CA ASN A 39 1.13 14.25 30.46
C ASN A 39 2.19 13.16 30.41
N GLU A 40 1.90 12.08 29.67
CA GLU A 40 2.86 11.00 29.54
C GLU A 40 2.76 10.41 28.14
N PRO A 41 3.34 11.10 27.14
CA PRO A 41 3.28 10.62 25.77
C PRO A 41 4.37 9.57 25.62
N ARG A 42 4.31 8.79 24.55
CA ARG A 42 5.32 7.79 24.29
C ARG A 42 6.39 8.45 23.40
N ALA A 43 7.33 7.65 22.90
CA ALA A 43 8.40 8.14 22.03
C ALA A 43 7.89 8.99 20.86
N HIS A 44 6.70 8.67 20.36
CA HIS A 44 6.12 9.42 19.25
C HIS A 44 4.77 10.00 19.68
N ASP A 45 4.42 11.19 19.18
CA ASP A 45 3.13 11.78 19.50
C ASP A 45 2.46 12.35 18.23
N TYR A 46 3.22 12.46 17.16
CA TYR A 46 2.66 12.94 15.91
C TYR A 46 3.58 12.55 14.75
N SER A 47 3.05 11.72 13.87
CA SER A 47 3.79 11.20 12.72
C SER A 47 4.66 12.18 11.92
N ARG A 48 4.20 13.42 11.75
CA ARG A 48 4.96 14.39 10.98
C ARG A 48 6.29 14.66 11.64
N ARG A 49 6.28 14.65 12.97
CA ARG A 49 7.48 14.89 13.76
C ARG A 49 8.33 13.62 13.95
N GLY A 50 7.66 12.50 14.22
CA GLY A 50 8.35 11.23 14.42
C GLY A 50 7.39 10.09 14.12
N ASN A 51 7.86 9.10 13.36
CA ASN A 51 7.06 7.94 12.96
C ASN A 51 7.96 6.70 13.15
N PRO A 52 7.41 5.59 13.69
CA PRO A 52 8.22 4.38 13.90
C PRO A 52 8.80 3.73 12.65
N THR A 53 8.04 3.75 11.55
CA THR A 53 8.53 3.17 10.31
C THR A 53 9.65 4.04 9.70
N ARG A 54 9.47 5.36 9.72
CA ARG A 54 10.50 6.27 9.21
C ARG A 54 11.77 6.11 10.06
N ASP A 55 11.60 5.84 11.36
CA ASP A 55 12.73 5.67 12.26
C ASP A 55 13.58 4.45 11.87
N VAL A 56 12.93 3.34 11.53
CA VAL A 56 13.66 2.14 11.16
C VAL A 56 14.50 2.37 9.91
N VAL A 57 13.92 2.98 8.87
CA VAL A 57 14.68 3.20 7.64
C VAL A 57 15.78 4.25 7.85
N GLN A 58 15.52 5.24 8.72
CA GLN A 58 16.52 6.26 9.00
C GLN A 58 17.73 5.57 9.64
N ARG A 59 17.49 4.68 10.60
CA ARG A 59 18.61 3.99 11.25
C ARG A 59 19.41 3.11 10.28
N ALA A 60 18.71 2.47 9.36
CA ALA A 60 19.34 1.60 8.36
C ALA A 60 20.22 2.43 7.42
N LEU A 61 19.70 3.58 6.97
CA LEU A 61 20.46 4.43 6.09
C LEU A 61 21.64 5.05 6.82
N ALA A 62 21.47 5.40 8.10
CA ALA A 62 22.58 5.98 8.86
C ALA A 62 23.69 4.94 9.01
N GLU A 63 23.29 3.69 9.30
CA GLU A 63 24.28 2.63 9.46
C GLU A 63 25.09 2.40 8.19
N LEU A 64 24.41 2.46 7.05
CA LEU A 64 25.06 2.23 5.75
C LEU A 64 26.10 3.29 5.39
N GLU A 65 25.93 4.51 5.91
CA GLU A 65 26.88 5.57 5.62
C GLU A 65 27.83 5.80 6.78
N GLY A 66 27.58 5.09 7.88
CA GLY A 66 28.42 5.22 9.06
C GLY A 66 28.14 6.48 9.84
N GLY A 67 26.94 7.04 9.70
CA GLY A 67 26.58 8.25 10.40
C GLY A 67 25.90 8.01 11.74
N ALA A 68 25.81 9.06 12.55
CA ALA A 68 25.17 8.93 13.86
C ALA A 68 23.68 8.71 13.68
N GLY A 69 23.07 9.38 12.71
CA GLY A 69 21.64 9.22 12.51
C GLY A 69 21.25 9.85 11.21
N ALA A 70 19.99 9.66 10.80
CA ALA A 70 19.51 10.19 9.55
C ALA A 70 18.12 10.81 9.62
N VAL A 71 17.83 11.73 8.69
CA VAL A 71 16.53 12.36 8.64
C VAL A 71 15.96 12.09 7.24
N LEU A 72 14.91 11.28 7.17
CA LEU A 72 14.29 10.98 5.88
C LEU A 72 13.32 12.08 5.47
N THR A 73 13.53 12.65 4.29
CA THR A 73 12.67 13.70 3.77
C THR A 73 11.77 13.18 2.64
N ASN A 74 10.78 13.95 2.23
CA ASN A 74 9.87 13.45 1.21
C ASN A 74 10.41 13.38 -0.21
N THR A 75 11.49 14.08 -0.51
CA THR A 75 12.15 14.01 -1.82
C THR A 75 13.62 14.35 -1.63
N GLY A 76 14.45 14.04 -2.61
CA GLY A 76 15.86 14.39 -2.51
C GLY A 76 15.99 15.90 -2.52
N MET A 77 15.17 16.56 -3.32
CA MET A 77 15.23 18.02 -3.39
C MET A 77 14.89 18.64 -2.03
N SER A 78 13.97 18.03 -1.28
CA SER A 78 13.62 18.61 0.01
C SER A 78 14.70 18.33 1.06
N ALA A 79 15.56 17.34 0.80
CA ALA A 79 16.66 17.06 1.72
C ALA A 79 17.70 18.18 1.48
N ILE A 80 17.85 18.57 0.22
CA ILE A 80 18.79 19.63 -0.14
C ILE A 80 18.27 20.95 0.41
N HIS A 81 16.96 21.17 0.32
CA HIS A 81 16.33 22.39 0.81
C HIS A 81 16.40 22.42 2.34
N LEU A 82 16.31 21.25 2.96
CA LEU A 82 16.38 21.14 4.43
C LEU A 82 17.76 21.59 4.90
N VAL A 83 18.80 21.05 4.28
CA VAL A 83 20.16 21.37 4.67
C VAL A 83 20.49 22.84 4.48
N THR A 84 20.09 23.42 3.36
CA THR A 84 20.34 24.84 3.10
C THR A 84 19.54 25.74 4.06
N THR A 85 18.32 25.32 4.38
CA THR A 85 17.45 26.07 5.30
C THR A 85 18.08 26.12 6.70
N VAL A 86 18.61 24.99 7.17
CA VAL A 86 19.22 24.89 8.49
C VAL A 86 20.49 25.73 8.65
N PHE A 87 21.36 25.68 7.64
CA PHE A 87 22.65 26.35 7.71
C PHE A 87 22.78 27.70 7.04
N LEU A 88 21.74 28.15 6.34
CA LEU A 88 21.82 29.44 5.64
C LEU A 88 20.66 30.40 5.87
N LYS A 89 20.99 31.67 6.10
CA LYS A 89 19.97 32.71 6.26
C LYS A 89 20.42 33.85 5.37
N PRO A 90 19.53 34.83 5.12
CA PRO A 90 19.94 35.94 4.26
C PRO A 90 21.32 36.49 4.60
N GLY A 91 22.16 36.62 3.59
CA GLY A 91 23.51 37.11 3.77
C GLY A 91 24.56 36.02 3.89
N ASP A 92 24.13 34.81 4.22
CA ASP A 92 25.07 33.72 4.35
C ASP A 92 25.41 33.22 2.96
N LEU A 93 26.57 32.61 2.84
CA LEU A 93 27.03 32.11 1.54
C LEU A 93 27.16 30.58 1.49
N LEU A 94 26.76 30.06 0.33
CA LEU A 94 26.81 28.63 0.01
C LEU A 94 27.74 28.51 -1.19
N VAL A 95 28.69 27.58 -1.12
CA VAL A 95 29.56 27.33 -2.27
C VAL A 95 29.09 25.96 -2.80
N ALA A 96 28.78 25.91 -4.10
CA ALA A 96 28.29 24.68 -4.71
C ALA A 96 29.10 24.33 -5.96
N PRO A 97 29.03 23.07 -6.44
CA PRO A 97 29.77 22.65 -7.62
C PRO A 97 29.23 23.30 -8.88
N HIS A 98 30.12 23.70 -9.77
CA HIS A 98 29.72 24.36 -11.00
C HIS A 98 28.93 23.41 -11.88
N ASP A 99 29.11 22.12 -11.65
CA ASP A 99 28.43 21.10 -12.46
C ASP A 99 27.46 20.23 -11.66
N CYS A 100 26.89 20.79 -10.59
CA CYS A 100 25.97 20.02 -9.76
C CYS A 100 24.63 19.72 -10.44
N TYR A 101 23.85 18.85 -9.81
CA TYR A 101 22.53 18.44 -10.28
C TYR A 101 21.71 19.65 -10.69
N GLY A 102 21.03 19.55 -11.83
CA GLY A 102 20.21 20.66 -12.30
C GLY A 102 19.19 21.15 -11.27
N GLY A 103 18.56 20.23 -10.55
CA GLY A 103 17.59 20.63 -9.55
C GLY A 103 18.24 21.48 -8.48
N SER A 104 19.40 21.04 -8.01
CA SER A 104 20.14 21.78 -7.00
C SER A 104 20.51 23.19 -7.47
N TYR A 105 21.06 23.31 -8.67
CA TYR A 105 21.44 24.62 -9.22
C TYR A 105 20.21 25.54 -9.27
N ARG A 106 19.14 25.03 -9.85
CA ARG A 106 17.90 25.80 -9.98
C ARG A 106 17.35 26.26 -8.62
N LEU A 107 17.42 25.40 -7.61
CA LEU A 107 16.92 25.79 -6.28
C LEU A 107 17.76 26.92 -5.68
N PHE A 108 19.08 26.78 -5.71
CA PHE A 108 19.96 27.78 -5.14
C PHE A 108 19.84 29.08 -5.91
N ASP A 109 19.86 28.99 -7.23
CA ASP A 109 19.75 30.18 -8.04
C ASP A 109 18.44 30.93 -7.78
N SER A 110 17.33 30.19 -7.77
CA SER A 110 16.03 30.80 -7.55
C SER A 110 15.93 31.53 -6.21
N LEU A 111 16.49 30.95 -5.16
CA LEU A 111 16.41 31.58 -3.85
C LEU A 111 17.43 32.69 -3.66
N ALA A 112 18.65 32.49 -4.16
CA ALA A 112 19.63 33.55 -4.03
C ALA A 112 19.14 34.79 -4.80
N LYS A 113 18.40 34.58 -5.88
CA LYS A 113 17.88 35.70 -6.66
C LYS A 113 16.82 36.47 -5.88
N ARG A 114 16.38 35.92 -4.76
CA ARG A 114 15.38 36.59 -3.91
C ARG A 114 16.03 37.14 -2.64
N GLY A 115 17.34 36.95 -2.51
CA GLY A 115 18.03 37.46 -1.34
C GLY A 115 18.04 36.52 -0.13
N CYS A 116 17.49 35.31 -0.29
CA CYS A 116 17.42 34.34 0.81
C CYS A 116 18.79 33.89 1.33
N TYR A 117 19.78 33.88 0.44
CA TYR A 117 21.17 33.55 0.78
C TYR A 117 21.99 33.78 -0.45
N ARG A 118 23.31 33.66 -0.31
CA ARG A 118 24.20 33.89 -1.45
C ARG A 118 24.75 32.55 -1.91
N VAL A 119 24.93 32.40 -3.22
CA VAL A 119 25.49 31.16 -3.74
C VAL A 119 26.67 31.44 -4.67
N LEU A 120 27.67 30.57 -4.60
CA LEU A 120 28.85 30.68 -5.42
C LEU A 120 29.07 29.30 -6.06
N PHE A 121 28.94 29.22 -7.39
CA PHE A 121 29.16 27.96 -8.10
C PHE A 121 30.64 27.96 -8.53
N VAL A 122 31.37 26.93 -8.15
CA VAL A 122 32.80 26.86 -8.43
C VAL A 122 33.24 25.49 -8.94
N ASP A 123 34.27 25.48 -9.78
CA ASP A 123 34.80 24.22 -10.27
C ASP A 123 35.68 23.80 -9.10
N GLN A 124 35.16 22.91 -8.27
CA GLN A 124 35.87 22.44 -7.10
C GLN A 124 37.13 21.61 -7.41
N GLY A 125 37.39 21.38 -8.70
CA GLY A 125 38.57 20.65 -9.10
C GLY A 125 39.74 21.62 -9.30
N ASP A 126 39.40 22.90 -9.42
CA ASP A 126 40.36 23.98 -9.60
C ASP A 126 40.74 24.52 -8.23
N GLU A 127 41.88 24.07 -7.70
CA GLU A 127 42.37 24.49 -6.38
C GLU A 127 42.32 26.00 -6.12
N GLN A 128 42.78 26.77 -7.10
CA GLN A 128 42.78 28.24 -7.00
C GLN A 128 41.35 28.77 -6.89
N ALA A 129 40.49 28.36 -7.81
CA ALA A 129 39.09 28.80 -7.80
C ALA A 129 38.46 28.41 -6.47
N LEU A 130 38.63 27.16 -6.08
CA LEU A 130 38.08 26.67 -4.82
C LEU A 130 38.59 27.46 -3.61
N ARG A 131 39.90 27.69 -3.57
CA ARG A 131 40.51 28.44 -2.46
C ARG A 131 39.88 29.82 -2.30
N ALA A 132 39.65 30.49 -3.43
CA ALA A 132 39.07 31.84 -3.43
C ALA A 132 37.62 31.84 -2.94
N ALA A 133 36.87 30.80 -3.29
CA ALA A 133 35.49 30.70 -2.87
C ALA A 133 35.45 30.49 -1.35
N LEU A 134 36.29 29.58 -0.85
CA LEU A 134 36.33 29.31 0.59
C LEU A 134 36.83 30.52 1.39
N ALA A 135 37.60 31.41 0.75
CA ALA A 135 38.11 32.61 1.40
C ALA A 135 36.94 33.56 1.68
N GLU A 136 35.85 33.40 0.95
CA GLU A 136 34.66 34.23 1.12
C GLU A 136 33.91 33.78 2.37
N LYS A 137 34.45 32.74 3.01
CA LYS A 137 33.89 32.19 4.24
C LYS A 137 32.44 31.74 4.17
N PRO A 138 32.15 30.70 3.38
CA PRO A 138 30.78 30.21 3.27
C PRO A 138 30.39 29.45 4.53
N LYS A 139 29.09 29.34 4.76
CA LYS A 139 28.58 28.63 5.92
C LYS A 139 28.40 27.16 5.58
N LEU A 140 28.25 26.87 4.29
CA LEU A 140 28.01 25.52 3.82
C LEU A 140 28.68 25.27 2.48
N VAL A 141 29.20 24.07 2.28
CA VAL A 141 29.84 23.71 1.01
C VAL A 141 29.25 22.42 0.50
N LEU A 142 28.62 22.45 -0.67
CA LEU A 142 28.04 21.25 -1.22
C LEU A 142 29.06 20.62 -2.19
N VAL A 143 29.22 19.30 -2.09
CA VAL A 143 30.12 18.54 -2.96
C VAL A 143 29.26 17.45 -3.63
N GLU A 144 29.40 17.28 -4.95
CA GLU A 144 28.65 16.25 -5.68
C GLU A 144 29.57 15.51 -6.66
N SER A 145 29.93 14.27 -6.30
CA SER A 145 30.86 13.47 -7.11
C SER A 145 30.52 11.97 -7.06
N PRO A 146 30.49 11.30 -8.23
CA PRO A 146 30.74 11.86 -9.57
C PRO A 146 29.63 12.78 -10.01
N SER A 147 29.92 13.63 -10.99
CA SER A 147 28.95 14.58 -11.52
C SER A 147 28.20 14.01 -12.72
N ASN A 148 27.08 14.63 -13.07
CA ASN A 148 26.25 14.21 -14.17
C ASN A 148 26.28 15.28 -15.26
N PRO A 149 26.33 14.88 -16.55
CA PRO A 149 26.37 13.52 -17.10
C PRO A 149 27.77 13.04 -17.55
N LEU A 150 28.82 13.76 -17.20
CA LEU A 150 30.17 13.38 -17.62
C LEU A 150 30.92 12.50 -16.61
N LEU A 151 30.29 12.26 -15.46
CA LEU A 151 30.88 11.44 -14.42
C LEU A 151 32.25 11.93 -13.95
N ARG A 152 32.40 13.25 -13.93
CA ARG A 152 33.64 13.87 -13.48
C ARG A 152 33.78 13.70 -11.95
N VAL A 153 34.98 13.41 -11.47
CA VAL A 153 35.19 13.20 -10.04
C VAL A 153 36.13 14.22 -9.38
N VAL A 154 35.80 14.67 -8.17
CA VAL A 154 36.62 15.62 -7.41
C VAL A 154 37.01 14.98 -6.06
N ASP A 155 38.12 15.43 -5.49
CA ASP A 155 38.63 14.88 -4.23
C ASP A 155 37.79 15.27 -3.02
N ILE A 156 36.91 14.38 -2.61
CA ILE A 156 36.03 14.67 -1.49
C ILE A 156 36.77 14.96 -0.19
N ALA A 157 37.73 14.11 0.17
CA ALA A 157 38.48 14.33 1.39
C ALA A 157 39.14 15.71 1.40
N LYS A 158 39.76 16.09 0.29
CA LYS A 158 40.43 17.38 0.24
C LYS A 158 39.47 18.58 0.34
N ILE A 159 38.34 18.50 -0.36
CA ILE A 159 37.38 19.58 -0.31
C ILE A 159 36.78 19.74 1.09
N CYS A 160 36.45 18.63 1.73
CA CYS A 160 35.85 18.66 3.07
C CYS A 160 36.84 19.20 4.09
N HIS A 161 38.12 18.92 3.89
CA HIS A 161 39.15 19.40 4.80
C HIS A 161 39.29 20.91 4.65
N LEU A 162 39.40 21.39 3.41
CA LEU A 162 39.54 22.82 3.17
C LEU A 162 38.29 23.55 3.68
N ALA A 163 37.14 22.90 3.60
CA ALA A 163 35.90 23.51 4.08
C ALA A 163 35.98 23.63 5.59
N ARG A 164 36.35 22.54 6.25
CA ARG A 164 36.48 22.53 7.71
C ARG A 164 37.47 23.60 8.19
N GLU A 165 38.51 23.83 7.39
CA GLU A 165 39.54 24.82 7.70
C GLU A 165 38.97 26.22 7.86
N VAL A 166 38.00 26.59 7.04
CA VAL A 166 37.38 27.90 7.13
C VAL A 166 36.06 27.83 7.91
N GLY A 167 35.83 26.74 8.62
CA GLY A 167 34.62 26.60 9.41
C GLY A 167 33.30 26.40 8.69
N ALA A 168 33.34 26.00 7.42
CA ALA A 168 32.10 25.73 6.67
C ALA A 168 31.65 24.28 6.87
N VAL A 169 30.33 24.06 6.95
CA VAL A 169 29.81 22.71 7.09
C VAL A 169 29.85 22.11 5.69
N SER A 170 30.25 20.84 5.57
CA SER A 170 30.31 20.19 4.25
C SER A 170 29.21 19.15 4.10
N VAL A 171 28.56 19.16 2.93
CA VAL A 171 27.52 18.20 2.64
C VAL A 171 27.80 17.59 1.26
N VAL A 172 27.80 16.28 1.21
CA VAL A 172 28.08 15.55 -0.02
C VAL A 172 26.84 14.85 -0.57
N ASP A 173 26.49 15.14 -1.82
CA ASP A 173 25.35 14.49 -2.47
C ASP A 173 25.93 13.19 -3.05
N ASN A 174 25.69 12.08 -2.35
CA ASN A 174 26.21 10.77 -2.72
C ASN A 174 25.23 9.91 -3.50
N THR A 175 24.26 10.56 -4.13
CA THR A 175 23.25 9.82 -4.90
C THR A 175 23.79 8.89 -5.99
N PHE A 176 24.69 9.39 -6.84
CA PHE A 176 25.22 8.62 -7.97
C PHE A 176 25.89 7.29 -7.67
N LEU A 177 26.57 7.17 -6.54
CA LEU A 177 27.25 5.91 -6.20
C LEU A 177 26.57 5.09 -5.08
N SER A 178 25.79 5.76 -4.24
CA SER A 178 25.08 5.13 -3.10
C SER A 178 26.10 4.75 -2.04
N PRO A 179 25.63 4.48 -0.82
CA PRO A 179 26.56 4.11 0.25
C PRO A 179 27.33 2.81 -0.08
N ALA A 180 26.81 2.02 -1.02
CA ALA A 180 27.49 0.77 -1.35
C ALA A 180 28.79 0.95 -2.13
N LEU A 181 28.97 2.10 -2.79
CA LEU A 181 30.18 2.33 -3.58
C LEU A 181 30.99 3.57 -3.20
N GLN A 182 30.54 4.32 -2.19
CA GLN A 182 31.25 5.50 -1.69
C GLN A 182 30.67 5.91 -0.33
N ASN A 183 31.54 6.28 0.61
CA ASN A 183 31.12 6.70 1.95
C ASN A 183 31.73 8.05 2.33
N PRO A 184 31.10 9.17 1.90
CA PRO A 184 31.64 10.50 2.21
C PRO A 184 31.97 10.82 3.68
N LEU A 185 31.22 10.28 4.64
CA LEU A 185 31.55 10.61 6.03
C LEU A 185 32.93 10.04 6.34
N ALA A 186 33.22 8.86 5.81
CA ALA A 186 34.52 8.24 6.03
C ALA A 186 35.59 9.04 5.32
N LEU A 187 35.17 9.96 4.45
CA LEU A 187 36.09 10.81 3.72
C LEU A 187 36.23 12.19 4.35
N GLY A 188 35.56 12.42 5.47
CA GLY A 188 35.67 13.70 6.16
C GLY A 188 34.48 14.65 6.16
N ALA A 189 33.41 14.31 5.43
CA ALA A 189 32.22 15.14 5.36
C ALA A 189 31.42 15.18 6.65
N ASP A 190 30.76 16.30 6.88
CA ASP A 190 29.91 16.46 8.05
C ASP A 190 28.58 15.77 7.75
N LEU A 191 28.13 15.91 6.51
CA LEU A 191 26.85 15.38 6.08
C LEU A 191 26.92 14.73 4.71
N VAL A 192 26.02 13.77 4.50
CA VAL A 192 25.91 13.12 3.22
C VAL A 192 24.40 12.99 2.98
N LEU A 193 23.96 13.35 1.78
CA LEU A 193 22.55 13.24 1.46
C LEU A 193 22.35 12.44 0.18
N HIS A 194 21.14 11.91 0.02
CA HIS A 194 20.81 11.13 -1.17
C HIS A 194 19.41 11.40 -1.61
N SER A 195 19.17 11.20 -2.89
CA SER A 195 17.83 11.24 -3.42
C SER A 195 17.58 9.73 -3.34
N CYS A 196 16.74 9.30 -2.40
CA CYS A 196 16.44 7.87 -2.23
C CYS A 196 15.60 7.33 -3.39
N THR A 197 15.09 8.26 -4.19
CA THR A 197 14.29 7.99 -5.39
C THR A 197 15.08 7.21 -6.44
N TYR A 199 19.00 4.99 -6.55
CA TYR A 199 19.55 3.70 -6.17
C TYR A 199 19.10 3.10 -4.86
N LEU A 200 18.93 3.93 -3.84
CA LEU A 200 18.56 3.40 -2.53
C LEU A 200 17.27 2.60 -2.59
N ASN A 201 16.24 3.16 -3.21
CA ASN A 201 14.98 2.44 -3.35
C ASN A 201 15.19 1.39 -4.43
N GLY A 202 15.79 1.84 -5.55
CA GLY A 202 16.12 0.97 -6.68
C GLY A 202 14.99 0.42 -7.52
N HIS A 203 13.74 0.71 -7.18
CA HIS A 203 12.61 0.16 -7.92
C HIS A 203 11.66 1.16 -8.59
N SER A 204 12.13 2.39 -8.72
CA SER A 204 11.37 3.46 -9.36
C SER A 204 9.91 3.62 -8.97
N ASP A 205 9.60 3.46 -7.67
CA ASP A 205 8.21 3.59 -7.21
C ASP A 205 8.13 4.27 -5.84
N VAL A 206 9.19 5.00 -5.50
CA VAL A 206 9.26 5.72 -4.23
C VAL A 206 10.00 7.03 -4.51
N VAL A 207 9.52 8.11 -3.94
CA VAL A 207 10.20 9.38 -4.09
C VAL A 207 10.54 9.78 -2.64
N ALA A 208 11.83 9.92 -2.32
CA ALA A 208 12.27 10.28 -0.97
C ALA A 208 13.69 10.78 -0.96
N GLY A 209 14.06 11.49 0.10
CA GLY A 209 15.40 12.01 0.24
C GLY A 209 15.88 11.70 1.64
N VAL A 210 17.17 11.85 1.91
CA VAL A 210 17.68 11.61 3.24
C VAL A 210 18.94 12.42 3.49
N VAL A 211 19.13 12.82 4.74
CA VAL A 211 20.32 13.57 5.14
C VAL A 211 20.88 12.77 6.32
N ILE A 212 22.15 12.37 6.21
CA ILE A 212 22.79 11.60 7.26
C ILE A 212 23.91 12.43 7.84
N ALA A 213 24.04 12.42 9.16
CA ALA A 213 25.05 13.25 9.79
C ALA A 213 25.95 12.47 10.68
N LYS A 214 27.21 12.90 10.76
CA LYS A 214 28.20 12.26 11.62
C LYS A 214 27.99 12.68 13.07
N ASP A 215 27.55 13.93 13.28
CA ASP A 215 27.32 14.49 14.62
C ASP A 215 25.86 14.32 15.07
N PRO A 216 25.62 13.61 16.17
CA PRO A 216 24.23 13.44 16.64
C PRO A 216 23.50 14.74 16.97
N ASP A 217 24.22 15.78 17.37
CA ASP A 217 23.52 17.02 17.67
C ASP A 217 23.03 17.65 16.38
N VAL A 218 23.76 17.42 15.28
CA VAL A 218 23.36 17.94 13.98
C VAL A 218 22.14 17.13 13.52
N VAL A 219 22.09 15.84 13.85
CA VAL A 219 20.94 15.03 13.48
C VAL A 219 19.70 15.66 14.13
N THR A 220 19.78 15.93 15.43
CA THR A 220 18.66 16.52 16.16
C THR A 220 18.23 17.88 15.57
N GLU A 221 19.19 18.69 15.18
CA GLU A 221 18.88 20.00 14.60
C GLU A 221 18.13 19.81 13.28
N LEU A 222 18.63 18.90 12.45
CA LEU A 222 18.02 18.60 11.16
C LEU A 222 16.59 18.07 11.34
N ALA A 223 16.41 17.20 12.33
CA ALA A 223 15.11 16.61 12.59
C ALA A 223 14.16 17.71 13.04
N TRP A 224 14.68 18.62 13.85
CA TRP A 224 13.87 19.71 14.35
C TRP A 224 13.37 20.55 13.18
N TRP A 225 14.28 20.95 12.31
CA TRP A 225 13.90 21.76 11.15
C TRP A 225 13.02 21.03 10.13
N ALA A 226 13.22 19.72 9.97
CA ALA A 226 12.42 18.95 9.01
C ALA A 226 10.96 18.99 9.44
N ASN A 227 10.74 18.91 10.74
CA ASN A 227 9.39 18.97 11.28
C ASN A 227 8.86 20.39 11.16
N ASN A 228 9.70 21.36 11.49
CA ASN A 228 9.32 22.76 11.44
C ASN A 228 8.82 23.21 10.07
N ILE A 229 9.53 22.87 9.00
CA ILE A 229 9.08 23.27 7.66
C ILE A 229 8.24 22.20 6.97
N GLY A 230 8.05 21.07 7.63
CA GLY A 230 7.22 19.98 7.10
C GLY A 230 7.73 19.10 5.96
N VAL A 231 9.01 18.78 5.92
CA VAL A 231 9.57 17.96 4.86
C VAL A 231 9.90 16.50 5.20
N THR A 232 9.41 16.01 6.33
CA THR A 232 9.69 14.62 6.70
C THR A 232 9.02 13.69 5.70
N GLY A 233 9.63 12.52 5.47
CA GLY A 233 9.07 11.56 4.52
C GLY A 233 7.95 10.70 5.05
N GLY A 234 7.10 10.22 4.15
CA GLY A 234 5.95 9.40 4.54
C GLY A 234 6.26 8.01 5.05
N ALA A 235 5.32 7.42 5.80
CA ALA A 235 5.48 6.08 6.37
C ALA A 235 5.48 4.99 5.28
N PHE A 236 4.56 5.10 4.33
CA PHE A 236 4.49 4.08 3.28
C PHE A 236 5.75 4.10 2.43
N ASP A 237 6.22 5.30 2.06
CA ASP A 237 7.43 5.43 1.25
C ASP A 237 8.58 4.87 2.07
N SER A 238 8.56 5.12 3.38
CA SER A 238 9.60 4.61 4.29
C SER A 238 9.69 3.10 4.19
N TYR A 239 8.52 2.45 4.19
CA TYR A 239 8.45 1.01 4.12
C TYR A 239 9.02 0.45 2.82
N LEU A 240 8.54 0.98 1.70
CA LEU A 240 8.99 0.54 0.38
C LEU A 240 10.48 0.85 0.17
N LEU A 241 10.95 1.96 0.73
CA LEU A 241 12.37 2.32 0.60
C LEU A 241 13.19 1.28 1.34
N LEU A 242 12.73 0.89 2.54
CA LEU A 242 13.43 -0.11 3.33
C LEU A 242 13.45 -1.43 2.56
N ARG A 243 12.33 -1.76 1.92
CA ARG A 243 12.24 -2.99 1.14
C ARG A 243 13.24 -2.96 -0.01
N GLY A 244 13.33 -1.81 -0.68
CA GLY A 244 14.27 -1.67 -1.79
C GLY A 244 15.71 -1.77 -1.30
N LEU A 245 15.97 -1.22 -0.12
CA LEU A 245 17.30 -1.25 0.47
C LEU A 245 17.85 -2.65 0.65
N ARG A 246 16.97 -3.60 1.00
CA ARG A 246 17.39 -4.98 1.25
C ARG A 246 18.28 -5.56 0.16
N THR A 247 18.06 -5.17 -1.08
CA THR A 247 18.87 -5.69 -2.18
C THR A 247 19.87 -4.67 -2.72
N LEU A 248 20.12 -3.59 -1.98
CA LEU A 248 21.06 -2.57 -2.46
C LEU A 248 22.42 -3.08 -2.92
N VAL A 249 23.09 -3.86 -2.08
CA VAL A 249 24.42 -4.34 -2.43
C VAL A 249 24.45 -5.19 -3.72
N PRO A 250 23.70 -6.31 -3.77
CA PRO A 250 23.73 -7.09 -5.01
C PRO A 250 23.26 -6.29 -6.22
N ARG A 251 22.35 -5.34 -6.03
CA ARG A 251 21.90 -4.54 -7.17
C ARG A 251 23.05 -3.67 -7.69
N MET A 252 23.75 -2.99 -6.78
CA MET A 252 24.85 -2.10 -7.18
C MET A 252 26.00 -2.85 -7.80
N GLU A 253 26.34 -4.02 -7.25
CA GLU A 253 27.45 -4.81 -7.80
C GLU A 253 27.16 -5.35 -9.19
N LEU A 254 25.93 -5.81 -9.43
CA LEU A 254 25.58 -6.36 -10.74
C LEU A 254 25.42 -5.24 -11.77
N ALA A 255 24.79 -4.15 -11.36
CA ALA A 255 24.59 -2.99 -12.25
C ALA A 255 25.96 -2.46 -12.65
N GLN A 256 26.88 -2.40 -11.68
CA GLN A 256 28.24 -1.92 -11.92
C GLN A 256 28.99 -2.88 -12.83
N ARG A 257 28.83 -4.17 -12.57
CA ARG A 257 29.47 -5.18 -13.37
C ARG A 257 28.95 -5.03 -14.79
N ASN A 258 27.64 -4.81 -14.94
CA ASN A 258 27.06 -4.65 -16.27
C ASN A 258 27.61 -3.39 -16.95
N ALA A 259 27.74 -2.31 -16.19
CA ALA A 259 28.24 -1.05 -16.72
C ALA A 259 29.68 -1.20 -17.23
N GLN A 260 30.49 -1.99 -16.51
CA GLN A 260 31.88 -2.22 -16.90
C GLN A 260 31.89 -2.99 -18.21
N ALA A 261 30.98 -3.95 -18.33
CA ALA A 261 30.88 -4.76 -19.54
C ALA A 261 30.46 -3.87 -20.72
N ILE A 262 29.53 -2.95 -20.48
CA ILE A 262 29.06 -2.05 -21.53
C ILE A 262 30.17 -1.06 -21.91
N VAL A 263 30.92 -0.61 -20.91
CA VAL A 263 32.02 0.33 -21.12
C VAL A 263 33.07 -0.33 -22.02
N LYS A 264 33.44 -1.57 -21.69
CA LYS A 264 34.40 -2.33 -22.48
C LYS A 264 33.91 -2.48 -23.93
N TYR A 265 32.64 -2.84 -24.11
CA TYR A 265 32.12 -3.00 -25.46
C TYR A 265 32.11 -1.67 -26.22
N LEU A 266 31.78 -0.58 -25.54
CA LEU A 266 31.72 0.74 -26.20
C LEU A 266 33.09 1.26 -26.59
N GLN A 267 34.14 0.80 -25.91
CA GLN A 267 35.49 1.22 -26.24
C GLN A 267 35.87 0.70 -27.63
N THR A 268 35.14 -0.28 -28.13
CA THR A 268 35.44 -0.87 -29.43
C THR A 268 34.53 -0.36 -30.52
N GLN A 269 33.57 0.50 -30.17
CA GLN A 269 32.64 0.98 -31.17
C GLN A 269 33.10 2.22 -31.93
N PRO A 270 33.13 2.14 -33.26
CA PRO A 270 33.54 3.26 -34.11
C PRO A 270 32.63 4.48 -33.96
N LEU A 271 31.32 4.25 -33.83
CA LEU A 271 30.37 5.34 -33.71
C LEU A 271 30.38 6.01 -32.34
N VAL A 272 31.20 5.50 -31.44
CA VAL A 272 31.32 6.09 -30.11
C VAL A 272 32.47 7.09 -30.19
N LYS A 273 32.11 8.36 -30.38
CA LYS A 273 33.07 9.44 -30.51
C LYS A 273 33.83 9.75 -29.21
N LYS A 274 33.13 9.63 -28.08
CA LYS A 274 33.73 9.88 -26.76
C LYS A 274 33.00 9.02 -25.73
N LEU A 275 33.73 8.49 -24.76
CA LEU A 275 33.14 7.63 -23.74
C LEU A 275 33.48 8.16 -22.35
N TYR A 276 32.50 8.11 -21.43
CA TYR A 276 32.69 8.59 -20.05
C TYR A 276 32.28 7.58 -18.97
N HIS A 277 33.19 7.36 -18.03
CA HIS A 277 32.98 6.46 -16.90
C HIS A 277 34.17 6.62 -15.97
N PRO A 278 33.93 6.68 -14.65
CA PRO A 278 35.05 6.84 -13.72
C PRO A 278 36.22 5.86 -13.85
N SER A 279 35.95 4.63 -14.28
CA SER A 279 36.99 3.60 -14.43
C SER A 279 38.03 3.89 -15.53
N LEU A 280 37.65 4.73 -16.50
CA LEU A 280 38.54 5.05 -17.61
C LEU A 280 39.65 5.93 -17.12
N PRO A 281 40.91 5.49 -17.28
CA PRO A 281 42.10 6.24 -16.87
C PRO A 281 42.10 7.68 -17.37
N GLU A 282 41.42 7.92 -18.49
CA GLU A 282 41.33 9.24 -19.09
C GLU A 282 40.14 10.09 -18.62
N ASN A 283 39.28 9.51 -17.78
CA ASN A 283 38.12 10.24 -17.27
C ASN A 283 38.58 11.25 -16.23
N GLN A 284 38.00 12.44 -16.27
CA GLN A 284 38.37 13.51 -15.34
C GLN A 284 38.25 13.09 -13.87
N GLY A 285 39.40 12.96 -13.22
CA GLY A 285 39.44 12.58 -11.82
C GLY A 285 39.52 11.08 -11.55
N HIS A 286 39.82 10.29 -12.58
CA HIS A 286 39.91 8.84 -12.42
C HIS A 286 40.80 8.41 -11.25
N GLU A 287 41.97 9.02 -11.12
CA GLU A 287 42.90 8.69 -10.05
C GLU A 287 42.23 8.87 -8.70
N ILE A 288 41.50 9.96 -8.55
CA ILE A 288 40.78 10.26 -7.32
C ILE A 288 39.70 9.21 -7.11
N ALA A 289 38.96 8.88 -8.16
CA ALA A 289 37.89 7.89 -8.07
C ALA A 289 38.45 6.55 -7.58
N ALA A 290 39.57 6.14 -8.18
CA ALA A 290 40.20 4.88 -7.82
C ALA A 290 40.54 4.85 -6.32
N ARG A 291 40.83 6.03 -5.78
CA ARG A 291 41.22 6.19 -4.40
C ARG A 291 40.08 6.34 -3.38
N GLN A 292 39.08 7.15 -3.70
CA GLN A 292 37.97 7.40 -2.77
C GLN A 292 36.71 6.58 -2.95
N GLN A 293 36.56 5.88 -4.08
CA GLN A 293 35.37 5.08 -4.31
C GLN A 293 35.63 3.60 -4.04
N LYS A 294 34.57 2.86 -3.72
CA LYS A 294 34.70 1.44 -3.47
C LYS A 294 34.38 0.71 -4.79
N GLY A 295 33.93 1.48 -5.78
CA GLY A 295 33.61 0.95 -7.09
C GLY A 295 33.48 2.12 -8.04
N PHE A 296 33.57 1.87 -9.35
CA PHE A 296 33.48 2.95 -10.32
C PHE A 296 32.07 3.34 -10.74
N GLY A 297 31.06 2.59 -10.30
CA GLY A 297 29.69 2.94 -10.61
C GLY A 297 29.00 2.33 -11.83
N ALA A 298 27.67 2.46 -11.86
CA ALA A 298 26.84 1.90 -12.92
C ALA A 298 26.34 2.96 -13.92
N MET A 299 26.76 4.20 -13.72
CA MET A 299 26.36 5.28 -14.60
C MET A 299 27.47 5.50 -15.62
N LEU A 300 27.09 5.76 -16.86
CA LEU A 300 28.07 5.99 -17.92
C LEU A 300 27.43 6.87 -18.98
N SER A 301 28.23 7.38 -19.90
CA SER A 301 27.67 8.19 -20.98
C SER A 301 28.65 8.20 -22.13
N PHE A 302 28.15 8.43 -23.34
CA PHE A 302 29.04 8.44 -24.49
C PHE A 302 28.50 9.38 -25.55
N GLU A 303 29.38 9.79 -26.46
CA GLU A 303 29.01 10.71 -27.54
C GLU A 303 28.92 9.95 -28.84
N LEU A 304 27.73 9.96 -29.43
CA LEU A 304 27.51 9.27 -30.69
C LEU A 304 28.04 10.08 -31.85
N ASP A 305 28.76 9.43 -32.75
CA ASP A 305 29.32 10.11 -33.91
C ASP A 305 28.28 10.23 -35.00
N GLY A 306 27.85 11.46 -35.26
CA GLY A 306 26.86 11.72 -36.27
C GLY A 306 26.02 12.94 -35.92
N ASP A 307 24.78 12.97 -36.40
CA ASP A 307 23.89 14.08 -36.14
C ASP A 307 22.63 13.66 -35.40
N GLU A 308 21.63 14.54 -35.38
CA GLU A 308 20.39 14.26 -34.71
C GLU A 308 19.65 13.07 -35.28
N GLN A 309 19.76 12.88 -36.59
CA GLN A 309 19.08 11.74 -37.19
C GLN A 309 19.85 10.45 -36.92
N THR A 310 21.17 10.55 -36.78
CA THR A 310 21.98 9.37 -36.48
C THR A 310 21.59 8.96 -35.06
N LEU A 311 21.37 9.96 -34.21
CA LEU A 311 20.97 9.73 -32.83
C LEU A 311 19.56 9.12 -32.75
N ARG A 312 18.62 9.70 -33.52
CA ARG A 312 17.24 9.20 -33.55
C ARG A 312 17.23 7.77 -34.06
N ARG A 313 18.14 7.48 -34.99
CA ARG A 313 18.27 6.15 -35.59
C ARG A 313 18.81 5.18 -34.56
N PHE A 314 19.81 5.64 -33.81
CA PHE A 314 20.40 4.82 -32.77
C PHE A 314 19.32 4.45 -31.76
N LEU A 315 18.67 5.46 -31.21
CA LEU A 315 17.61 5.26 -30.23
C LEU A 315 16.52 4.32 -30.77
N GLY A 316 16.01 4.61 -31.97
CA GLY A 316 14.96 3.78 -32.55
C GLY A 316 15.32 2.31 -32.66
N GLY A 317 16.61 2.00 -32.54
CA GLY A 317 17.06 0.63 -32.64
C GLY A 317 17.15 -0.11 -31.31
N LEU A 318 16.86 0.57 -30.22
CA LEU A 318 16.92 -0.04 -28.90
C LEU A 318 15.56 -0.55 -28.45
N SER A 319 15.57 -1.51 -27.51
CA SER A 319 14.33 -2.05 -26.96
C SER A 319 14.48 -2.49 -25.49
N LEU A 320 15.71 -2.53 -24.99
CA LEU A 320 15.96 -2.92 -23.61
C LEU A 320 16.35 -1.71 -22.76
N PHE A 321 16.39 -0.53 -23.38
CA PHE A 321 16.72 0.70 -22.66
C PHE A 321 15.50 1.59 -22.81
N THR A 322 15.01 2.13 -21.70
CA THR A 322 13.85 2.99 -21.79
C THR A 322 14.32 4.42 -21.80
N LEU A 323 13.73 5.19 -22.72
CA LEU A 323 14.05 6.60 -22.87
C LEU A 323 13.27 7.31 -21.79
N ALA A 324 13.95 7.73 -20.74
CA ALA A 324 13.24 8.39 -19.68
C ALA A 324 14.21 9.07 -18.74
N GLU A 325 13.65 9.90 -17.88
CA GLU A 325 14.40 10.64 -16.88
C GLU A 325 14.69 9.72 -15.68
N SER A 326 15.59 10.19 -14.82
CA SER A 326 15.97 9.46 -13.62
C SER A 326 17.02 8.38 -13.85
N LEU A 327 17.35 7.69 -12.76
CA LEU A 327 18.39 6.67 -12.78
C LEU A 327 18.28 5.87 -11.50
N GLY A 328 19.11 4.84 -11.38
CA GLY A 328 19.15 4.03 -10.17
C GLY A 328 18.25 2.82 -10.05
N GLY A 329 17.26 2.70 -10.94
CA GLY A 329 16.36 1.58 -10.86
C GLY A 329 16.98 0.30 -11.39
N VAL A 330 16.29 -0.82 -11.15
CA VAL A 330 16.76 -2.11 -11.63
C VAL A 330 16.74 -2.16 -13.18
N GLU A 331 15.89 -1.35 -13.81
CA GLU A 331 15.78 -1.37 -15.26
C GLU A 331 16.72 -0.36 -15.91
N SER A 332 17.29 -0.72 -17.05
CA SER A 332 18.20 0.15 -17.79
C SER A 332 17.45 1.31 -18.46
N LEU A 333 17.96 2.52 -18.27
CA LEU A 333 17.38 3.74 -18.85
C LEU A 333 18.44 4.45 -19.67
N ILE A 334 18.00 5.26 -20.61
CA ILE A 334 18.92 6.04 -21.43
C ILE A 334 18.30 7.43 -21.54
N SER A 335 19.13 8.46 -21.60
CA SER A 335 18.63 9.82 -21.75
C SER A 335 19.56 10.62 -22.64
N HIS A 336 18.99 11.63 -23.29
CA HIS A 336 19.73 12.50 -24.16
C HIS A 336 19.88 13.79 -23.37
N ALA A 337 21.09 14.09 -22.91
CA ALA A 337 21.28 15.30 -22.11
C ALA A 337 20.70 16.59 -22.71
N ALA A 338 21.07 16.90 -23.94
CA ALA A 338 20.61 18.12 -24.58
C ALA A 338 19.11 18.33 -24.59
N THR A 339 18.33 17.26 -24.55
CA THR A 339 16.87 17.43 -24.56
C THR A 339 16.19 16.90 -23.30
N MET A 340 16.96 16.39 -22.36
CA MET A 340 16.32 15.85 -21.15
C MET A 340 16.88 16.42 -19.86
N THR A 341 18.03 15.91 -19.42
CA THR A 341 18.64 16.38 -18.18
C THR A 341 19.17 17.82 -18.26
N HIS A 342 19.71 18.22 -19.41
CA HIS A 342 20.25 19.58 -19.56
C HIS A 342 19.56 20.44 -20.60
N ALA A 343 18.28 20.18 -20.82
CA ALA A 343 17.51 20.94 -21.78
C ALA A 343 17.28 22.34 -21.21
N GLY A 344 17.36 22.44 -19.89
CA GLY A 344 17.16 23.71 -19.24
C GLY A 344 18.45 24.50 -19.18
N MET A 345 19.44 24.05 -19.93
CA MET A 345 20.73 24.71 -19.96
C MET A 345 20.98 25.32 -21.34
N ALA A 346 21.47 26.56 -21.36
CA ALA A 346 21.74 27.26 -22.60
C ALA A 346 22.60 26.42 -23.54
N PRO A 347 22.20 26.32 -24.81
CA PRO A 347 22.94 25.55 -25.81
C PRO A 347 24.43 25.85 -25.76
N GLU A 348 24.75 27.14 -25.80
CA GLU A 348 26.15 27.57 -25.75
C GLU A 348 26.75 27.12 -24.43
N ALA A 349 25.94 27.18 -23.37
CA ALA A 349 26.37 26.77 -22.05
C ALA A 349 26.72 25.28 -22.02
N ARG A 350 25.83 24.44 -22.55
CA ARG A 350 26.06 23.00 -22.60
C ARG A 350 27.40 22.76 -23.25
N ALA A 351 27.59 23.35 -24.42
CA ALA A 351 28.85 23.20 -25.12
C ALA A 351 29.91 23.76 -24.20
N ALA A 352 29.57 24.81 -23.47
CA ALA A 352 30.51 25.43 -22.55
C ALA A 352 30.76 24.50 -21.38
N ALA A 353 29.82 23.59 -21.13
CA ALA A 353 29.91 22.64 -20.04
C ALA A 353 30.47 21.29 -20.51
N GLY A 354 30.77 21.19 -21.80
CA GLY A 354 31.31 19.96 -22.34
C GLY A 354 30.26 18.88 -22.57
N ILE A 355 29.01 19.31 -22.73
CA ILE A 355 27.90 18.40 -22.95
C ILE A 355 27.57 18.49 -24.43
N SER A 356 27.95 17.46 -25.19
CA SER A 356 27.69 17.40 -26.62
C SER A 356 26.21 17.24 -26.96
N GLU A 357 25.81 17.69 -28.14
CA GLU A 357 24.41 17.56 -28.55
C GLU A 357 24.05 16.13 -28.88
N THR A 358 25.05 15.25 -28.90
CA THR A 358 24.82 13.83 -29.20
C THR A 358 25.26 12.94 -28.02
N LEU A 359 25.33 13.53 -26.83
CA LEU A 359 25.70 12.78 -25.63
C LEU A 359 24.50 12.03 -25.09
N LEU A 360 24.68 10.73 -24.85
CA LEU A 360 23.65 9.87 -24.30
C LEU A 360 24.19 9.30 -22.98
N ARG A 361 23.34 9.30 -21.95
CA ARG A 361 23.74 8.79 -20.65
C ARG A 361 22.95 7.53 -20.37
N ILE A 362 23.63 6.54 -19.80
CA ILE A 362 22.99 5.29 -19.47
C ILE A 362 23.08 4.98 -17.99
N SER A 363 21.91 4.66 -17.43
CA SER A 363 21.80 4.25 -16.04
C SER A 363 21.65 2.74 -16.25
N THR A 364 22.73 1.99 -16.02
CA THR A 364 22.74 0.56 -16.23
C THR A 364 21.89 -0.21 -15.21
N GLY A 365 21.08 -1.13 -15.71
CA GLY A 365 20.22 -1.94 -14.86
C GLY A 365 20.84 -3.30 -14.60
N ILE A 366 20.04 -4.23 -14.08
CA ILE A 366 20.54 -5.55 -13.79
C ILE A 366 20.02 -6.62 -14.74
N GLU A 367 19.64 -6.23 -15.95
CA GLU A 367 19.21 -7.20 -16.97
C GLU A 367 20.48 -7.98 -17.32
N ASP A 368 20.37 -8.99 -18.16
CA ASP A 368 21.55 -9.75 -18.52
C ASP A 368 22.48 -8.82 -19.32
N GLY A 369 23.75 -8.75 -18.93
CA GLY A 369 24.69 -7.88 -19.62
C GLY A 369 24.85 -8.11 -21.11
N GLU A 370 24.87 -9.36 -21.55
CA GLU A 370 25.02 -9.66 -22.97
C GLU A 370 23.78 -9.23 -23.75
N ASP A 371 22.60 -9.38 -23.16
CA ASP A 371 21.36 -8.95 -23.80
C ASP A 371 21.45 -7.43 -24.02
N LEU A 372 21.84 -6.70 -22.98
CA LEU A 372 21.96 -5.25 -23.06
C LEU A 372 22.96 -4.84 -24.15
N ILE A 373 24.10 -5.54 -24.20
CA ILE A 373 25.13 -5.21 -25.18
C ILE A 373 24.65 -5.52 -26.61
N ALA A 374 23.88 -6.59 -26.75
CA ALA A 374 23.35 -6.97 -28.05
C ALA A 374 22.31 -5.95 -28.47
N ASP A 375 21.61 -5.38 -27.50
CA ASP A 375 20.62 -4.37 -27.80
C ASP A 375 21.29 -3.09 -28.31
N LEU A 376 22.45 -2.76 -27.73
CA LEU A 376 23.20 -1.57 -28.15
C LEU A 376 23.72 -1.81 -29.57
N GLU A 377 24.18 -3.03 -29.81
CA GLU A 377 24.67 -3.39 -31.14
C GLU A 377 23.57 -3.08 -32.17
N ASN A 378 22.31 -3.40 -31.86
CA ASN A 378 21.23 -3.10 -32.78
C ASN A 378 21.06 -1.61 -33.01
N GLY A 379 21.24 -0.81 -31.96
CA GLY A 379 21.12 0.63 -32.09
C GLY A 379 22.22 1.18 -32.98
N PHE A 380 23.44 0.66 -32.80
CA PHE A 380 24.57 1.10 -33.59
C PHE A 380 24.40 0.72 -35.04
N ARG A 381 23.81 -0.45 -35.27
CA ARG A 381 23.58 -0.91 -36.63
C ARG A 381 22.60 0.05 -37.30
N ALA A 382 21.58 0.47 -36.56
CA ALA A 382 20.58 1.39 -37.09
C ALA A 382 21.13 2.80 -37.36
N ALA A 383 22.07 3.26 -36.55
CA ALA A 383 22.65 4.59 -36.74
C ALA A 383 23.47 4.62 -38.04
N ASN A 384 24.01 3.48 -38.41
CA ASN A 384 24.84 3.38 -39.61
C ASN A 384 24.07 3.04 -40.88
N LYS A 385 22.78 3.33 -40.92
CA LYS A 385 21.99 3.03 -42.11
C LYS A 385 21.31 4.26 -42.69
N GLY A 386 21.58 4.51 -43.96
CA GLY A 386 21.00 5.66 -44.65
C GLY A 386 20.60 5.39 -46.11
N ARG B 3 -21.91 -0.75 23.48
CA ARG B 3 -21.71 0.13 22.28
C ARG B 3 -22.59 -0.29 21.11
N LYS B 4 -23.03 0.70 20.36
CA LYS B 4 -23.85 0.47 19.19
C LYS B 4 -22.99 0.13 17.96
N GLN B 5 -23.63 -0.18 16.85
CA GLN B 5 -22.93 -0.52 15.64
C GLN B 5 -21.92 0.54 15.22
N ALA B 6 -22.36 1.79 15.13
CA ALA B 6 -21.51 2.89 14.71
C ALA B 6 -20.27 3.05 15.59
N THR B 7 -20.38 2.67 16.84
CA THR B 7 -19.27 2.77 17.76
C THR B 7 -18.33 1.59 17.54
N ILE B 8 -18.88 0.42 17.28
CA ILE B 8 -18.08 -0.78 17.03
C ILE B 8 -17.26 -0.60 15.75
N ALA B 9 -17.93 -0.16 14.69
CA ALA B 9 -17.29 0.03 13.40
C ALA B 9 -16.16 1.04 13.44
N VAL B 10 -16.31 2.07 14.26
CA VAL B 10 -15.29 3.11 14.34
C VAL B 10 -14.13 2.79 15.26
N ARG B 11 -14.40 2.11 16.37
CA ARG B 11 -13.34 1.84 17.34
C ARG B 11 -12.70 0.46 17.39
N SER B 12 -13.19 -0.46 16.57
CA SER B 12 -12.58 -1.78 16.57
C SER B 12 -11.15 -1.72 16.07
N GLY B 13 -10.21 -2.17 16.90
CA GLY B 13 -8.81 -2.20 16.52
C GLY B 13 -7.98 -1.00 16.91
N LEU B 14 -8.65 0.12 17.22
CA LEU B 14 -7.94 1.34 17.61
C LEU B 14 -7.06 1.05 18.80
N ASN B 15 -5.90 1.72 18.84
CA ASN B 15 -4.95 1.57 19.94
C ASN B 15 -4.47 0.14 20.20
N ASP B 16 -4.57 -0.70 19.19
CA ASP B 16 -4.14 -2.09 19.29
C ASP B 16 -2.62 -2.14 19.50
N ASP B 17 -1.94 -1.18 18.87
CA ASP B 17 -0.49 -1.10 18.94
C ASP B 17 0.00 -0.75 20.33
N GLU B 18 0.53 -1.75 21.02
CA GLU B 18 1.03 -1.56 22.36
C GLU B 18 2.50 -1.16 22.39
N GLN B 19 3.18 -1.29 21.25
CA GLN B 19 4.59 -0.94 21.21
C GLN B 19 4.81 0.56 20.95
N TYR B 20 4.16 1.12 19.94
CA TYR B 20 4.35 2.54 19.64
C TYR B 20 3.14 3.40 19.96
N GLY B 21 2.05 2.75 20.37
CA GLY B 21 0.85 3.49 20.70
C GLY B 21 0.06 4.02 19.51
N CYS B 22 0.34 3.52 18.31
CA CYS B 22 -0.40 3.99 17.14
C CYS B 22 -1.89 3.88 17.43
N VAL B 23 -2.64 4.91 17.05
CA VAL B 23 -4.09 4.89 17.25
C VAL B 23 -4.65 3.92 16.18
N VAL B 24 -4.30 4.18 14.92
CA VAL B 24 -4.72 3.33 13.78
C VAL B 24 -3.75 2.14 13.76
N PRO B 25 -4.27 0.89 13.71
CA PRO B 25 -3.33 -0.24 13.68
C PRO B 25 -2.46 -0.26 12.41
N PRO B 26 -1.16 -0.58 12.58
CA PRO B 26 -0.26 -0.63 11.42
C PRO B 26 -0.60 -1.81 10.52
N ILE B 27 -0.08 -1.82 9.30
CA ILE B 27 -0.34 -2.92 8.38
C ILE B 27 0.74 -3.97 8.55
N HIS B 28 0.36 -5.14 9.07
CA HIS B 28 1.30 -6.22 9.27
C HIS B 28 1.34 -7.11 8.03
N LEU B 29 2.26 -6.79 7.09
CA LEU B 29 2.41 -7.57 5.85
C LEU B 29 3.32 -8.78 6.02
N SER B 30 4.14 -8.80 7.07
CA SER B 30 5.07 -9.91 7.28
C SER B 30 4.42 -11.28 7.15
N SER B 31 5.04 -12.15 6.36
CA SER B 31 4.56 -13.50 6.11
C SER B 31 5.09 -14.45 7.18
N THR B 32 6.10 -14.00 7.90
CA THR B 32 6.63 -14.87 8.95
C THR B 32 6.92 -14.11 10.24
N TYR B 33 6.95 -14.89 11.33
CA TYR B 33 7.16 -14.38 12.67
C TYR B 33 8.24 -15.20 13.34
N ASN B 34 8.96 -14.62 14.30
CA ASN B 34 10.01 -15.38 14.95
C ASN B 34 9.55 -16.02 16.24
N PHE B 35 10.27 -17.06 16.64
CA PHE B 35 10.03 -17.81 17.87
C PHE B 35 10.60 -16.94 18.99
N THR B 36 10.03 -17.03 20.19
CA THR B 36 10.55 -16.27 21.32
C THR B 36 11.79 -17.03 21.81
N GLY B 37 12.09 -18.11 21.10
CA GLY B 37 13.22 -18.97 21.42
C GLY B 37 12.90 -20.34 20.87
N PHE B 38 13.78 -21.31 21.09
CA PHE B 38 13.56 -22.68 20.60
C PHE B 38 12.31 -23.30 21.22
N ASN B 39 11.53 -24.01 20.41
CA ASN B 39 10.31 -24.66 20.90
C ASN B 39 9.42 -23.64 21.62
N GLU B 40 9.57 -22.37 21.26
CA GLU B 40 8.79 -21.30 21.86
C GLU B 40 8.12 -20.45 20.79
N PRO B 41 6.98 -20.91 20.26
CA PRO B 41 6.30 -20.12 19.22
C PRO B 41 5.67 -18.86 19.78
N ARG B 42 5.09 -18.05 18.90
CA ARG B 42 4.43 -16.82 19.28
C ARG B 42 2.93 -16.99 19.03
N ALA B 43 2.16 -15.94 19.24
CA ALA B 43 0.73 -16.00 18.98
C ALA B 43 0.56 -16.18 17.47
N HIS B 44 1.57 -15.75 16.73
CA HIS B 44 1.57 -15.85 15.28
C HIS B 44 2.90 -16.47 14.84
N ASP B 45 2.83 -17.32 13.83
CA ASP B 45 4.00 -18.04 13.29
C ASP B 45 4.05 -17.98 11.78
N TYR B 46 2.88 -18.03 11.14
CA TYR B 46 2.76 -17.97 9.68
C TYR B 46 1.49 -17.24 9.27
N SER B 47 1.68 -16.14 8.53
CA SER B 47 0.57 -15.31 8.04
C SER B 47 -0.58 -16.10 7.41
N ARG B 48 -0.28 -17.02 6.51
CA ARG B 48 -1.31 -17.82 5.85
C ARG B 48 -2.23 -18.46 6.91
N ARG B 49 -1.65 -18.65 8.10
CA ARG B 49 -2.35 -19.24 9.25
C ARG B 49 -2.97 -18.14 10.12
N GLY B 50 -2.12 -17.29 10.71
CA GLY B 50 -2.58 -16.20 11.55
C GLY B 50 -1.84 -14.90 11.22
N ASN B 51 -2.59 -13.80 11.07
CA ASN B 51 -2.03 -12.48 10.74
C ASN B 51 -2.67 -11.44 11.66
N PRO B 52 -1.86 -10.59 12.34
CA PRO B 52 -2.39 -9.56 13.25
C PRO B 52 -3.40 -8.57 12.69
N THR B 53 -3.18 -8.12 11.47
CA THR B 53 -4.11 -7.18 10.86
C THR B 53 -5.42 -7.87 10.45
N ARG B 54 -5.32 -9.14 10.03
CA ARG B 54 -6.51 -9.91 9.63
C ARG B 54 -7.31 -10.21 10.89
N ASP B 55 -6.61 -10.46 11.99
CA ASP B 55 -7.24 -10.76 13.26
C ASP B 55 -8.14 -9.61 13.71
N VAL B 56 -7.65 -8.38 13.56
CA VAL B 56 -8.39 -7.20 13.95
C VAL B 56 -9.67 -7.05 13.15
N VAL B 57 -9.57 -7.07 11.83
CA VAL B 57 -10.76 -6.90 11.02
C VAL B 57 -11.73 -8.06 11.22
N GLN B 58 -11.24 -9.27 11.46
CA GLN B 58 -12.16 -10.39 11.70
C GLN B 58 -12.98 -10.12 12.97
N ARG B 59 -12.32 -9.55 13.99
CA ARG B 59 -12.97 -9.21 15.26
C ARG B 59 -14.07 -8.18 15.05
N ALA B 60 -13.75 -7.16 14.26
CA ALA B 60 -14.69 -6.10 14.00
C ALA B 60 -15.92 -6.66 13.32
N LEU B 61 -15.71 -7.49 12.30
CA LEU B 61 -16.82 -8.05 11.56
C LEU B 61 -17.67 -9.02 12.39
N ALA B 62 -17.02 -9.82 13.22
CA ALA B 62 -17.79 -10.76 14.03
C ALA B 62 -18.71 -9.93 14.91
N GLU B 63 -18.13 -8.91 15.53
CA GLU B 63 -18.88 -8.02 16.42
C GLU B 63 -20.06 -7.31 15.74
N LEU B 64 -19.88 -6.85 14.52
CA LEU B 64 -20.95 -6.17 13.80
C LEU B 64 -22.14 -7.09 13.49
N GLU B 65 -21.93 -8.41 13.56
CA GLU B 65 -23.01 -9.35 13.27
C GLU B 65 -23.37 -10.10 14.53
N GLY B 66 -22.68 -9.75 15.61
CA GLY B 66 -22.93 -10.41 16.88
C GLY B 66 -22.51 -11.86 16.91
N GLY B 67 -21.41 -12.20 16.27
CA GLY B 67 -20.96 -13.58 16.27
C GLY B 67 -19.79 -13.81 17.20
N ALA B 68 -19.44 -15.07 17.40
CA ALA B 68 -18.30 -15.40 18.26
C ALA B 68 -17.00 -14.99 17.57
N GLY B 69 -16.92 -15.26 16.27
CA GLY B 69 -15.72 -14.93 15.54
C GLY B 69 -15.95 -14.94 14.05
N ALA B 70 -14.91 -14.58 13.30
CA ALA B 70 -15.01 -14.55 11.85
C ALA B 70 -13.71 -15.01 11.20
N VAL B 71 -13.84 -15.47 9.97
CA VAL B 71 -12.71 -15.92 9.19
C VAL B 71 -12.76 -15.10 7.91
N LEU B 72 -11.76 -14.25 7.70
CA LEU B 72 -11.68 -13.42 6.51
C LEU B 72 -11.05 -14.24 5.38
N THR B 73 -11.73 -14.31 4.23
CA THR B 73 -11.24 -15.06 3.09
C THR B 73 -10.84 -14.08 2.00
N ASN B 74 -10.13 -14.57 0.98
CA ASN B 74 -9.69 -13.66 -0.08
C ASN B 74 -10.77 -13.15 -1.04
N THR B 75 -11.91 -13.83 -1.10
CA THR B 75 -13.03 -13.38 -1.93
C THR B 75 -14.33 -13.84 -1.29
N GLY B 76 -15.44 -13.27 -1.75
CA GLY B 76 -16.74 -13.67 -1.24
C GLY B 76 -16.99 -15.11 -1.69
N MET B 77 -16.60 -15.43 -2.92
CA MET B 77 -16.79 -16.77 -3.47
C MET B 77 -16.01 -17.82 -2.68
N SER B 78 -14.80 -17.49 -2.23
CA SER B 78 -14.04 -18.48 -1.45
C SER B 78 -14.59 -18.63 -0.02
N ALA B 79 -15.36 -17.65 0.45
CA ALA B 79 -15.98 -17.76 1.77
C ALA B 79 -17.10 -18.79 1.57
N ILE B 80 -17.78 -18.70 0.43
CA ILE B 80 -18.86 -19.61 0.08
C ILE B 80 -18.28 -20.99 -0.17
N HIS B 81 -17.13 -21.03 -0.85
CA HIS B 81 -16.46 -22.29 -1.13
C HIS B 81 -15.95 -22.88 0.19
N LEU B 82 -15.48 -22.05 1.11
CA LEU B 82 -14.99 -22.54 2.40
C LEU B 82 -16.09 -23.24 3.19
N VAL B 83 -17.26 -22.61 3.25
CA VAL B 83 -18.37 -23.17 4.00
C VAL B 83 -18.81 -24.49 3.40
N THR B 84 -18.96 -24.53 2.09
CA THR B 84 -19.39 -25.76 1.45
C THR B 84 -18.36 -26.87 1.63
N THR B 85 -17.08 -26.51 1.61
CA THR B 85 -16.01 -27.48 1.77
C THR B 85 -16.01 -28.06 3.19
N VAL B 86 -16.34 -27.23 4.17
CA VAL B 86 -16.37 -27.66 5.56
C VAL B 86 -17.58 -28.53 5.91
N PHE B 87 -18.78 -28.16 5.43
CA PHE B 87 -20.00 -28.90 5.77
C PHE B 87 -20.55 -29.89 4.75
N LEU B 88 -19.84 -30.08 3.64
CA LEU B 88 -20.29 -31.01 2.60
C LEU B 88 -19.16 -31.86 2.05
N LYS B 89 -19.44 -33.15 1.83
CA LYS B 89 -18.48 -34.06 1.24
C LYS B 89 -19.30 -34.91 0.29
N PRO B 90 -18.65 -35.72 -0.55
CA PRO B 90 -19.44 -36.54 -1.46
C PRO B 90 -20.55 -37.26 -0.73
N GLY B 91 -21.75 -37.20 -1.30
CA GLY B 91 -22.90 -37.84 -0.70
C GLY B 91 -23.85 -36.88 0.01
N ASP B 92 -23.31 -35.80 0.56
CA ASP B 92 -24.10 -34.80 1.28
C ASP B 92 -24.92 -33.93 0.35
N LEU B 93 -25.99 -33.37 0.90
CA LEU B 93 -26.86 -32.52 0.12
C LEU B 93 -26.84 -31.09 0.63
N LEU B 94 -26.90 -30.17 -0.32
CA LEU B 94 -26.94 -28.75 -0.01
C LEU B 94 -28.24 -28.25 -0.62
N VAL B 95 -28.99 -27.46 0.15
CA VAL B 95 -30.22 -26.87 -0.38
C VAL B 95 -29.93 -25.36 -0.45
N ALA B 96 -30.15 -24.77 -1.62
CA ALA B 96 -29.85 -23.36 -1.82
C ALA B 96 -30.99 -22.67 -2.52
N PRO B 97 -31.00 -21.31 -2.51
CA PRO B 97 -32.07 -20.55 -3.16
C PRO B 97 -32.10 -20.70 -4.66
N HIS B 98 -33.30 -20.88 -5.19
CA HIS B 98 -33.47 -21.02 -6.62
C HIS B 98 -33.00 -19.75 -7.32
N ASP B 99 -33.02 -18.63 -6.62
CA ASP B 99 -32.61 -17.33 -7.20
C ASP B 99 -31.33 -16.71 -6.60
N CYS B 100 -30.50 -17.55 -6.01
CA CYS B 100 -29.25 -17.09 -5.39
C CYS B 100 -28.24 -16.47 -6.36
N TYR B 101 -27.22 -15.84 -5.79
CA TYR B 101 -26.16 -15.21 -6.58
C TYR B 101 -25.67 -16.12 -7.71
N GLY B 102 -25.46 -15.55 -8.89
CA GLY B 102 -24.99 -16.31 -10.03
C GLY B 102 -23.67 -17.08 -9.81
N GLY B 103 -22.74 -16.49 -9.05
CA GLY B 103 -21.48 -17.15 -8.79
C GLY B 103 -21.69 -18.33 -7.85
N SER B 104 -22.64 -18.18 -6.94
CA SER B 104 -22.92 -19.26 -6.01
C SER B 104 -23.56 -20.39 -6.81
N TYR B 105 -24.52 -20.04 -7.66
CA TYR B 105 -25.16 -21.07 -8.48
C TYR B 105 -24.13 -21.85 -9.30
N ARG B 106 -23.30 -21.11 -10.05
CA ARG B 106 -22.28 -21.72 -10.89
C ARG B 106 -21.32 -22.59 -10.09
N LEU B 107 -20.93 -22.14 -8.91
CA LEU B 107 -20.03 -22.94 -8.10
C LEU B 107 -20.69 -24.26 -7.67
N PHE B 108 -21.89 -24.19 -7.12
CA PHE B 108 -22.55 -25.40 -6.65
C PHE B 108 -22.79 -26.35 -7.80
N ASP B 109 -23.31 -25.81 -8.90
CA ASP B 109 -23.60 -26.62 -10.08
C ASP B 109 -22.34 -27.31 -10.61
N SER B 110 -21.25 -26.55 -10.74
CA SER B 110 -19.99 -27.08 -11.25
C SER B 110 -19.39 -28.22 -10.41
N LEU B 111 -19.56 -28.19 -9.10
CA LEU B 111 -18.99 -29.28 -8.31
C LEU B 111 -20.01 -30.40 -8.14
N ALA B 112 -21.29 -30.06 -8.12
CA ALA B 112 -22.32 -31.09 -8.00
C ALA B 112 -22.16 -31.99 -9.23
N LYS B 113 -21.97 -31.36 -10.40
CA LYS B 113 -21.79 -32.04 -11.70
C LYS B 113 -20.64 -33.04 -11.64
N ARG B 114 -19.71 -32.84 -10.71
CA ARG B 114 -18.56 -33.72 -10.59
C ARG B 114 -18.71 -34.74 -9.45
N GLY B 115 -19.87 -34.70 -8.78
CA GLY B 115 -20.14 -35.62 -7.70
C GLY B 115 -19.53 -35.23 -6.36
N CYS B 116 -19.10 -33.98 -6.25
CA CYS B 116 -18.48 -33.52 -5.02
C CYS B 116 -19.49 -33.48 -3.86
N TYR B 117 -20.72 -33.13 -4.21
CA TYR B 117 -21.84 -33.11 -3.28
C TYR B 117 -23.07 -32.92 -4.14
N ARG B 118 -24.26 -33.08 -3.54
CA ARG B 118 -25.52 -32.89 -4.26
C ARG B 118 -26.05 -31.51 -3.91
N VAL B 119 -26.72 -30.87 -4.86
CA VAL B 119 -27.31 -29.56 -4.60
C VAL B 119 -28.76 -29.58 -5.04
N LEU B 120 -29.59 -28.87 -4.29
CA LEU B 120 -31.01 -28.79 -4.58
C LEU B 120 -31.37 -27.34 -4.53
N PHE B 121 -31.83 -26.78 -5.64
CA PHE B 121 -32.23 -25.37 -5.68
C PHE B 121 -33.76 -25.30 -5.45
N VAL B 122 -34.15 -24.61 -4.37
CA VAL B 122 -35.56 -24.49 -3.99
C VAL B 122 -36.01 -23.06 -3.78
N ASP B 123 -37.31 -22.83 -3.97
CA ASP B 123 -37.86 -21.51 -3.72
C ASP B 123 -38.20 -21.60 -2.24
N GLN B 124 -37.33 -21.04 -1.43
CA GLN B 124 -37.50 -21.06 0.01
C GLN B 124 -38.68 -20.18 0.46
N GLY B 125 -39.31 -19.52 -0.50
CA GLY B 125 -40.46 -18.71 -0.20
C GLY B 125 -41.70 -19.61 -0.24
N ASP B 126 -41.51 -20.82 -0.75
CA ASP B 126 -42.56 -21.82 -0.87
C ASP B 126 -42.35 -22.86 0.22
N GLU B 127 -43.17 -22.79 1.28
CA GLU B 127 -43.05 -23.68 2.42
C GLU B 127 -43.13 -25.18 2.17
N GLN B 128 -43.99 -25.59 1.26
CA GLN B 128 -44.08 -27.02 1.00
C GLN B 128 -42.85 -27.46 0.22
N ALA B 129 -42.48 -26.67 -0.78
CA ALA B 129 -41.28 -26.95 -1.57
C ALA B 129 -40.12 -26.95 -0.58
N LEU B 130 -39.99 -25.88 0.19
CA LEU B 130 -38.94 -25.77 1.18
C LEU B 130 -38.94 -27.00 2.08
N ARG B 131 -40.12 -27.36 2.58
CA ARG B 131 -40.25 -28.51 3.47
C ARG B 131 -39.85 -29.81 2.79
N ALA B 132 -40.25 -29.98 1.54
CA ALA B 132 -39.92 -31.18 0.78
C ALA B 132 -38.40 -31.32 0.66
N ALA B 133 -37.74 -30.23 0.29
CA ALA B 133 -36.28 -30.23 0.14
C ALA B 133 -35.60 -30.54 1.47
N LEU B 134 -36.15 -30.02 2.55
CA LEU B 134 -35.56 -30.27 3.86
C LEU B 134 -35.73 -31.72 4.33
N ALA B 135 -36.72 -32.39 3.76
CA ALA B 135 -36.99 -33.78 4.09
C ALA B 135 -35.88 -34.68 3.54
N GLU B 136 -35.17 -34.20 2.51
CA GLU B 136 -34.06 -34.95 1.92
C GLU B 136 -32.89 -34.93 2.87
N LYS B 137 -33.05 -34.23 3.99
CA LYS B 137 -32.01 -34.14 5.01
C LYS B 137 -30.70 -33.50 4.58
N PRO B 138 -30.75 -32.22 4.15
CA PRO B 138 -29.54 -31.52 3.72
C PRO B 138 -28.59 -31.33 4.92
N LYS B 139 -27.29 -31.23 4.65
CA LYS B 139 -26.32 -31.03 5.73
C LYS B 139 -26.10 -29.51 5.88
N LEU B 140 -26.49 -28.77 4.85
CA LEU B 140 -26.30 -27.34 4.84
C LEU B 140 -27.36 -26.69 3.96
N VAL B 141 -27.88 -25.55 4.42
CA VAL B 141 -28.89 -24.80 3.69
C VAL B 141 -28.37 -23.37 3.55
N LEU B 142 -28.41 -22.82 2.35
CA LEU B 142 -27.96 -21.46 2.14
C LEU B 142 -29.19 -20.59 1.88
N VAL B 143 -29.23 -19.46 2.58
CA VAL B 143 -30.32 -18.49 2.43
C VAL B 143 -29.68 -17.19 1.94
N GLU B 144 -30.35 -16.49 1.04
CA GLU B 144 -29.82 -15.25 0.51
C GLU B 144 -30.99 -14.29 0.32
N SER B 145 -31.09 -13.31 1.21
CA SER B 145 -32.19 -12.35 1.18
C SER B 145 -31.73 -10.96 1.60
N PRO B 146 -32.11 -9.92 0.83
CA PRO B 146 -32.93 -10.02 -0.39
C PRO B 146 -32.12 -10.63 -1.55
N SER B 147 -32.81 -10.93 -2.65
CA SER B 147 -32.17 -11.51 -3.82
C SER B 147 -31.92 -10.50 -4.93
N ASN B 148 -31.02 -10.85 -5.83
CA ASN B 148 -30.65 -9.99 -6.95
C ASN B 148 -31.21 -10.66 -8.20
N PRO B 149 -31.78 -9.87 -9.13
CA PRO B 149 -31.94 -8.42 -9.11
C PRO B 149 -33.34 -7.92 -8.75
N LEU B 150 -34.24 -8.85 -8.41
CA LEU B 150 -35.63 -8.50 -8.09
C LEU B 150 -35.86 -8.14 -6.63
N LEU B 151 -34.84 -8.37 -5.81
CA LEU B 151 -34.93 -8.03 -4.40
C LEU B 151 -35.98 -8.75 -3.60
N ARG B 152 -36.39 -9.93 -4.06
CA ARG B 152 -37.37 -10.74 -3.36
C ARG B 152 -36.81 -11.05 -1.98
N VAL B 153 -37.65 -11.06 -0.95
CA VAL B 153 -37.18 -11.35 0.42
C VAL B 153 -37.90 -12.59 0.96
N VAL B 154 -37.18 -13.43 1.70
CA VAL B 154 -37.76 -14.63 2.28
C VAL B 154 -37.52 -14.60 3.78
N ASP B 155 -38.24 -15.44 4.50
CA ASP B 155 -38.15 -15.46 5.93
C ASP B 155 -36.98 -16.21 6.53
N ILE B 156 -35.91 -15.48 6.80
CA ILE B 156 -34.70 -16.05 7.36
C ILE B 156 -34.89 -16.81 8.67
N ALA B 157 -35.62 -16.22 9.61
CA ALA B 157 -35.84 -16.88 10.89
C ALA B 157 -36.59 -18.19 10.71
N LYS B 158 -37.57 -18.19 9.81
CA LYS B 158 -38.36 -19.40 9.60
C LYS B 158 -37.53 -20.53 8.97
N ILE B 159 -36.90 -20.22 7.84
CA ILE B 159 -36.06 -21.18 7.13
C ILE B 159 -34.98 -21.75 8.06
N CYS B 160 -34.31 -20.87 8.80
CA CYS B 160 -33.27 -21.31 9.73
C CYS B 160 -33.88 -22.19 10.80
N HIS B 161 -35.11 -21.86 11.16
CA HIS B 161 -35.82 -22.62 12.17
C HIS B 161 -36.09 -24.02 11.60
N LEU B 162 -36.72 -24.07 10.43
CA LEU B 162 -37.00 -25.37 9.81
C LEU B 162 -35.72 -26.16 9.53
N ALA B 163 -34.68 -25.51 9.02
CA ALA B 163 -33.42 -26.19 8.72
C ALA B 163 -32.81 -26.81 9.97
N ARG B 164 -32.88 -26.09 11.09
CA ARG B 164 -32.30 -26.57 12.34
C ARG B 164 -32.94 -27.88 12.86
N GLU B 165 -34.25 -28.03 12.68
CA GLU B 165 -34.89 -29.25 13.15
C GLU B 165 -34.62 -30.49 12.31
N VAL B 166 -34.08 -30.33 11.10
CA VAL B 166 -33.76 -31.50 10.27
C VAL B 166 -32.28 -31.76 10.45
N GLY B 167 -31.64 -30.91 11.25
CA GLY B 167 -30.23 -31.05 11.50
C GLY B 167 -29.29 -30.36 10.52
N ALA B 168 -29.84 -29.50 9.66
CA ALA B 168 -29.02 -28.79 8.69
C ALA B 168 -28.42 -27.52 9.28
N VAL B 169 -27.18 -27.23 8.89
CA VAL B 169 -26.47 -26.03 9.32
C VAL B 169 -26.99 -24.92 8.41
N SER B 170 -27.30 -23.74 8.95
CA SER B 170 -27.80 -22.67 8.09
C SER B 170 -26.76 -21.57 7.87
N VAL B 171 -26.68 -21.08 6.64
CA VAL B 171 -25.73 -20.03 6.36
C VAL B 171 -26.51 -19.00 5.57
N VAL B 172 -26.32 -17.73 5.92
CA VAL B 172 -27.02 -16.66 5.23
C VAL B 172 -26.04 -15.71 4.56
N ASP B 173 -26.24 -15.46 3.26
CA ASP B 173 -25.38 -14.53 2.54
C ASP B 173 -26.02 -13.15 2.74
N ASN B 174 -25.46 -12.40 3.70
CA ASN B 174 -25.97 -11.07 4.08
C ASN B 174 -25.28 -9.92 3.34
N THR B 175 -24.77 -10.19 2.15
CA THR B 175 -24.06 -9.18 1.36
C THR B 175 -24.90 -7.96 0.97
N PHE B 176 -26.10 -8.21 0.44
CA PHE B 176 -26.96 -7.13 -0.01
C PHE B 176 -27.36 -6.05 0.99
N LEU B 177 -27.52 -6.41 2.26
CA LEU B 177 -27.92 -5.43 3.28
C LEU B 177 -26.79 -5.04 4.23
N SER B 178 -25.85 -5.95 4.46
CA SER B 178 -24.74 -5.71 5.37
C SER B 178 -25.27 -5.78 6.80
N PRO B 179 -24.37 -5.92 7.81
CA PRO B 179 -24.79 -5.99 9.21
C PRO B 179 -25.53 -4.75 9.71
N ALA B 180 -25.35 -3.64 9.03
CA ALA B 180 -25.97 -2.38 9.40
C ALA B 180 -27.48 -2.37 9.14
N LEU B 181 -27.95 -3.24 8.25
CA LEU B 181 -29.37 -3.30 7.93
C LEU B 181 -30.05 -4.64 8.16
N GLN B 182 -29.30 -5.65 8.60
CA GLN B 182 -29.84 -6.99 8.87
C GLN B 182 -28.83 -7.85 9.59
N ASN B 183 -29.30 -8.62 10.58
CA ASN B 183 -28.39 -9.49 11.33
C ASN B 183 -28.88 -10.94 11.43
N PRO B 184 -28.65 -11.73 10.37
CA PRO B 184 -29.06 -13.14 10.32
C PRO B 184 -28.74 -14.00 11.54
N LEU B 185 -27.61 -13.75 12.22
CA LEU B 185 -27.28 -14.57 13.38
C LEU B 185 -28.37 -14.41 14.44
N ALA B 186 -28.93 -13.20 14.52
CA ALA B 186 -29.99 -12.89 15.48
C ALA B 186 -31.30 -13.51 15.02
N LEU B 187 -31.45 -13.66 13.70
CA LEU B 187 -32.65 -14.25 13.11
C LEU B 187 -32.63 -15.78 13.15
N GLY B 188 -31.61 -16.36 13.80
CA GLY B 188 -31.54 -17.81 13.91
C GLY B 188 -30.45 -18.59 13.16
N ALA B 189 -29.70 -17.92 12.28
CA ALA B 189 -28.66 -18.60 11.51
C ALA B 189 -27.46 -19.08 12.30
N ASP B 190 -26.82 -20.13 11.81
CA ASP B 190 -25.61 -20.65 12.44
C ASP B 190 -24.43 -19.84 11.98
N LEU B 191 -24.52 -19.37 10.73
CA LEU B 191 -23.45 -18.59 10.11
C LEU B 191 -23.97 -17.53 9.16
N VAL B 192 -23.18 -16.50 8.99
CA VAL B 192 -23.54 -15.43 8.06
C VAL B 192 -22.23 -15.12 7.32
N LEU B 193 -22.33 -14.89 6.02
CA LEU B 193 -21.18 -14.57 5.21
C LEU B 193 -21.47 -13.37 4.33
N HIS B 194 -20.41 -12.73 3.86
CA HIS B 194 -20.53 -11.56 3.00
C HIS B 194 -19.40 -11.57 2.00
N SER B 195 -19.63 -10.82 0.93
CA SER B 195 -18.59 -10.54 -0.04
C SER B 195 -18.21 -9.14 0.52
N CYS B 196 -17.05 -9.02 1.17
CA CYS B 196 -16.65 -7.74 1.74
C CYS B 196 -16.32 -6.75 0.62
N THR B 197 -16.22 -7.29 -0.58
CA THR B 197 -15.93 -6.56 -1.81
C THR B 197 -16.98 -5.49 -2.08
N TYR B 199 -20.51 -3.66 0.01
CA TYR B 199 -20.77 -2.64 1.04
C TYR B 199 -19.78 -2.50 2.20
N LEU B 200 -19.34 -3.62 2.78
CA LEU B 200 -18.46 -3.56 3.92
C LEU B 200 -17.23 -2.73 3.61
N ASN B 201 -16.62 -2.96 2.45
CA ASN B 201 -15.45 -2.15 2.09
C ASN B 201 -15.95 -0.79 1.62
N GLY B 202 -16.98 -0.82 0.78
CA GLY B 202 -17.62 0.37 0.27
C GLY B 202 -16.84 1.29 -0.62
N HIS B 203 -15.59 0.96 -0.91
CA HIS B 203 -14.75 1.81 -1.76
C HIS B 203 -14.20 1.16 -3.05
N SER B 204 -14.84 0.07 -3.46
CA SER B 204 -14.50 -0.65 -4.69
C SER B 204 -13.00 -0.85 -4.96
N ASP B 205 -12.22 -1.03 -3.91
CA ASP B 205 -10.79 -1.22 -4.11
C ASP B 205 -10.25 -2.35 -3.26
N VAL B 206 -11.13 -3.25 -2.86
CA VAL B 206 -10.75 -4.41 -2.06
C VAL B 206 -11.62 -5.59 -2.46
N VAL B 207 -11.03 -6.78 -2.46
CA VAL B 207 -11.79 -7.98 -2.77
C VAL B 207 -11.52 -8.89 -1.59
N ALA B 208 -12.59 -9.31 -0.93
CA ALA B 208 -12.48 -10.19 0.23
C ALA B 208 -13.85 -10.76 0.60
N GLY B 209 -13.83 -11.76 1.46
CA GLY B 209 -15.06 -12.37 1.91
C GLY B 209 -14.91 -12.65 3.40
N VAL B 210 -16.01 -13.02 4.06
CA VAL B 210 -15.94 -13.33 5.47
C VAL B 210 -17.06 -14.28 5.84
N VAL B 211 -16.76 -15.16 6.79
CA VAL B 211 -17.73 -16.11 7.29
C VAL B 211 -17.72 -15.87 8.79
N ILE B 212 -18.89 -15.55 9.33
CA ILE B 212 -19.03 -15.30 10.76
C ILE B 212 -19.94 -16.39 11.35
N ALA B 213 -19.49 -16.97 12.47
CA ALA B 213 -20.24 -18.04 13.11
C ALA B 213 -20.73 -17.67 14.51
N LYS B 214 -21.87 -18.25 14.88
CA LYS B 214 -22.46 -18.03 16.19
C LYS B 214 -21.64 -18.85 17.19
N ASP B 215 -21.28 -20.06 16.78
CA ASP B 215 -20.52 -20.97 17.63
C ASP B 215 -19.01 -20.83 17.50
N PRO B 216 -18.32 -20.57 18.61
CA PRO B 216 -16.87 -20.41 18.61
C PRO B 216 -16.17 -21.64 18.07
N ASP B 217 -16.73 -22.80 18.37
CA ASP B 217 -16.14 -24.05 17.90
C ASP B 217 -16.22 -24.10 16.37
N VAL B 218 -17.31 -23.61 15.81
CA VAL B 218 -17.44 -23.58 14.36
C VAL B 218 -16.38 -22.62 13.79
N VAL B 219 -16.02 -21.58 14.56
CA VAL B 219 -15.02 -20.61 14.10
C VAL B 219 -13.65 -21.22 13.94
N THR B 220 -13.22 -22.01 14.92
CA THR B 220 -11.92 -22.66 14.85
C THR B 220 -11.93 -23.68 13.73
N GLU B 221 -13.10 -24.25 13.48
CA GLU B 221 -13.29 -25.23 12.42
C GLU B 221 -13.07 -24.55 11.06
N LEU B 222 -13.77 -23.45 10.85
CA LEU B 222 -13.66 -22.68 9.62
C LEU B 222 -12.24 -22.14 9.46
N ALA B 223 -11.62 -21.74 10.57
CA ALA B 223 -10.26 -21.21 10.52
C ALA B 223 -9.26 -22.28 10.08
N TRP B 224 -9.41 -23.49 10.63
CA TRP B 224 -8.53 -24.60 10.29
C TRP B 224 -8.64 -24.93 8.80
N TRP B 225 -9.86 -25.02 8.31
CA TRP B 225 -10.06 -25.33 6.91
C TRP B 225 -9.62 -24.21 5.95
N ALA B 226 -9.81 -22.96 6.35
CA ALA B 226 -9.40 -21.84 5.48
C ALA B 226 -7.89 -21.88 5.30
N ASN B 227 -7.17 -22.21 6.36
CA ASN B 227 -5.71 -22.31 6.31
C ASN B 227 -5.35 -23.56 5.50
N ASN B 228 -6.10 -24.63 5.73
CA ASN B 228 -5.87 -25.90 5.03
C ASN B 228 -5.98 -25.75 3.50
N ILE B 229 -7.06 -25.16 2.99
CA ILE B 229 -7.20 -25.02 1.54
C ILE B 229 -6.63 -23.72 0.99
N GLY B 230 -6.08 -22.91 1.88
CA GLY B 230 -5.47 -21.64 1.51
C GLY B 230 -6.30 -20.44 1.07
N VAL B 231 -7.51 -20.27 1.60
CA VAL B 231 -8.36 -19.14 1.18
C VAL B 231 -8.37 -17.94 2.13
N THR B 232 -7.42 -17.86 3.06
CA THR B 232 -7.37 -16.74 3.99
C THR B 232 -7.11 -15.40 3.29
N GLY B 233 -7.78 -14.35 3.75
CA GLY B 233 -7.59 -13.02 3.15
C GLY B 233 -6.22 -12.42 3.38
N GLY B 234 -5.86 -11.42 2.58
CA GLY B 234 -4.55 -10.78 2.70
C GLY B 234 -4.53 -9.64 3.71
N ALA B 235 -3.35 -9.38 4.26
CA ALA B 235 -3.18 -8.34 5.27
C ALA B 235 -3.46 -6.93 4.77
N PHE B 236 -3.04 -6.62 3.56
CA PHE B 236 -3.28 -5.28 3.06
C PHE B 236 -4.76 -5.07 2.80
N ASP B 237 -5.43 -6.08 2.26
CA ASP B 237 -6.87 -5.98 2.03
C ASP B 237 -7.58 -5.86 3.38
N SER B 238 -7.07 -6.56 4.38
CA SER B 238 -7.65 -6.52 5.72
C SER B 238 -7.59 -5.08 6.23
N TYR B 239 -6.49 -4.40 5.96
CA TYR B 239 -6.36 -3.02 6.38
C TYR B 239 -7.31 -2.10 5.64
N LEU B 240 -7.36 -2.18 4.31
CA LEU B 240 -8.28 -1.31 3.55
C LEU B 240 -9.76 -1.61 3.86
N LEU B 241 -10.07 -2.86 4.21
CA LEU B 241 -11.44 -3.23 4.54
C LEU B 241 -11.84 -2.61 5.89
N LEU B 242 -10.98 -2.74 6.89
CA LEU B 242 -11.25 -2.15 8.19
C LEU B 242 -11.41 -0.62 8.04
N ARG B 243 -10.55 -0.03 7.21
CA ARG B 243 -10.62 1.40 6.98
C ARG B 243 -11.99 1.75 6.41
N GLY B 244 -12.45 0.97 5.44
CA GLY B 244 -13.75 1.21 4.84
C GLY B 244 -14.88 0.99 5.85
N LEU B 245 -14.70 0.00 6.73
CA LEU B 245 -15.69 -0.32 7.76
C LEU B 245 -16.03 0.87 8.66
N ARG B 246 -15.04 1.75 8.86
CA ARG B 246 -15.20 2.92 9.72
C ARG B 246 -16.43 3.77 9.43
N THR B 247 -16.76 3.93 8.14
CA THR B 247 -17.91 4.72 7.76
C THR B 247 -19.10 3.88 7.23
N LEU B 248 -19.14 2.61 7.61
CA LEU B 248 -20.21 1.72 7.15
C LEU B 248 -21.61 2.21 7.49
N VAL B 249 -21.80 2.56 8.76
CA VAL B 249 -23.11 3.03 9.22
C VAL B 249 -23.62 4.29 8.51
N PRO B 250 -22.85 5.39 8.50
CA PRO B 250 -23.40 6.55 7.78
C PRO B 250 -23.49 6.29 6.29
N ARG B 251 -22.67 5.38 5.76
CA ARG B 251 -22.70 5.08 4.32
C ARG B 251 -24.00 4.35 3.97
N MET B 252 -24.38 3.38 4.79
CA MET B 252 -25.60 2.64 4.52
C MET B 252 -26.82 3.56 4.69
N GLU B 253 -26.85 4.30 5.79
CA GLU B 253 -27.93 5.22 6.08
C GLU B 253 -28.18 6.14 4.91
N LEU B 254 -27.12 6.80 4.45
CA LEU B 254 -27.25 7.76 3.36
C LEU B 254 -27.59 7.13 2.01
N ALA B 255 -26.98 5.98 1.72
CA ALA B 255 -27.25 5.28 0.47
C ALA B 255 -28.72 4.86 0.52
N GLN B 256 -29.15 4.38 1.69
CA GLN B 256 -30.53 3.95 1.88
C GLN B 256 -31.53 5.09 1.66
N ARG B 257 -31.26 6.27 2.22
CA ARG B 257 -32.14 7.42 2.04
C ARG B 257 -32.21 7.81 0.56
N ASN B 258 -31.06 7.86 -0.10
CA ASN B 258 -31.00 8.21 -1.51
C ASN B 258 -31.80 7.19 -2.32
N ALA B 259 -31.80 5.94 -1.87
CA ALA B 259 -32.53 4.89 -2.57
C ALA B 259 -34.04 5.11 -2.45
N GLN B 260 -34.49 5.39 -1.22
CA GLN B 260 -35.91 5.64 -0.99
C GLN B 260 -36.35 6.82 -1.82
N ALA B 261 -35.55 7.87 -1.83
CA ALA B 261 -35.88 9.05 -2.61
C ALA B 261 -35.94 8.68 -4.09
N ILE B 262 -35.03 7.84 -4.55
CA ILE B 262 -35.04 7.44 -5.94
C ILE B 262 -36.27 6.58 -6.22
N VAL B 263 -36.58 5.69 -5.30
CA VAL B 263 -37.75 4.81 -5.43
C VAL B 263 -39.00 5.68 -5.62
N LYS B 264 -39.16 6.62 -4.69
CA LYS B 264 -40.26 7.57 -4.72
C LYS B 264 -40.36 8.19 -6.11
N TYR B 265 -39.25 8.72 -6.60
CA TYR B 265 -39.21 9.36 -7.91
C TYR B 265 -39.66 8.47 -9.07
N LEU B 266 -39.11 7.25 -9.12
CA LEU B 266 -39.45 6.33 -10.20
C LEU B 266 -40.93 5.98 -10.20
N GLN B 267 -41.56 5.97 -9.03
CA GLN B 267 -42.98 5.67 -8.91
C GLN B 267 -43.80 6.66 -9.73
N THR B 268 -43.20 7.81 -10.03
CA THR B 268 -43.86 8.88 -10.79
C THR B 268 -43.45 8.86 -12.26
N GLN B 269 -42.69 7.84 -12.65
CA GLN B 269 -42.22 7.73 -14.00
C GLN B 269 -43.07 6.80 -14.88
N PRO B 270 -43.53 7.32 -16.03
CA PRO B 270 -44.35 6.59 -17.00
C PRO B 270 -43.56 5.48 -17.70
N LEU B 271 -42.31 5.78 -18.01
CA LEU B 271 -41.43 4.82 -18.67
C LEU B 271 -41.05 3.68 -17.73
N VAL B 272 -41.41 3.82 -16.47
CA VAL B 272 -41.10 2.78 -15.50
C VAL B 272 -42.24 1.77 -15.45
N LYS B 273 -42.06 0.64 -16.12
CA LYS B 273 -43.08 -0.40 -16.15
C LYS B 273 -43.30 -1.11 -14.81
N LYS B 274 -42.20 -1.45 -14.14
CA LYS B 274 -42.29 -2.11 -12.85
C LYS B 274 -41.16 -1.60 -11.98
N LEU B 275 -41.36 -1.60 -10.66
CA LEU B 275 -40.35 -1.11 -9.73
C LEU B 275 -40.16 -2.20 -8.71
N TYR B 276 -38.92 -2.36 -8.21
CA TYR B 276 -38.58 -3.39 -7.23
C TYR B 276 -37.76 -2.84 -6.05
N HIS B 277 -38.33 -2.90 -4.86
CA HIS B 277 -37.65 -2.44 -3.64
C HIS B 277 -38.38 -3.05 -2.44
N PRO B 278 -37.65 -3.66 -1.51
CA PRO B 278 -38.29 -4.25 -0.34
C PRO B 278 -39.26 -3.32 0.38
N SER B 279 -39.04 -2.01 0.24
CA SER B 279 -39.91 -1.04 0.90
C SER B 279 -41.32 -1.04 0.31
N LEU B 280 -41.44 -1.39 -0.95
CA LEU B 280 -42.74 -1.44 -1.63
C LEU B 280 -43.64 -2.57 -1.12
N PRO B 281 -44.87 -2.24 -0.71
CA PRO B 281 -45.81 -3.24 -0.19
C PRO B 281 -45.96 -4.40 -1.17
N GLU B 282 -46.09 -4.07 -2.45
CA GLU B 282 -46.25 -5.05 -3.51
C GLU B 282 -45.01 -5.92 -3.70
N ASN B 283 -43.89 -5.47 -3.18
CA ASN B 283 -42.67 -6.24 -3.35
C ASN B 283 -42.74 -7.57 -2.64
N GLN B 284 -42.33 -8.61 -3.36
CA GLN B 284 -42.31 -9.97 -2.84
C GLN B 284 -41.59 -10.08 -1.52
N GLY B 285 -42.32 -10.40 -0.47
CA GLY B 285 -41.72 -10.54 0.84
C GLY B 285 -41.64 -9.23 1.60
N HIS B 286 -42.32 -8.20 1.12
CA HIS B 286 -42.30 -6.88 1.78
C HIS B 286 -42.58 -6.92 3.29
N GLU B 287 -43.60 -7.66 3.69
CA GLU B 287 -43.94 -7.73 5.11
C GLU B 287 -42.83 -8.37 5.95
N ILE B 288 -42.21 -9.41 5.41
CA ILE B 288 -41.12 -10.11 6.08
C ILE B 288 -39.91 -9.18 6.19
N ALA B 289 -39.70 -8.38 5.15
CA ALA B 289 -38.59 -7.46 5.12
C ALA B 289 -38.74 -6.42 6.22
N ALA B 290 -39.93 -5.84 6.31
CA ALA B 290 -40.23 -4.82 7.31
C ALA B 290 -40.06 -5.41 8.69
N ARG B 291 -40.21 -6.72 8.78
CA ARG B 291 -40.10 -7.42 10.05
C ARG B 291 -38.66 -7.82 10.39
N GLN B 292 -37.94 -8.42 9.44
CA GLN B 292 -36.59 -8.89 9.67
C GLN B 292 -35.42 -7.95 9.33
N GLN B 293 -35.70 -6.88 8.60
CA GLN B 293 -34.66 -5.92 8.22
C GLN B 293 -34.70 -4.68 9.09
N LYS B 294 -33.54 -4.05 9.27
CA LYS B 294 -33.46 -2.82 10.06
C LYS B 294 -33.61 -1.63 9.09
N GLY B 295 -33.71 -1.96 7.81
CA GLY B 295 -33.87 -0.96 6.77
C GLY B 295 -34.21 -1.75 5.52
N PHE B 296 -34.75 -1.10 4.50
CA PHE B 296 -35.12 -1.77 3.26
C PHE B 296 -34.02 -1.83 2.20
N GLY B 297 -32.85 -1.26 2.48
CA GLY B 297 -31.74 -1.31 1.56
C GLY B 297 -31.53 -0.21 0.54
N ALA B 298 -30.34 -0.22 -0.04
CA ALA B 298 -29.93 0.77 -1.02
C ALA B 298 -30.00 0.22 -2.44
N MET B 299 -30.28 -1.06 -2.59
CA MET B 299 -30.37 -1.65 -3.93
C MET B 299 -31.82 -1.56 -4.38
N LEU B 300 -32.01 -1.32 -5.67
CA LEU B 300 -33.35 -1.24 -6.27
C LEU B 300 -33.25 -1.55 -7.78
N SER B 301 -34.37 -1.95 -8.39
CA SER B 301 -34.37 -2.23 -9.82
C SER B 301 -35.73 -1.92 -10.42
N PHE B 302 -35.75 -1.62 -11.72
CA PHE B 302 -37.00 -1.28 -12.37
C PHE B 302 -36.96 -1.72 -13.83
N GLU B 303 -38.11 -2.02 -14.40
CA GLU B 303 -38.17 -2.42 -15.79
C GLU B 303 -38.55 -1.19 -16.60
N LEU B 304 -37.77 -0.90 -17.63
CA LEU B 304 -38.06 0.24 -18.47
C LEU B 304 -39.12 -0.14 -19.49
N ASP B 305 -40.04 0.77 -19.75
CA ASP B 305 -41.12 0.55 -20.71
C ASP B 305 -40.56 0.83 -22.09
N GLY B 306 -40.20 -0.22 -22.82
CA GLY B 306 -39.67 -0.04 -24.16
C GLY B 306 -38.67 -1.10 -24.61
N ASP B 307 -38.32 -1.03 -25.89
CA ASP B 307 -37.40 -1.97 -26.49
C ASP B 307 -35.96 -1.68 -26.13
N GLU B 308 -35.04 -2.41 -26.77
CA GLU B 308 -33.61 -2.27 -26.54
C GLU B 308 -33.10 -0.87 -26.87
N GLN B 309 -33.48 -0.34 -28.02
CA GLN B 309 -33.04 0.99 -28.42
C GLN B 309 -33.47 2.01 -27.38
N THR B 310 -34.62 1.77 -26.77
CA THR B 310 -35.15 2.66 -25.74
C THR B 310 -34.25 2.69 -24.51
N LEU B 311 -33.77 1.51 -24.14
CA LEU B 311 -32.91 1.33 -22.98
C LEU B 311 -31.54 1.95 -23.23
N ARG B 312 -30.99 1.72 -24.41
CA ARG B 312 -29.69 2.29 -24.77
C ARG B 312 -29.86 3.79 -24.60
N ARG B 313 -30.95 4.31 -25.15
CA ARG B 313 -31.25 5.73 -25.07
C ARG B 313 -31.22 6.20 -23.62
N PHE B 314 -31.93 5.46 -22.76
CA PHE B 314 -32.00 5.83 -21.35
C PHE B 314 -30.62 5.86 -20.68
N LEU B 315 -29.82 4.83 -20.93
CA LEU B 315 -28.50 4.76 -20.33
C LEU B 315 -27.64 5.87 -20.89
N GLY B 316 -27.77 6.12 -22.19
CA GLY B 316 -26.99 7.15 -22.84
C GLY B 316 -27.21 8.57 -22.33
N GLY B 317 -28.34 8.79 -21.67
CA GLY B 317 -28.63 10.13 -21.15
C GLY B 317 -28.19 10.28 -19.71
N LEU B 318 -27.60 9.22 -19.15
CA LEU B 318 -27.15 9.24 -17.77
C LEU B 318 -25.75 9.81 -17.57
N SER B 319 -25.42 10.18 -16.33
CA SER B 319 -24.13 10.77 -16.03
C SER B 319 -23.58 10.45 -14.64
N LEU B 320 -24.47 10.23 -13.68
CA LEU B 320 -24.08 9.95 -12.31
C LEU B 320 -24.12 8.47 -11.93
N PHE B 321 -24.37 7.61 -12.92
CA PHE B 321 -24.41 6.17 -12.68
C PHE B 321 -23.45 5.55 -13.67
N THR B 322 -22.52 4.73 -13.19
CA THR B 322 -21.57 4.09 -14.09
C THR B 322 -22.11 2.71 -14.46
N LEU B 323 -22.08 2.38 -15.75
CA LEU B 323 -22.56 1.08 -16.20
C LEU B 323 -21.49 0.07 -15.86
N ALA B 324 -21.71 -0.72 -14.82
CA ALA B 324 -20.72 -1.71 -14.44
C ALA B 324 -21.30 -2.72 -13.49
N GLU B 325 -20.55 -3.80 -13.30
CA GLU B 325 -20.99 -4.83 -12.38
C GLU B 325 -20.64 -4.37 -10.97
N SER B 326 -20.99 -5.20 -10.00
CA SER B 326 -20.75 -4.92 -8.58
C SER B 326 -21.73 -3.93 -8.00
N LEU B 327 -21.63 -3.76 -6.70
CA LEU B 327 -22.53 -2.89 -5.97
C LEU B 327 -21.88 -2.62 -4.62
N GLY B 328 -22.49 -1.72 -3.85
CA GLY B 328 -21.98 -1.44 -2.52
C GLY B 328 -20.96 -0.35 -2.35
N GLY B 329 -20.53 0.24 -3.46
CA GLY B 329 -19.56 1.31 -3.37
C GLY B 329 -20.22 2.64 -3.08
N VAL B 330 -19.41 3.64 -2.75
CA VAL B 330 -19.97 4.95 -2.45
C VAL B 330 -20.56 5.58 -3.70
N GLU B 331 -20.07 5.15 -4.85
CA GLU B 331 -20.55 5.70 -6.12
C GLU B 331 -21.71 4.88 -6.67
N SER B 332 -22.66 5.57 -7.32
CA SER B 332 -23.85 4.92 -7.88
C SER B 332 -23.57 4.17 -9.18
N LEU B 333 -23.92 2.90 -9.20
CA LEU B 333 -23.72 2.06 -10.38
C LEU B 333 -25.06 1.60 -10.94
N ILE B 334 -25.08 1.35 -12.25
CA ILE B 334 -26.28 0.85 -12.90
C ILE B 334 -25.91 -0.37 -13.74
N SER B 335 -26.83 -1.34 -13.74
CA SER B 335 -26.63 -2.59 -14.45
C SER B 335 -27.86 -3.09 -15.24
N HIS B 336 -27.60 -3.62 -16.44
CA HIS B 336 -28.64 -4.19 -17.26
C HIS B 336 -28.49 -5.70 -17.10
N ALA B 337 -29.30 -6.29 -16.23
CA ALA B 337 -29.23 -7.73 -15.96
C ALA B 337 -29.14 -8.70 -17.16
N ALA B 338 -29.91 -8.45 -18.21
CA ALA B 338 -29.90 -9.34 -19.38
C ALA B 338 -28.56 -9.45 -20.06
N THR B 339 -27.77 -8.38 -20.03
CA THR B 339 -26.46 -8.39 -20.68
C THR B 339 -25.30 -8.39 -19.70
N MET B 340 -25.57 -8.17 -18.42
CA MET B 340 -24.51 -8.14 -17.44
C MET B 340 -24.69 -9.24 -16.40
N THR B 341 -25.19 -8.87 -15.24
CA THR B 341 -25.41 -9.82 -14.16
C THR B 341 -25.97 -11.19 -14.57
N HIS B 342 -26.90 -11.19 -15.52
CA HIS B 342 -27.52 -12.45 -15.96
C HIS B 342 -27.32 -12.76 -17.45
N ALA B 343 -26.23 -12.21 -18.00
CA ALA B 343 -25.90 -12.41 -19.40
C ALA B 343 -25.82 -13.89 -19.68
N GLY B 344 -25.23 -14.61 -18.73
CA GLY B 344 -25.09 -16.05 -18.86
C GLY B 344 -26.34 -16.72 -18.34
N MET B 345 -27.30 -16.86 -19.24
CA MET B 345 -28.58 -17.47 -18.95
C MET B 345 -29.46 -17.25 -20.15
N ALA B 346 -30.04 -18.32 -20.67
CA ALA B 346 -30.91 -18.21 -21.84
C ALA B 346 -32.06 -17.26 -21.56
N PRO B 347 -32.57 -16.60 -22.62
CA PRO B 347 -33.68 -15.66 -22.47
C PRO B 347 -34.91 -16.35 -21.91
N GLU B 348 -34.99 -17.66 -22.14
CA GLU B 348 -36.11 -18.47 -21.66
C GLU B 348 -35.96 -18.66 -20.16
N ALA B 349 -34.72 -18.83 -19.73
CA ALA B 349 -34.45 -18.99 -18.32
C ALA B 349 -34.70 -17.65 -17.61
N ARG B 350 -34.13 -16.58 -18.17
CA ARG B 350 -34.27 -15.25 -17.61
C ARG B 350 -35.72 -14.88 -17.43
N ALA B 351 -36.49 -15.03 -18.49
CA ALA B 351 -37.90 -14.70 -18.45
C ALA B 351 -38.58 -15.59 -17.41
N ALA B 352 -38.25 -16.87 -17.44
CA ALA B 352 -38.82 -17.83 -16.51
C ALA B 352 -38.52 -17.36 -15.10
N ALA B 353 -37.28 -16.89 -14.90
CA ALA B 353 -36.84 -16.41 -13.59
C ALA B 353 -37.43 -15.05 -13.26
N GLY B 354 -38.20 -14.50 -14.19
CA GLY B 354 -38.84 -13.21 -13.97
C GLY B 354 -37.98 -11.97 -14.17
N ILE B 355 -36.95 -12.08 -15.01
CA ILE B 355 -36.06 -10.95 -15.26
C ILE B 355 -36.28 -10.37 -16.66
N SER B 356 -36.86 -9.17 -16.72
CA SER B 356 -37.13 -8.51 -17.98
C SER B 356 -35.86 -8.17 -18.78
N GLU B 357 -36.03 -8.04 -20.09
CA GLU B 357 -34.91 -7.72 -20.98
C GLU B 357 -34.62 -6.21 -20.90
N THR B 358 -35.44 -5.48 -20.16
CA THR B 358 -35.22 -4.04 -19.99
C THR B 358 -35.13 -3.70 -18.50
N LEU B 359 -34.91 -4.72 -17.68
CA LEU B 359 -34.78 -4.50 -16.24
C LEU B 359 -33.40 -3.90 -15.95
N LEU B 360 -33.38 -2.83 -15.16
CA LEU B 360 -32.14 -2.17 -14.79
C LEU B 360 -32.04 -2.21 -13.28
N ARG B 361 -30.82 -2.42 -12.78
CA ARG B 361 -30.59 -2.47 -11.34
C ARG B 361 -29.71 -1.28 -10.95
N ILE B 362 -30.07 -0.63 -9.86
CA ILE B 362 -29.31 0.51 -9.38
C ILE B 362 -28.68 0.24 -8.02
N SER B 363 -27.37 0.48 -7.91
CA SER B 363 -26.69 0.34 -6.63
C SER B 363 -26.49 1.81 -6.19
N THR B 364 -27.43 2.33 -5.42
CA THR B 364 -27.38 3.71 -4.98
C THR B 364 -26.14 4.05 -4.14
N GLY B 365 -25.44 5.12 -4.56
CA GLY B 365 -24.26 5.59 -3.86
C GLY B 365 -24.64 6.65 -2.84
N ILE B 366 -23.71 7.53 -2.52
CA ILE B 366 -23.97 8.58 -1.55
C ILE B 366 -23.79 9.97 -2.13
N GLU B 367 -23.94 10.09 -3.45
CA GLU B 367 -23.85 11.38 -4.09
C GLU B 367 -25.09 12.12 -3.62
N ASP B 368 -25.24 13.38 -4.01
CA ASP B 368 -26.44 14.11 -3.59
C ASP B 368 -27.68 13.46 -4.26
N GLY B 369 -28.69 13.17 -3.46
CA GLY B 369 -29.91 12.55 -3.96
C GLY B 369 -30.55 13.33 -5.09
N GLU B 370 -30.77 14.62 -4.87
CA GLU B 370 -31.39 15.47 -5.89
C GLU B 370 -30.59 15.37 -7.18
N ASP B 371 -29.27 15.29 -7.05
CA ASP B 371 -28.39 15.19 -8.21
C ASP B 371 -28.63 13.87 -8.93
N LEU B 372 -28.80 12.81 -8.15
CA LEU B 372 -29.02 11.48 -8.74
C LEU B 372 -30.31 11.44 -9.52
N ILE B 373 -31.38 11.98 -8.93
CA ILE B 373 -32.69 12.00 -9.57
C ILE B 373 -32.68 12.88 -10.83
N ALA B 374 -31.96 14.00 -10.75
CA ALA B 374 -31.85 14.91 -11.87
C ALA B 374 -31.18 14.21 -13.04
N ASP B 375 -30.32 13.24 -12.73
CA ASP B 375 -29.60 12.48 -13.74
C ASP B 375 -30.54 11.46 -14.37
N LEU B 376 -31.36 10.82 -13.54
CA LEU B 376 -32.32 9.83 -14.04
C LEU B 376 -33.31 10.53 -14.95
N GLU B 377 -33.70 11.74 -14.56
CA GLU B 377 -34.64 12.53 -15.36
C GLU B 377 -34.05 12.76 -16.75
N ASN B 378 -32.73 12.94 -16.80
CA ASN B 378 -32.07 13.15 -18.06
C ASN B 378 -32.17 11.91 -18.93
N GLY B 379 -32.01 10.75 -18.30
CA GLY B 379 -32.10 9.51 -19.05
C GLY B 379 -33.50 9.28 -19.56
N PHE B 380 -34.50 9.53 -18.71
CA PHE B 380 -35.89 9.33 -19.09
C PHE B 380 -36.28 10.25 -20.24
N ARG B 381 -35.83 11.50 -20.17
CA ARG B 381 -36.14 12.48 -21.20
C ARG B 381 -35.57 12.03 -22.54
N ALA B 382 -34.44 11.32 -22.49
CA ALA B 382 -33.81 10.85 -23.71
C ALA B 382 -34.51 9.59 -24.18
N ALA B 383 -34.93 8.77 -23.24
CA ALA B 383 -35.62 7.52 -23.55
C ALA B 383 -36.91 7.85 -24.32
N ASN B 384 -37.64 8.86 -23.83
CA ASN B 384 -38.88 9.25 -24.48
C ASN B 384 -38.58 10.25 -25.59
N LYS B 385 -37.30 10.56 -25.77
CA LYS B 385 -36.86 11.49 -26.82
C LYS B 385 -36.95 10.82 -28.19
N GLY B 386 -38.19 10.61 -28.65
CA GLY B 386 -38.40 9.97 -29.93
C GLY B 386 -38.49 8.46 -29.78
N ARG C 3 -22.78 17.92 -9.11
CA ARG C 3 -23.48 19.20 -8.75
C ARG C 3 -23.10 19.62 -7.33
N LYS C 4 -23.79 19.09 -6.34
CA LYS C 4 -23.49 19.43 -4.95
C LYS C 4 -22.18 18.82 -4.48
N GLN C 5 -21.58 19.43 -3.47
CA GLN C 5 -20.31 18.98 -2.94
C GLN C 5 -20.28 17.50 -2.58
N ALA C 6 -21.40 16.96 -2.12
CA ALA C 6 -21.42 15.55 -1.77
C ALA C 6 -21.20 14.74 -3.04
N THR C 7 -21.69 15.24 -4.17
CA THR C 7 -21.54 14.55 -5.44
C THR C 7 -20.12 14.70 -5.97
N ILE C 8 -19.52 15.86 -5.73
CA ILE C 8 -18.15 16.12 -6.14
C ILE C 8 -17.17 15.19 -5.42
N ALA C 9 -17.26 15.15 -4.09
CA ALA C 9 -16.38 14.33 -3.27
C ALA C 9 -16.42 12.85 -3.67
N VAL C 10 -17.62 12.35 -3.95
CA VAL C 10 -17.82 10.96 -4.29
C VAL C 10 -17.37 10.56 -5.69
N ARG C 11 -17.63 11.40 -6.69
CA ARG C 11 -17.29 11.00 -8.04
C ARG C 11 -16.07 11.58 -8.70
N SER C 12 -15.46 12.60 -8.10
CA SER C 12 -14.27 13.18 -8.71
C SER C 12 -13.14 12.15 -8.89
N GLY C 13 -12.56 12.09 -10.09
CA GLY C 13 -11.48 11.16 -10.35
C GLY C 13 -11.92 9.81 -10.89
N LEU C 14 -13.13 9.40 -10.50
CA LEU C 14 -13.67 8.11 -10.95
C LEU C 14 -13.63 7.96 -12.46
N ASN C 15 -13.27 6.76 -12.88
CA ASN C 15 -13.21 6.41 -14.29
C ASN C 15 -12.10 7.13 -15.06
N ASP C 16 -11.08 7.57 -14.33
CA ASP C 16 -9.95 8.24 -14.96
C ASP C 16 -9.23 7.28 -15.90
N ASP C 17 -9.17 6.03 -15.49
CA ASP C 17 -8.50 4.97 -16.24
C ASP C 17 -9.06 4.77 -17.65
N GLU C 18 -8.26 5.12 -18.65
CA GLU C 18 -8.68 4.97 -20.05
C GLU C 18 -8.12 3.71 -20.70
N GLN C 19 -7.22 3.02 -20.00
CA GLN C 19 -6.63 1.82 -20.55
C GLN C 19 -7.39 0.52 -20.20
N TYR C 20 -7.74 0.36 -18.92
CA TYR C 20 -8.41 -0.85 -18.49
C TYR C 20 -9.88 -0.67 -18.06
N GLY C 21 -10.33 0.58 -17.96
CA GLY C 21 -11.70 0.84 -17.56
C GLY C 21 -11.97 0.78 -16.06
N CYS C 22 -10.92 0.80 -15.26
CA CYS C 22 -11.07 0.76 -13.81
C CYS C 22 -11.96 1.91 -13.35
N VAL C 23 -12.91 1.64 -12.46
CA VAL C 23 -13.76 2.70 -11.94
C VAL C 23 -12.90 3.52 -10.97
N VAL C 24 -12.25 2.83 -10.03
CA VAL C 24 -11.36 3.49 -9.07
C VAL C 24 -9.99 3.62 -9.75
N PRO C 25 -9.43 4.84 -9.83
CA PRO C 25 -8.12 4.97 -10.47
C PRO C 25 -7.02 4.19 -9.73
N PRO C 26 -6.03 3.68 -10.47
CA PRO C 26 -4.92 2.91 -9.92
C PRO C 26 -3.94 3.81 -9.20
N ILE C 27 -3.08 3.24 -8.36
CA ILE C 27 -2.09 4.06 -7.66
C ILE C 27 -0.85 4.14 -8.56
N HIS C 28 -0.56 5.33 -9.07
CA HIS C 28 0.61 5.49 -9.93
C HIS C 28 1.83 5.80 -9.10
N LEU C 29 2.52 4.76 -8.65
CA LEU C 29 3.71 4.97 -7.83
C LEU C 29 4.97 5.30 -8.63
N SER C 30 5.00 4.93 -9.91
CA SER C 30 6.18 5.15 -10.73
C SER C 30 6.83 6.53 -10.54
N SER C 31 8.14 6.52 -10.31
CA SER C 31 8.88 7.75 -10.12
C SER C 31 9.13 8.45 -11.44
N THR C 32 9.09 7.70 -12.53
CA THR C 32 9.36 8.31 -13.83
C THR C 32 8.48 7.76 -14.96
N TYR C 33 8.50 8.43 -16.10
CA TYR C 33 7.69 8.06 -17.25
C TYR C 33 8.49 8.08 -18.54
N ASN C 34 8.19 7.17 -19.45
CA ASN C 34 8.89 7.10 -20.72
C ASN C 34 8.40 8.17 -21.71
N PHE C 35 9.27 8.53 -22.64
CA PHE C 35 8.90 9.51 -23.67
C PHE C 35 8.25 8.69 -24.78
N THR C 36 7.47 9.34 -25.64
CA THR C 36 6.86 8.61 -26.75
C THR C 36 7.90 8.53 -27.88
N GLY C 37 8.81 9.50 -27.88
CA GLY C 37 9.87 9.54 -28.87
C GLY C 37 10.95 10.49 -28.41
N PHE C 38 12.06 10.56 -29.13
CA PHE C 38 13.15 11.46 -28.76
C PHE C 38 12.58 12.88 -28.71
N ASN C 39 12.91 13.60 -27.64
CA ASN C 39 12.45 14.98 -27.47
C ASN C 39 10.91 15.13 -27.48
N GLU C 40 10.21 14.03 -27.18
CA GLU C 40 8.74 14.03 -27.14
C GLU C 40 8.23 13.43 -25.82
N PRO C 41 8.28 14.22 -24.74
CA PRO C 41 7.81 13.71 -23.45
C PRO C 41 6.30 13.71 -23.41
N ARG C 42 5.76 13.02 -22.43
CA ARG C 42 4.32 12.98 -22.25
C ARG C 42 3.94 14.06 -21.23
N ALA C 43 2.67 14.10 -20.83
CA ALA C 43 2.21 15.07 -19.85
C ALA C 43 3.04 14.99 -18.55
N HIS C 44 3.62 13.82 -18.29
CA HIS C 44 4.45 13.61 -17.11
C HIS C 44 5.83 13.10 -17.49
N ASP C 45 6.85 13.61 -16.79
CA ASP C 45 8.24 13.21 -17.04
C ASP C 45 8.96 12.81 -15.76
N TYR C 46 8.45 13.27 -14.62
CA TYR C 46 9.07 12.95 -13.34
C TYR C 46 8.06 13.16 -12.19
N SER C 47 7.82 12.11 -11.41
CA SER C 47 6.84 12.17 -10.31
C SER C 47 6.93 13.36 -9.35
N ARG C 48 8.14 13.70 -8.90
CA ARG C 48 8.32 14.83 -7.98
C ARG C 48 7.72 16.12 -8.56
N ARG C 49 7.72 16.21 -9.89
CA ARG C 49 7.18 17.38 -10.59
C ARG C 49 5.68 17.24 -10.87
N GLY C 50 5.29 16.11 -11.43
CA GLY C 50 3.90 15.85 -11.74
C GLY C 50 3.64 14.35 -11.69
N ASN C 51 2.53 13.96 -11.09
CA ASN C 51 2.17 12.56 -10.94
C ASN C 51 0.69 12.42 -11.27
N PRO C 52 0.29 11.35 -11.99
CA PRO C 52 -1.12 11.13 -12.37
C PRO C 52 -2.14 11.00 -11.24
N THR C 53 -1.75 10.33 -10.16
CA THR C 53 -2.64 10.14 -9.03
C THR C 53 -2.78 11.43 -8.21
N ARG C 54 -1.67 12.13 -8.02
CA ARG C 54 -1.67 13.38 -7.27
C ARG C 54 -2.52 14.38 -8.08
N ASP C 55 -2.42 14.35 -9.40
CA ASP C 55 -3.22 15.24 -10.23
C ASP C 55 -4.69 15.05 -9.95
N VAL C 56 -5.13 13.80 -9.86
CA VAL C 56 -6.53 13.52 -9.62
C VAL C 56 -7.08 14.08 -8.30
N VAL C 57 -6.34 13.86 -7.21
CA VAL C 57 -6.80 14.33 -5.91
C VAL C 57 -6.73 15.85 -5.81
N GLN C 58 -5.82 16.45 -6.56
CA GLN C 58 -5.72 17.90 -6.56
C GLN C 58 -6.98 18.48 -7.17
N ARG C 59 -7.44 17.87 -8.26
CA ARG C 59 -8.64 18.34 -8.93
C ARG C 59 -9.88 18.19 -8.03
N ALA C 60 -9.92 17.11 -7.26
CA ALA C 60 -11.04 16.89 -6.36
C ALA C 60 -11.03 17.96 -5.25
N LEU C 61 -9.86 18.29 -4.75
CA LEU C 61 -9.75 19.29 -3.69
C LEU C 61 -10.07 20.67 -4.21
N ALA C 62 -9.55 21.01 -5.38
CA ALA C 62 -9.83 22.32 -5.96
C ALA C 62 -11.34 22.47 -6.11
N GLU C 63 -11.95 21.50 -6.78
CA GLU C 63 -13.39 21.49 -7.02
C GLU C 63 -14.19 21.70 -5.73
N LEU C 64 -13.80 21.01 -4.67
CA LEU C 64 -14.47 21.09 -3.36
C LEU C 64 -14.45 22.48 -2.71
N GLU C 65 -13.46 23.32 -3.07
CA GLU C 65 -13.36 24.67 -2.51
C GLU C 65 -13.64 25.74 -3.55
N GLY C 66 -14.02 25.33 -4.75
CA GLY C 66 -14.30 26.29 -5.80
C GLY C 66 -13.06 27.01 -6.33
N GLY C 67 -11.91 26.37 -6.25
CA GLY C 67 -10.68 26.98 -6.74
C GLY C 67 -10.33 26.54 -8.15
N ALA C 68 -9.40 27.26 -8.78
CA ALA C 68 -8.98 26.92 -10.14
C ALA C 68 -8.16 25.64 -10.13
N GLY C 69 -7.30 25.49 -9.12
CA GLY C 69 -6.47 24.31 -9.03
C GLY C 69 -5.90 24.17 -7.64
N ALA C 70 -5.25 23.03 -7.39
CA ALA C 70 -4.66 22.75 -6.09
C ALA C 70 -3.27 22.13 -6.24
N VAL C 71 -2.46 22.31 -5.21
CA VAL C 71 -1.12 21.77 -5.19
C VAL C 71 -1.04 20.97 -3.90
N LEU C 72 -0.97 19.65 -4.02
CA LEU C 72 -0.88 18.80 -2.86
C LEU C 72 0.56 18.71 -2.38
N THR C 73 0.75 18.97 -1.09
CA THR C 73 2.08 18.93 -0.50
C THR C 73 2.19 17.72 0.46
N ASN C 74 3.39 17.43 0.93
CA ASN C 74 3.56 16.25 1.79
C ASN C 74 3.08 16.37 3.24
N THR C 75 2.90 17.59 3.71
CA THR C 75 2.37 17.84 5.05
C THR C 75 1.66 19.18 5.03
N GLY C 76 0.78 19.39 6.01
CA GLY C 76 0.07 20.66 6.08
C GLY C 76 1.07 21.79 6.30
N MET C 77 2.08 21.51 7.13
CA MET C 77 3.11 22.50 7.42
C MET C 77 3.87 22.90 6.13
N SER C 78 4.12 21.94 5.23
CA SER C 78 4.84 22.29 4.02
C SER C 78 3.93 23.03 3.04
N ALA C 79 2.62 22.98 3.26
CA ALA C 79 1.69 23.73 2.42
C ALA C 79 1.82 25.20 2.89
N ILE C 80 1.96 25.38 4.20
CA ILE C 80 2.11 26.72 4.76
C ILE C 80 3.51 27.25 4.39
N HIS C 81 4.53 26.39 4.45
CA HIS C 81 5.89 26.81 4.09
C HIS C 81 5.97 27.14 2.61
N LEU C 82 5.23 26.41 1.78
CA LEU C 82 5.23 26.66 0.35
C LEU C 82 4.67 28.06 0.05
N VAL C 83 3.54 28.36 0.66
CA VAL C 83 2.89 29.65 0.47
C VAL C 83 3.77 30.79 0.96
N THR C 84 4.39 30.64 2.13
CA THR C 84 5.24 31.71 2.64
C THR C 84 6.47 31.86 1.74
N THR C 85 6.98 30.74 1.23
CA THR C 85 8.15 30.75 0.37
C THR C 85 7.87 31.43 -0.99
N VAL C 86 6.66 31.25 -1.51
CA VAL C 86 6.32 31.85 -2.78
C VAL C 86 6.01 33.34 -2.63
N PHE C 87 5.31 33.70 -1.56
CA PHE C 87 4.90 35.08 -1.36
C PHE C 87 5.72 36.01 -0.49
N LEU C 88 6.81 35.52 0.07
CA LEU C 88 7.65 36.38 0.90
C LEU C 88 9.11 36.17 0.60
N LYS C 89 9.88 37.24 0.63
CA LYS C 89 11.33 37.15 0.47
C LYS C 89 11.90 38.15 1.48
N PRO C 90 13.20 38.09 1.75
CA PRO C 90 13.77 39.05 2.72
C PRO C 90 13.22 40.46 2.56
N GLY C 91 12.77 41.04 3.67
CA GLY C 91 12.22 42.38 3.62
C GLY C 91 10.69 42.44 3.56
N ASP C 92 10.05 41.35 3.12
CA ASP C 92 8.60 41.31 3.03
C ASP C 92 8.02 41.02 4.39
N LEU C 93 6.79 41.47 4.59
CA LEU C 93 6.12 41.27 5.88
C LEU C 93 4.94 40.32 5.74
N LEU C 94 4.74 39.51 6.78
CA LEU C 94 3.63 38.57 6.84
C LEU C 94 2.81 38.94 8.08
N VAL C 95 1.49 39.06 7.92
CA VAL C 95 0.64 39.33 9.07
C VAL C 95 -0.12 38.02 9.32
N ALA C 96 0.02 37.48 10.53
CA ALA C 96 -0.59 36.21 10.93
C ALA C 96 -1.47 36.37 12.17
N PRO C 97 -2.38 35.40 12.39
CA PRO C 97 -3.23 35.51 13.58
C PRO C 97 -2.43 35.27 14.85
N HIS C 98 -2.72 36.04 15.89
CA HIS C 98 -2.05 35.92 17.18
C HIS C 98 -2.36 34.57 17.82
N ASP C 99 -3.45 33.95 17.40
CA ASP C 99 -3.84 32.66 17.97
C ASP C 99 -3.82 31.49 16.98
N CYS C 100 -3.05 31.65 15.90
CA CYS C 100 -2.94 30.63 14.88
C CYS C 100 -2.32 29.33 15.40
N TYR C 101 -2.41 28.31 14.57
CA TYR C 101 -1.87 26.99 14.84
C TYR C 101 -0.42 27.06 15.33
N GLY C 102 -0.09 26.27 16.35
CA GLY C 102 1.25 26.27 16.91
C GLY C 102 2.40 26.04 15.92
N GLY C 103 2.19 25.12 14.97
CA GLY C 103 3.24 24.88 14.00
C GLY C 103 3.44 26.11 13.14
N SER C 104 2.33 26.74 12.75
CA SER C 104 2.40 27.92 11.93
C SER C 104 3.18 29.02 12.65
N TYR C 105 2.85 29.20 13.94
CA TYR C 105 3.50 30.21 14.74
C TYR C 105 5.00 29.97 14.88
N ARG C 106 5.36 28.73 15.21
CA ARG C 106 6.75 28.34 15.38
C ARG C 106 7.54 28.53 14.07
N LEU C 107 6.92 28.18 12.94
CA LEU C 107 7.59 28.31 11.66
C LEU C 107 7.91 29.77 11.37
N PHE C 108 6.87 30.60 11.34
CA PHE C 108 7.01 32.03 11.06
C PHE C 108 8.01 32.69 12.00
N ASP C 109 7.89 32.35 13.27
CA ASP C 109 8.79 32.92 14.25
C ASP C 109 10.26 32.54 13.98
N SER C 110 10.53 31.24 13.85
CA SER C 110 11.89 30.76 13.63
C SER C 110 12.58 31.31 12.39
N LEU C 111 11.86 31.46 11.29
CA LEU C 111 12.47 31.99 10.08
C LEU C 111 12.54 33.51 10.10
N ALA C 112 11.57 34.14 10.75
CA ALA C 112 11.58 35.60 10.82
C ALA C 112 12.77 36.03 11.68
N LYS C 113 13.13 35.20 12.66
CA LYS C 113 14.26 35.50 13.54
C LYS C 113 15.57 35.47 12.78
N ARG C 114 15.60 34.73 11.67
CA ARG C 114 16.78 34.60 10.83
C ARG C 114 16.85 35.67 9.74
N GLY C 115 15.79 36.47 9.63
CA GLY C 115 15.76 37.53 8.63
C GLY C 115 15.16 37.10 7.31
N CYS C 116 14.63 35.88 7.23
CA CYS C 116 14.03 35.39 5.97
C CYS C 116 12.85 36.26 5.52
N TYR C 117 12.11 36.78 6.48
CA TYR C 117 10.99 37.68 6.25
C TYR C 117 10.57 38.26 7.62
N ARG C 118 9.59 39.15 7.60
CA ARG C 118 9.11 39.78 8.84
C ARG C 118 7.73 39.25 9.15
N VAL C 119 7.43 39.06 10.43
CA VAL C 119 6.11 38.60 10.83
C VAL C 119 5.50 39.47 11.94
N LEU C 120 4.23 39.76 11.79
CA LEU C 120 3.49 40.52 12.78
C LEU C 120 2.30 39.65 13.16
N PHE C 121 2.21 39.26 14.43
CA PHE C 121 1.09 38.43 14.91
C PHE C 121 0.06 39.43 15.45
N VAL C 122 -1.17 39.36 14.93
CA VAL C 122 -2.20 40.30 15.33
C VAL C 122 -3.53 39.64 15.67
N ASP C 123 -4.29 40.29 16.53
CA ASP C 123 -5.60 39.79 16.89
C ASP C 123 -6.51 40.33 15.78
N GLN C 124 -6.74 39.52 14.75
CA GLN C 124 -7.55 39.91 13.59
C GLN C 124 -9.01 40.22 13.94
N GLY C 125 -9.38 39.99 15.19
CA GLY C 125 -10.73 40.31 15.63
C GLY C 125 -10.76 41.75 16.18
N ASP C 126 -9.57 42.26 16.50
CA ASP C 126 -9.39 43.61 17.02
C ASP C 126 -9.19 44.52 15.81
N GLU C 127 -10.27 45.17 15.37
CA GLU C 127 -10.23 46.03 14.20
C GLU C 127 -9.13 47.08 14.15
N GLN C 128 -8.90 47.76 15.26
CA GLN C 128 -7.85 48.78 15.28
C GLN C 128 -6.51 48.11 15.05
N ALA C 129 -6.22 47.10 15.87
CA ALA C 129 -4.96 46.36 15.76
C ALA C 129 -4.74 45.86 14.34
N LEU C 130 -5.78 45.32 13.72
CA LEU C 130 -5.67 44.78 12.36
C LEU C 130 -5.30 45.85 11.33
N ARG C 131 -5.99 46.98 11.35
CA ARG C 131 -5.74 48.06 10.41
C ARG C 131 -4.31 48.56 10.49
N ALA C 132 -3.79 48.64 11.71
CA ALA C 132 -2.42 49.10 11.95
C ALA C 132 -1.41 48.21 11.25
N ALA C 133 -1.55 46.91 11.47
CA ALA C 133 -0.66 45.89 10.88
C ALA C 133 -0.74 45.99 9.35
N LEU C 134 -1.95 46.03 8.82
CA LEU C 134 -2.15 46.13 7.37
C LEU C 134 -1.50 47.42 6.82
N ALA C 135 -1.37 48.42 7.69
CA ALA C 135 -0.76 49.69 7.31
C ALA C 135 0.72 49.47 7.06
N GLU C 136 1.24 48.34 7.54
CA GLU C 136 2.64 47.98 7.34
C GLU C 136 2.83 47.44 5.93
N LYS C 137 1.73 47.30 5.21
CA LYS C 137 1.72 46.81 3.84
C LYS C 137 2.36 45.44 3.71
N PRO C 138 1.76 44.43 4.35
CA PRO C 138 2.30 43.06 4.27
C PRO C 138 2.13 42.49 2.87
N LYS C 139 2.95 41.51 2.51
CA LYS C 139 2.81 40.88 1.19
C LYS C 139 1.81 39.74 1.31
N LEU C 140 1.67 39.22 2.51
CA LEU C 140 0.76 38.11 2.72
C LEU C 140 0.06 38.24 4.06
N VAL C 141 -1.19 37.80 4.11
CA VAL C 141 -1.97 37.83 5.35
C VAL C 141 -2.57 36.45 5.50
N LEU C 142 -2.32 35.83 6.65
CA LEU C 142 -2.86 34.52 6.93
C LEU C 142 -4.00 34.64 7.92
N VAL C 143 -5.13 33.99 7.62
CA VAL C 143 -6.31 33.96 8.48
C VAL C 143 -6.57 32.49 8.82
N GLU C 144 -6.95 32.24 10.08
CA GLU C 144 -7.25 30.88 10.54
C GLU C 144 -8.44 30.92 11.50
N SER C 145 -9.61 30.55 10.98
CA SER C 145 -10.84 30.56 11.74
C SER C 145 -11.74 29.36 11.42
N PRO C 146 -12.30 28.70 12.45
CA PRO C 146 -12.13 28.99 13.88
C PRO C 146 -10.72 28.68 14.32
N SER C 147 -10.32 29.29 15.43
CA SER C 147 -9.00 29.10 15.98
C SER C 147 -9.05 27.96 17.00
N ASN C 148 -7.89 27.50 17.41
CA ASN C 148 -7.77 26.41 18.36
C ASN C 148 -6.96 26.88 19.56
N PRO C 149 -7.32 26.43 20.78
CA PRO C 149 -8.42 25.52 21.14
C PRO C 149 -9.68 26.22 21.68
N LEU C 150 -9.75 27.55 21.58
CA LEU C 150 -10.91 28.27 22.09
C LEU C 150 -11.98 28.49 21.02
N LEU C 151 -11.65 28.04 19.81
CA LEU C 151 -12.57 28.13 18.68
C LEU C 151 -13.14 29.52 18.40
N ARG C 152 -12.35 30.56 18.64
CA ARG C 152 -12.79 31.94 18.36
C ARG C 152 -12.90 32.11 16.84
N VAL C 153 -13.86 32.91 16.39
CA VAL C 153 -14.09 33.13 14.96
C VAL C 153 -13.92 34.59 14.54
N VAL C 154 -13.34 34.83 13.36
CA VAL C 154 -13.14 36.19 12.84
C VAL C 154 -13.72 36.29 11.43
N ASP C 155 -13.98 37.50 10.99
CA ASP C 155 -14.57 37.77 9.70
C ASP C 155 -13.57 37.63 8.59
N ILE C 156 -13.64 36.48 7.92
CA ILE C 156 -12.77 36.15 6.82
C ILE C 156 -13.02 37.08 5.65
N ALA C 157 -14.28 37.30 5.31
CA ALA C 157 -14.60 38.17 4.20
C ALA C 157 -14.04 39.58 4.38
N LYS C 158 -14.23 40.15 5.56
CA LYS C 158 -13.73 41.49 5.85
C LYS C 158 -12.20 41.50 5.78
N ILE C 159 -11.56 40.69 6.63
CA ILE C 159 -10.10 40.62 6.66
C ILE C 159 -9.45 40.47 5.30
N CYS C 160 -10.08 39.70 4.42
CA CYS C 160 -9.57 39.47 3.08
C CYS C 160 -9.76 40.72 2.24
N HIS C 161 -10.87 41.42 2.48
CA HIS C 161 -11.14 42.66 1.73
C HIS C 161 -10.08 43.69 2.10
N LEU C 162 -9.88 43.88 3.41
CA LEU C 162 -8.91 44.84 3.90
C LEU C 162 -7.56 44.50 3.30
N ALA C 163 -7.19 43.23 3.42
CA ALA C 163 -5.92 42.77 2.91
C ALA C 163 -5.74 43.13 1.46
N ARG C 164 -6.71 42.78 0.64
CA ARG C 164 -6.63 43.06 -0.78
C ARG C 164 -6.42 44.54 -1.04
N GLU C 165 -7.07 45.37 -0.23
CA GLU C 165 -6.95 46.81 -0.39
C GLU C 165 -5.51 47.24 -0.25
N VAL C 166 -4.86 46.82 0.82
CA VAL C 166 -3.47 47.17 1.07
C VAL C 166 -2.53 46.44 0.08
N GLY C 167 -3.10 45.61 -0.78
CA GLY C 167 -2.30 44.88 -1.74
C GLY C 167 -1.70 43.56 -1.27
N ALA C 168 -2.12 43.10 -0.09
CA ALA C 168 -1.61 41.85 0.45
C ALA C 168 -2.37 40.66 -0.11
N VAL C 169 -1.66 39.54 -0.29
CA VAL C 169 -2.29 38.31 -0.77
C VAL C 169 -2.85 37.63 0.46
N SER C 170 -4.09 37.15 0.39
CA SER C 170 -4.71 36.49 1.56
C SER C 170 -4.81 34.98 1.40
N VAL C 171 -4.43 34.26 2.45
CA VAL C 171 -4.50 32.82 2.46
C VAL C 171 -5.17 32.42 3.76
N VAL C 172 -6.18 31.57 3.68
CA VAL C 172 -6.93 31.14 4.86
C VAL C 172 -6.72 29.66 5.18
N ASP C 173 -6.35 29.37 6.43
CA ASP C 173 -6.17 27.99 6.85
C ASP C 173 -7.54 27.46 7.30
N ASN C 174 -8.15 26.70 6.40
CA ASN C 174 -9.50 26.14 6.56
C ASN C 174 -9.56 24.71 7.10
N THR C 175 -8.48 24.24 7.68
CA THR C 175 -8.38 22.89 8.23
C THR C 175 -9.52 22.54 9.19
N PHE C 176 -9.68 23.39 10.19
CA PHE C 176 -10.67 23.20 11.24
C PHE C 176 -12.10 22.86 10.75
N LEU C 177 -12.54 23.45 9.64
CA LEU C 177 -13.90 23.19 9.18
C LEU C 177 -14.03 22.36 7.91
N SER C 178 -12.97 22.32 7.10
CA SER C 178 -12.99 21.55 5.86
C SER C 178 -13.88 22.26 4.85
N PRO C 179 -13.74 21.94 3.55
CA PRO C 179 -14.56 22.57 2.50
C PRO C 179 -16.04 22.27 2.67
N ALA C 180 -16.36 21.24 3.44
CA ALA C 180 -17.75 20.86 3.68
C ALA C 180 -18.51 21.83 4.59
N LEU C 181 -17.80 22.53 5.48
CA LEU C 181 -18.44 23.45 6.41
C LEU C 181 -18.10 24.93 6.24
N GLN C 182 -17.16 25.25 5.35
CA GLN C 182 -16.77 26.65 5.12
C GLN C 182 -15.97 26.77 3.83
N ASN C 183 -16.17 27.84 3.07
CA ASN C 183 -15.45 28.04 1.82
C ASN C 183 -14.82 29.43 1.67
N PRO C 184 -13.63 29.62 2.27
CA PRO C 184 -12.89 30.87 2.24
C PRO C 184 -12.78 31.53 0.87
N LEU C 185 -12.66 30.75 -0.20
CA LEU C 185 -12.54 31.36 -1.53
C LEU C 185 -13.84 32.12 -1.83
N ALA C 186 -14.95 31.53 -1.40
CA ALA C 186 -16.26 32.15 -1.58
C ALA C 186 -16.31 33.46 -0.78
N LEU C 187 -15.57 33.49 0.32
CA LEU C 187 -15.51 34.67 1.19
C LEU C 187 -14.47 35.70 0.77
N GLY C 188 -13.92 35.56 -0.43
CA GLY C 188 -12.94 36.54 -0.90
C GLY C 188 -11.45 36.29 -0.70
N ALA C 189 -11.07 35.06 -0.35
CA ALA C 189 -9.65 34.76 -0.14
C ALA C 189 -8.94 34.40 -1.46
N ASP C 190 -7.65 34.72 -1.55
CA ASP C 190 -6.86 34.39 -2.73
C ASP C 190 -6.52 32.89 -2.71
N LEU C 191 -6.27 32.37 -1.52
CA LEU C 191 -5.91 30.97 -1.33
C LEU C 191 -6.50 30.40 -0.06
N VAL C 192 -6.76 29.09 -0.09
CA VAL C 192 -7.22 28.39 1.11
C VAL C 192 -6.33 27.16 1.21
N LEU C 193 -5.86 26.85 2.41
CA LEU C 193 -5.02 25.68 2.56
C LEU C 193 -5.55 24.81 3.69
N HIS C 194 -5.22 23.53 3.65
CA HIS C 194 -5.65 22.58 4.68
C HIS C 194 -4.54 21.63 5.02
N SER C 195 -4.59 21.10 6.23
CA SER C 195 -3.70 20.04 6.63
C SER C 195 -4.64 18.87 6.30
N CYS C 196 -4.41 18.17 5.19
CA CYS C 196 -5.27 17.07 4.79
C CYS C 196 -5.17 15.92 5.76
N THR C 197 -4.20 16.02 6.64
CA THR C 197 -3.95 15.04 7.69
C THR C 197 -5.15 14.96 8.62
N TYR C 199 -9.44 16.40 8.75
CA TYR C 199 -10.75 16.00 8.24
C TYR C 199 -10.79 15.44 6.81
N LEU C 200 -10.12 16.12 5.89
CA LEU C 200 -10.11 15.73 4.49
C LEU C 200 -9.85 14.22 4.31
N ASN C 201 -8.77 13.73 4.89
CA ASN C 201 -8.46 12.32 4.78
C ASN C 201 -9.44 11.61 5.69
N GLY C 202 -9.57 12.16 6.89
CA GLY C 202 -10.51 11.63 7.87
C GLY C 202 -10.25 10.30 8.50
N HIS C 203 -9.14 9.65 8.15
CA HIS C 203 -8.88 8.33 8.73
C HIS C 203 -7.60 8.15 9.52
N SER C 204 -6.94 9.26 9.87
CA SER C 204 -5.69 9.24 10.66
C SER C 204 -4.55 8.33 10.16
N ASP C 205 -4.44 8.16 8.84
CA ASP C 205 -3.40 7.28 8.30
C ASP C 205 -2.71 7.91 7.10
N VAL C 206 -2.86 9.22 6.97
CA VAL C 206 -2.26 9.95 5.88
C VAL C 206 -1.79 11.31 6.39
N VAL C 207 -0.60 11.74 5.98
CA VAL C 207 -0.13 13.05 6.38
C VAL C 207 0.06 13.79 5.07
N ALA C 208 -0.63 14.90 4.87
CA ALA C 208 -0.52 15.67 3.63
C ALA C 208 -1.10 17.06 3.78
N GLY C 209 -0.75 17.94 2.86
CA GLY C 209 -1.27 19.29 2.90
C GLY C 209 -1.71 19.66 1.49
N VAL C 210 -2.40 20.79 1.35
CA VAL C 210 -2.85 21.25 0.03
C VAL C 210 -3.08 22.77 0.05
N VAL C 211 -2.79 23.40 -1.08
CA VAL C 211 -3.00 24.82 -1.25
C VAL C 211 -3.88 24.97 -2.48
N ILE C 212 -5.01 25.63 -2.33
CA ILE C 212 -5.93 25.83 -3.43
C ILE C 212 -5.99 27.32 -3.72
N ALA C 213 -5.89 27.67 -4.99
CA ALA C 213 -5.91 29.05 -5.42
C ALA C 213 -7.07 29.40 -6.34
N LYS C 214 -7.50 30.66 -6.28
CA LYS C 214 -8.58 31.15 -7.11
C LYS C 214 -8.01 31.40 -8.51
N ASP C 215 -6.80 31.96 -8.54
CA ASP C 215 -6.14 32.29 -9.80
C ASP C 215 -5.33 31.15 -10.38
N PRO C 216 -5.63 30.74 -11.62
CA PRO C 216 -4.89 29.64 -12.24
C PRO C 216 -3.41 29.95 -12.39
N ASP C 217 -3.07 31.23 -12.49
CA ASP C 217 -1.66 31.63 -12.63
C ASP C 217 -0.94 31.41 -11.32
N VAL C 218 -1.69 31.47 -10.22
CA VAL C 218 -1.14 31.28 -8.90
C VAL C 218 -0.90 29.78 -8.66
N VAL C 219 -1.77 28.96 -9.25
CA VAL C 219 -1.66 27.50 -9.15
C VAL C 219 -0.37 27.06 -9.84
N THR C 220 -0.16 27.56 -11.05
CA THR C 220 1.01 27.25 -11.84
C THR C 220 2.29 27.66 -11.12
N GLU C 221 2.25 28.79 -10.42
CA GLU C 221 3.41 29.26 -9.69
C GLU C 221 3.65 28.49 -8.41
N LEU C 222 2.59 28.09 -7.72
CA LEU C 222 2.75 27.30 -6.49
C LEU C 222 3.29 25.93 -6.88
N ALA C 223 2.83 25.43 -8.03
CA ALA C 223 3.27 24.13 -8.53
C ALA C 223 4.76 24.17 -8.90
N TRP C 224 5.19 25.23 -9.56
CA TRP C 224 6.58 25.34 -9.92
C TRP C 224 7.46 25.35 -8.67
N TRP C 225 7.05 26.12 -7.68
CA TRP C 225 7.83 26.21 -6.45
C TRP C 225 7.80 24.93 -5.63
N ALA C 226 6.67 24.22 -5.62
CA ALA C 226 6.58 22.97 -4.85
C ALA C 226 7.56 21.94 -5.41
N ASN C 227 7.72 21.94 -6.74
CA ASN C 227 8.64 21.01 -7.37
C ASN C 227 10.07 21.44 -7.05
N ASN C 228 10.28 22.76 -7.09
CA ASN C 228 11.59 23.39 -6.86
C ASN C 228 12.21 23.09 -5.47
N ILE C 229 11.42 23.29 -4.41
CA ILE C 229 11.89 23.05 -3.06
C ILE C 229 11.59 21.63 -2.58
N GLY C 230 10.91 20.87 -3.43
CA GLY C 230 10.63 19.48 -3.15
C GLY C 230 9.52 19.09 -2.21
N VAL C 231 8.44 19.87 -2.13
CA VAL C 231 7.37 19.53 -1.19
C VAL C 231 6.08 18.90 -1.72
N THR C 232 6.09 18.38 -2.94
CA THR C 232 4.90 17.76 -3.49
C THR C 232 4.59 16.47 -2.71
N GLY C 233 3.32 16.18 -2.51
CA GLY C 233 2.95 14.99 -1.75
C GLY C 233 3.11 13.69 -2.50
N GLY C 234 3.17 12.58 -1.77
CA GLY C 234 3.32 11.28 -2.39
C GLY C 234 2.11 10.72 -3.13
N ALA C 235 2.37 9.78 -4.03
CA ALA C 235 1.30 9.14 -4.82
C ALA C 235 0.44 8.23 -3.96
N PHE C 236 1.04 7.49 -3.03
CA PHE C 236 0.28 6.60 -2.19
C PHE C 236 -0.63 7.40 -1.27
N ASP C 237 -0.08 8.46 -0.68
CA ASP C 237 -0.86 9.32 0.21
C ASP C 237 -1.99 9.95 -0.59
N SER C 238 -1.72 10.29 -1.86
CA SER C 238 -2.71 10.90 -2.74
C SER C 238 -3.87 9.95 -2.89
N TYR C 239 -3.55 8.68 -3.01
CA TYR C 239 -4.57 7.67 -3.17
C TYR C 239 -5.46 7.53 -1.94
N LEU C 240 -4.85 7.32 -0.79
CA LEU C 240 -5.60 7.16 0.44
C LEU C 240 -6.38 8.43 0.80
N LEU C 241 -5.85 9.60 0.45
CA LEU C 241 -6.51 10.88 0.72
C LEU C 241 -7.81 10.94 -0.07
N LEU C 242 -7.72 10.74 -1.38
CA LEU C 242 -8.89 10.76 -2.24
C LEU C 242 -9.92 9.75 -1.73
N ARG C 243 -9.46 8.61 -1.25
CA ARG C 243 -10.36 7.60 -0.73
C ARG C 243 -11.11 8.17 0.49
N GLY C 244 -10.38 8.83 1.39
CA GLY C 244 -10.99 9.41 2.59
C GLY C 244 -11.99 10.52 2.24
N LEU C 245 -11.68 11.25 1.19
CA LEU C 245 -12.50 12.34 0.68
C LEU C 245 -13.90 11.88 0.27
N ARG C 246 -14.01 10.63 -0.19
CA ARG C 246 -15.30 10.10 -0.65
C ARG C 246 -16.39 10.21 0.41
N THR C 247 -16.01 10.16 1.68
CA THR C 247 -17.01 10.25 2.74
C THR C 247 -16.95 11.54 3.56
N LEU C 248 -16.26 12.55 3.03
CA LEU C 248 -16.14 13.80 3.75
C LEU C 248 -17.46 14.41 4.23
N VAL C 249 -18.44 14.54 3.33
CA VAL C 249 -19.72 15.14 3.71
C VAL C 249 -20.47 14.35 4.77
N PRO C 250 -20.68 13.04 4.54
CA PRO C 250 -21.37 12.32 5.60
C PRO C 250 -20.58 12.34 6.92
N ARG C 251 -19.25 12.26 6.83
CA ARG C 251 -18.45 12.27 8.04
C ARG C 251 -18.59 13.59 8.81
N MET C 252 -18.47 14.71 8.11
CA MET C 252 -18.57 16.02 8.76
C MET C 252 -19.97 16.25 9.35
N GLU C 253 -21.00 15.85 8.61
CA GLU C 253 -22.39 15.98 9.07
C GLU C 253 -22.63 15.21 10.37
N LEU C 254 -22.25 13.95 10.40
CA LEU C 254 -22.44 13.14 11.59
C LEU C 254 -21.55 13.61 12.74
N ALA C 255 -20.29 13.93 12.46
CA ALA C 255 -19.40 14.39 13.54
C ALA C 255 -19.91 15.69 14.17
N GLN C 256 -20.41 16.61 13.34
CA GLN C 256 -20.94 17.90 13.80
C GLN C 256 -22.15 17.67 14.70
N ARG C 257 -23.03 16.77 14.27
CA ARG C 257 -24.22 16.42 15.03
C ARG C 257 -23.81 15.89 16.41
N ASN C 258 -22.81 15.02 16.45
CA ASN C 258 -22.36 14.46 17.72
C ASN C 258 -21.74 15.55 18.58
N ALA C 259 -21.10 16.52 17.94
CA ALA C 259 -20.47 17.60 18.68
C ALA C 259 -21.58 18.44 19.33
N GLN C 260 -22.59 18.75 18.55
CA GLN C 260 -23.72 19.53 19.04
C GLN C 260 -24.37 18.83 20.23
N ALA C 261 -24.52 17.51 20.10
CA ALA C 261 -25.13 16.72 21.15
C ALA C 261 -24.27 16.72 22.40
N ILE C 262 -22.94 16.74 22.23
CA ILE C 262 -22.02 16.73 23.36
C ILE C 262 -22.00 18.06 24.11
N VAL C 263 -22.17 19.14 23.37
CA VAL C 263 -22.18 20.48 23.94
C VAL C 263 -23.36 20.49 24.93
N LYS C 264 -24.54 20.16 24.41
CA LYS C 264 -25.77 20.10 25.21
C LYS C 264 -25.52 19.38 26.53
N TYR C 265 -25.06 18.15 26.44
CA TYR C 265 -24.78 17.38 27.64
C TYR C 265 -23.82 18.14 28.53
N LEU C 266 -22.78 18.72 27.94
CA LEU C 266 -21.83 19.43 28.76
C LEU C 266 -22.45 20.64 29.44
N GLN C 267 -23.49 21.20 28.83
CA GLN C 267 -24.20 22.35 29.37
C GLN C 267 -25.05 22.01 30.60
N THR C 268 -24.73 20.90 31.27
CA THR C 268 -25.46 20.49 32.45
C THR C 268 -24.45 20.00 33.50
N GLN C 269 -23.18 20.07 33.13
CA GLN C 269 -22.15 19.60 34.03
C GLN C 269 -21.70 20.61 35.05
N PRO C 270 -22.06 20.39 36.32
CA PRO C 270 -21.63 21.35 37.33
C PRO C 270 -20.10 21.43 37.32
N LEU C 271 -19.46 20.43 36.72
CA LEU C 271 -18.01 20.40 36.65
C LEU C 271 -17.41 21.08 35.44
N VAL C 272 -18.26 21.49 34.51
CA VAL C 272 -17.81 22.20 33.32
C VAL C 272 -17.82 23.70 33.68
N LYS C 273 -16.65 24.24 33.99
CA LYS C 273 -16.46 25.63 34.38
C LYS C 273 -16.68 26.63 33.24
N LYS C 274 -16.46 26.16 32.01
CA LYS C 274 -16.63 27.00 30.83
C LYS C 274 -16.68 26.08 29.59
N LEU C 275 -17.44 26.47 28.59
CA LEU C 275 -17.60 25.66 27.41
C LEU C 275 -17.38 26.47 26.14
N TYR C 276 -16.72 25.87 25.16
CA TYR C 276 -16.46 26.56 23.90
C TYR C 276 -16.91 25.76 22.68
N HIS C 277 -17.60 26.45 21.78
CA HIS C 277 -18.09 25.91 20.52
C HIS C 277 -18.67 27.10 19.74
N PRO C 278 -18.40 27.17 18.42
CA PRO C 278 -18.95 28.31 17.68
C PRO C 278 -20.46 28.47 17.69
N SER C 279 -21.19 27.42 18.08
CA SER C 279 -22.65 27.49 18.07
C SER C 279 -23.24 28.23 19.28
N LEU C 280 -22.48 28.29 20.37
CA LEU C 280 -22.92 28.99 21.57
C LEU C 280 -22.94 30.50 21.34
N PRO C 281 -24.02 31.17 21.81
CA PRO C 281 -24.18 32.63 21.67
C PRO C 281 -23.10 33.48 22.36
N GLU C 282 -22.51 32.94 23.43
CA GLU C 282 -21.47 33.65 24.17
C GLU C 282 -20.06 33.36 23.67
N ASN C 283 -19.97 32.63 22.56
CA ASN C 283 -18.69 32.27 21.98
C ASN C 283 -18.14 33.37 21.06
N GLN C 284 -16.90 33.77 21.33
CA GLN C 284 -16.25 34.81 20.53
C GLN C 284 -16.48 34.62 19.06
N GLY C 285 -17.06 35.63 18.41
CA GLY C 285 -17.29 35.57 16.98
C GLY C 285 -18.44 34.70 16.54
N HIS C 286 -19.26 34.25 17.51
CA HIS C 286 -20.40 33.39 17.18
C HIS C 286 -21.28 33.89 16.01
N GLU C 287 -21.64 35.18 16.02
CA GLU C 287 -22.48 35.73 14.95
C GLU C 287 -21.82 35.67 13.58
N ILE C 288 -20.53 35.97 13.52
CA ILE C 288 -19.80 35.93 12.26
C ILE C 288 -19.84 34.48 11.80
N ALA C 289 -19.61 33.58 12.76
CA ALA C 289 -19.62 32.14 12.51
C ALA C 289 -20.92 31.73 11.84
N ALA C 290 -22.03 32.16 12.42
CA ALA C 290 -23.35 31.83 11.89
C ALA C 290 -23.54 32.37 10.49
N ARG C 291 -22.75 33.35 10.10
CA ARG C 291 -22.88 33.96 8.79
C ARG C 291 -21.94 33.43 7.71
N GLN C 292 -20.69 33.17 8.08
CA GLN C 292 -19.70 32.71 7.11
C GLN C 292 -19.48 31.19 7.09
N GLN C 293 -19.90 30.50 8.14
CA GLN C 293 -19.73 29.05 8.18
C GLN C 293 -20.98 28.38 7.63
N LYS C 294 -20.85 27.09 7.34
CA LYS C 294 -21.96 26.29 6.83
C LYS C 294 -22.46 25.39 7.96
N GLY C 295 -21.71 25.40 9.05
CA GLY C 295 -22.04 24.62 10.23
C GLY C 295 -21.09 25.11 11.32
N PHE C 296 -21.41 24.83 12.58
CA PHE C 296 -20.55 25.27 13.68
C PHE C 296 -19.36 24.37 13.99
N GLY C 297 -19.27 23.22 13.33
CA GLY C 297 -18.13 22.33 13.53
C GLY C 297 -18.26 21.16 14.49
N ALA C 298 -17.24 20.29 14.44
CA ALA C 298 -17.19 19.09 15.27
C ALA C 298 -16.16 19.21 16.38
N MET C 299 -15.47 20.36 16.44
CA MET C 299 -14.47 20.60 17.47
C MET C 299 -15.14 21.40 18.57
N LEU C 300 -14.78 21.13 19.82
CA LEU C 300 -15.33 21.84 20.95
C LEU C 300 -14.33 21.68 22.08
N SER C 301 -14.49 22.47 23.13
CA SER C 301 -13.61 22.36 24.30
C SER C 301 -14.35 22.87 25.54
N PHE C 302 -13.85 22.51 26.71
CA PHE C 302 -14.52 22.94 27.92
C PHE C 302 -13.51 22.97 29.04
N GLU C 303 -13.69 23.87 29.99
CA GLU C 303 -12.78 23.94 31.11
C GLU C 303 -13.33 23.07 32.22
N LEU C 304 -12.48 22.24 32.80
CA LEU C 304 -12.91 21.37 33.87
C LEU C 304 -12.79 22.10 35.19
N ASP C 305 -13.94 22.38 35.81
CA ASP C 305 -13.96 23.04 37.10
C ASP C 305 -13.38 22.07 38.10
N GLY C 306 -12.10 22.27 38.43
CA GLY C 306 -11.43 21.39 39.38
C GLY C 306 -9.93 21.49 39.24
N ASP C 307 -9.19 20.58 39.87
CA ASP C 307 -7.73 20.59 39.80
C ASP C 307 -7.15 19.48 38.93
N GLU C 308 -5.83 19.37 38.92
CA GLU C 308 -5.14 18.36 38.12
C GLU C 308 -5.60 16.98 38.52
N GLN C 309 -5.85 16.80 39.80
CA GLN C 309 -6.31 15.52 40.33
C GLN C 309 -7.69 15.28 39.78
N THR C 310 -8.52 16.32 39.80
CA THR C 310 -9.87 16.21 39.26
C THR C 310 -9.76 15.87 37.79
N LEU C 311 -8.70 16.41 37.16
CA LEU C 311 -8.44 16.21 35.75
C LEU C 311 -8.06 14.77 35.43
N ARG C 312 -7.04 14.25 36.12
CA ARG C 312 -6.58 12.89 35.92
C ARG C 312 -7.70 11.89 36.14
N ARG C 313 -8.56 12.18 37.12
CA ARG C 313 -9.68 11.32 37.47
C ARG C 313 -10.69 11.24 36.33
N PHE C 314 -11.11 12.40 35.84
CA PHE C 314 -12.07 12.49 34.76
C PHE C 314 -11.56 11.73 33.53
N LEU C 315 -10.32 12.05 33.13
CA LEU C 315 -9.71 11.42 31.97
C LEU C 315 -9.62 9.91 32.18
N GLY C 316 -9.20 9.51 33.38
CA GLY C 316 -9.06 8.11 33.69
C GLY C 316 -10.37 7.34 33.55
N GLY C 317 -11.49 8.05 33.61
CA GLY C 317 -12.78 7.37 33.52
C GLY C 317 -13.35 7.31 32.11
N LEU C 318 -12.58 7.73 31.13
CA LEU C 318 -13.06 7.70 29.75
C LEU C 318 -12.57 6.44 29.04
N SER C 319 -13.18 6.13 27.90
CA SER C 319 -12.80 4.96 27.13
C SER C 319 -13.22 5.04 25.66
N LEU C 320 -13.91 6.10 25.29
CA LEU C 320 -14.33 6.27 23.90
C LEU C 320 -13.67 7.53 23.34
N PHE C 321 -12.77 8.10 24.13
CA PHE C 321 -12.03 9.29 23.72
C PHE C 321 -10.58 8.94 24.00
N THR C 322 -9.77 8.98 22.95
CA THR C 322 -8.37 8.65 23.07
C THR C 322 -7.57 9.91 23.35
N LEU C 323 -6.73 9.86 24.38
CA LEU C 323 -5.90 11.00 24.71
C LEU C 323 -4.75 11.02 23.69
N ALA C 324 -4.81 11.95 22.75
CA ALA C 324 -3.80 12.04 21.71
C ALA C 324 -3.88 13.37 20.98
N GLU C 325 -2.82 13.72 20.25
CA GLU C 325 -2.77 14.95 19.46
C GLU C 325 -3.55 14.71 18.17
N SER C 326 -3.76 15.80 17.43
CA SER C 326 -4.46 15.78 16.17
C SER C 326 -5.98 15.80 16.32
N LEU C 327 -6.65 15.81 15.17
CA LEU C 327 -8.10 15.87 15.11
C LEU C 327 -8.52 15.56 13.66
N GLY C 328 -9.82 15.51 13.42
CA GLY C 328 -10.30 15.26 12.07
C GLY C 328 -10.64 13.83 11.69
N GLY C 329 -10.19 12.88 12.51
CA GLY C 329 -10.44 11.47 12.24
C GLY C 329 -11.82 10.98 12.62
N VAL C 330 -12.20 9.78 12.15
CA VAL C 330 -13.51 9.23 12.46
C VAL C 330 -13.62 8.84 13.94
N GLU C 331 -12.48 8.64 14.59
CA GLU C 331 -12.48 8.28 15.99
C GLU C 331 -12.38 9.53 16.87
N SER C 332 -13.05 9.50 18.02
CA SER C 332 -13.08 10.62 18.94
C SER C 332 -11.82 10.77 19.76
N LEU C 333 -11.26 11.97 19.78
CA LEU C 333 -10.05 12.24 20.54
C LEU C 333 -10.23 13.39 21.53
N ILE C 334 -9.38 13.42 22.56
CA ILE C 334 -9.43 14.48 23.54
C ILE C 334 -8.00 14.86 23.92
N SER C 335 -7.77 16.15 24.14
CA SER C 335 -6.44 16.62 24.49
C SER C 335 -6.49 17.72 25.55
N HIS C 336 -5.40 17.82 26.30
CA HIS C 336 -5.20 18.79 27.37
C HIS C 336 -4.16 19.80 26.86
N ALA C 337 -4.64 20.91 26.31
CA ALA C 337 -3.78 21.95 25.74
C ALA C 337 -2.54 22.30 26.55
N ALA C 338 -2.72 22.56 27.84
CA ALA C 338 -1.61 22.92 28.70
C ALA C 338 -0.50 21.88 28.69
N THR C 339 -0.89 20.61 28.57
CA THR C 339 0.06 19.52 28.58
C THR C 339 0.45 19.07 27.17
N MET C 340 -0.42 19.31 26.21
CA MET C 340 -0.15 18.89 24.85
C MET C 340 0.02 20.07 23.90
N THR C 341 -1.09 20.48 23.29
CA THR C 341 -1.11 21.59 22.35
C THR C 341 -0.22 22.81 22.69
N HIS C 342 -0.35 23.34 23.90
CA HIS C 342 0.41 24.54 24.27
C HIS C 342 1.40 24.37 25.40
N ALA C 343 1.94 23.18 25.58
CA ALA C 343 2.90 22.94 26.64
C ALA C 343 4.17 23.74 26.38
N GLY C 344 4.25 24.32 25.18
CA GLY C 344 5.41 25.12 24.83
C GLY C 344 5.34 26.56 25.29
N MET C 345 4.28 26.89 26.01
CA MET C 345 4.07 28.25 26.52
C MET C 345 4.31 28.25 28.03
N ALA C 346 4.74 29.38 28.58
CA ALA C 346 4.93 29.49 30.02
C ALA C 346 3.52 29.54 30.57
N PRO C 347 3.29 28.92 31.74
CA PRO C 347 1.96 28.89 32.35
C PRO C 347 1.18 30.22 32.29
N GLU C 348 1.86 31.33 32.58
CA GLU C 348 1.25 32.66 32.58
C GLU C 348 0.92 33.08 31.16
N ALA C 349 1.76 32.64 30.23
CA ALA C 349 1.56 32.97 28.83
C ALA C 349 0.27 32.32 28.37
N ARG C 350 0.09 31.06 28.76
CA ARG C 350 -1.09 30.31 28.39
C ARG C 350 -2.30 31.06 28.94
N ALA C 351 -2.25 31.34 30.23
CA ALA C 351 -3.31 32.08 30.91
C ALA C 351 -3.61 33.39 30.17
N ALA C 352 -2.53 34.06 29.77
CA ALA C 352 -2.65 35.30 29.04
C ALA C 352 -3.45 35.03 27.77
N ALA C 353 -3.15 33.92 27.09
CA ALA C 353 -3.84 33.58 25.85
C ALA C 353 -5.25 33.07 26.07
N GLY C 354 -5.68 33.03 27.33
CA GLY C 354 -7.01 32.56 27.64
C GLY C 354 -7.09 31.04 27.67
N ILE C 355 -5.98 30.39 27.95
CA ILE C 355 -5.94 28.93 27.99
C ILE C 355 -5.77 28.39 29.41
N SER C 356 -6.83 27.75 29.90
CA SER C 356 -6.87 27.18 31.24
C SER C 356 -6.07 25.88 31.43
N GLU C 357 -5.47 25.75 32.60
CA GLU C 357 -4.70 24.58 32.96
C GLU C 357 -5.57 23.34 33.02
N THR C 358 -6.88 23.50 32.90
CA THR C 358 -7.76 22.33 32.93
C THR C 358 -8.70 22.36 31.73
N LEU C 359 -8.26 23.03 30.66
CA LEU C 359 -9.05 23.08 29.44
C LEU C 359 -8.81 21.78 28.65
N LEU C 360 -9.91 21.19 28.17
CA LEU C 360 -9.85 19.94 27.39
C LEU C 360 -10.53 20.15 26.05
N ARG C 361 -9.86 19.74 24.97
CA ARG C 361 -10.44 19.88 23.63
C ARG C 361 -10.89 18.51 23.11
N ILE C 362 -12.05 18.49 22.48
CA ILE C 362 -12.56 17.25 21.93
C ILE C 362 -12.74 17.37 20.42
N SER C 363 -12.16 16.41 19.71
CA SER C 363 -12.29 16.31 18.27
C SER C 363 -13.35 15.24 18.21
N THR C 364 -14.57 15.61 17.82
CA THR C 364 -15.62 14.62 17.82
C THR C 364 -15.59 13.64 16.66
N GLY C 365 -15.67 12.35 16.98
CA GLY C 365 -15.66 11.31 15.97
C GLY C 365 -17.08 10.94 15.56
N ILE C 366 -17.23 9.89 14.76
CA ILE C 366 -18.54 9.48 14.30
C ILE C 366 -19.12 8.24 14.99
N GLU C 367 -18.65 7.96 16.20
CA GLU C 367 -19.18 6.84 16.96
C GLU C 367 -20.61 7.25 17.34
N ASP C 368 -21.27 6.43 18.14
CA ASP C 368 -22.63 6.75 18.54
C ASP C 368 -22.62 7.91 19.55
N GLY C 369 -23.40 8.95 19.26
CA GLY C 369 -23.47 10.10 20.14
C GLY C 369 -23.76 9.71 21.58
N GLU C 370 -24.89 9.03 21.80
CA GLU C 370 -25.26 8.61 23.13
C GLU C 370 -24.11 7.85 23.76
N ASP C 371 -23.44 7.06 22.95
CA ASP C 371 -22.32 6.28 23.43
C ASP C 371 -21.25 7.25 23.91
N LEU C 372 -21.05 8.32 23.14
CA LEU C 372 -20.04 9.31 23.47
C LEU C 372 -20.39 10.12 24.72
N ILE C 373 -21.65 10.51 24.84
CA ILE C 373 -22.13 11.27 25.99
C ILE C 373 -22.04 10.39 27.24
N ALA C 374 -22.50 9.15 27.10
CA ALA C 374 -22.43 8.23 28.21
C ALA C 374 -21.01 8.11 28.71
N ASP C 375 -20.04 7.99 27.80
CA ASP C 375 -18.65 7.86 28.21
C ASP C 375 -18.21 9.04 29.06
N LEU C 376 -18.60 10.24 28.62
CA LEU C 376 -18.25 11.45 29.35
C LEU C 376 -18.87 11.36 30.76
N GLU C 377 -20.09 10.83 30.80
CA GLU C 377 -20.81 10.65 32.06
C GLU C 377 -19.90 9.98 33.08
N ASN C 378 -19.32 8.86 32.72
CA ASN C 378 -18.47 8.16 33.66
C ASN C 378 -17.23 8.99 34.01
N GLY C 379 -16.75 9.80 33.07
CA GLY C 379 -15.59 10.60 33.32
C GLY C 379 -15.81 11.56 34.48
N PHE C 380 -16.92 12.29 34.40
CA PHE C 380 -17.26 13.24 35.43
C PHE C 380 -17.53 12.55 36.76
N ARG C 381 -18.22 11.41 36.73
CA ARG C 381 -18.53 10.66 37.93
C ARG C 381 -17.26 10.46 38.75
N ALA C 382 -16.17 10.18 38.05
CA ALA C 382 -14.89 9.96 38.71
C ALA C 382 -14.25 11.28 39.13
N ALA C 383 -14.45 12.31 38.31
CA ALA C 383 -13.91 13.63 38.60
C ALA C 383 -14.31 14.00 40.03
N ASN C 384 -15.57 13.71 40.36
CA ASN C 384 -16.13 13.99 41.68
C ASN C 384 -15.48 13.13 42.76
N LYS C 385 -15.76 11.84 42.72
CA LYS C 385 -15.24 10.88 43.69
C LYS C 385 -13.94 11.36 44.34
N GLY C 386 -13.94 11.38 45.68
CA GLY C 386 -12.77 11.82 46.42
C GLY C 386 -11.45 11.35 45.85
N ARG D 3 16.28 -13.32 -24.92
CA ARG D 3 15.92 -12.74 -23.57
C ARG D 3 16.19 -13.74 -22.43
N LYS D 4 17.27 -13.50 -21.70
CA LYS D 4 17.66 -14.37 -20.58
C LYS D 4 16.74 -14.09 -19.41
N GLN D 5 16.73 -14.97 -18.42
CA GLN D 5 15.85 -14.80 -17.28
C GLN D 5 16.08 -13.51 -16.49
N ALA D 6 17.32 -13.04 -16.41
CA ALA D 6 17.58 -11.80 -15.68
C ALA D 6 16.89 -10.65 -16.42
N THR D 7 16.89 -10.69 -17.75
CA THR D 7 16.25 -9.65 -18.54
C THR D 7 14.73 -9.71 -18.39
N ILE D 8 14.17 -10.92 -18.40
CA ILE D 8 12.71 -11.11 -18.25
C ILE D 8 12.21 -10.61 -16.87
N ALA D 9 12.83 -11.11 -15.80
CA ALA D 9 12.46 -10.75 -14.44
C ALA D 9 12.44 -9.24 -14.22
N VAL D 10 13.42 -8.55 -14.80
CA VAL D 10 13.54 -7.10 -14.64
C VAL D 10 12.63 -6.25 -15.51
N ARG D 11 12.39 -6.68 -16.74
CA ARG D 11 11.63 -5.85 -17.65
C ARG D 11 10.20 -6.25 -17.99
N SER D 12 9.84 -7.50 -17.72
CA SER D 12 8.49 -7.93 -18.03
C SER D 12 7.45 -6.99 -17.36
N GLY D 13 6.51 -6.47 -18.16
CA GLY D 13 5.47 -5.59 -17.65
C GLY D 13 5.84 -4.10 -17.58
N LEU D 14 7.11 -3.80 -17.78
CA LEU D 14 7.56 -2.42 -17.75
C LEU D 14 6.86 -1.63 -18.86
N ASN D 15 6.51 -0.37 -18.57
CA ASN D 15 5.90 0.50 -19.56
C ASN D 15 4.53 0.02 -20.06
N ASP D 16 3.88 -0.81 -19.24
CA ASP D 16 2.55 -1.34 -19.58
C ASP D 16 1.52 -0.22 -19.69
N ASP D 17 1.70 0.82 -18.87
CA ASP D 17 0.79 1.96 -18.86
C ASP D 17 0.92 2.83 -20.11
N GLU D 18 -0.09 2.73 -20.97
CA GLU D 18 -0.14 3.47 -22.22
C GLU D 18 -0.80 4.83 -22.02
N GLN D 19 -1.47 5.03 -20.88
CA GLN D 19 -2.13 6.30 -20.63
C GLN D 19 -1.22 7.39 -20.09
N TYR D 20 -0.36 7.07 -19.13
CA TYR D 20 0.53 8.09 -18.58
C TYR D 20 2.01 7.82 -18.89
N GLY D 21 2.29 6.65 -19.44
CA GLY D 21 3.66 6.31 -19.76
C GLY D 21 4.51 5.89 -18.56
N CYS D 22 3.86 5.64 -17.43
CA CYS D 22 4.59 5.21 -16.23
C CYS D 22 5.54 4.08 -16.61
N VAL D 23 6.76 4.11 -16.10
CA VAL D 23 7.70 3.02 -16.37
C VAL D 23 7.23 1.82 -15.54
N VAL D 24 7.09 2.01 -14.23
CA VAL D 24 6.61 0.95 -13.35
C VAL D 24 5.07 0.93 -13.44
N PRO D 25 4.46 -0.23 -13.69
CA PRO D 25 3.00 -0.29 -13.79
C PRO D 25 2.29 0.11 -12.48
N PRO D 26 1.21 0.89 -12.56
CA PRO D 26 0.47 1.31 -11.37
C PRO D 26 -0.30 0.15 -10.75
N ILE D 27 -0.68 0.30 -9.49
CA ILE D 27 -1.42 -0.74 -8.77
C ILE D 27 -2.92 -0.60 -9.02
N HIS D 28 -3.52 -1.58 -9.69
CA HIS D 28 -4.95 -1.54 -9.97
C HIS D 28 -5.76 -2.23 -8.86
N LEU D 29 -6.14 -1.46 -7.84
CA LEU D 29 -6.93 -1.97 -6.73
C LEU D 29 -8.43 -2.08 -7.07
N SER D 30 -8.86 -1.33 -8.09
CA SER D 30 -10.27 -1.31 -8.49
C SER D 30 -10.92 -2.68 -8.64
N SER D 31 -12.01 -2.91 -7.90
CA SER D 31 -12.71 -4.20 -7.95
C SER D 31 -13.67 -4.30 -9.15
N THR D 32 -14.03 -3.16 -9.72
CA THR D 32 -14.93 -3.17 -10.85
C THR D 32 -14.47 -2.28 -12.01
N TYR D 33 -14.94 -2.60 -13.21
CA TYR D 33 -14.59 -1.87 -14.42
C TYR D 33 -15.85 -1.45 -15.16
N ASN D 34 -15.82 -0.31 -15.83
CA ASN D 34 -16.99 0.15 -16.56
C ASN D 34 -17.00 -0.46 -17.97
N PHE D 35 -18.16 -0.44 -18.62
CA PHE D 35 -18.30 -0.94 -19.98
C PHE D 35 -18.06 0.27 -20.89
N THR D 36 -17.44 0.06 -22.04
CA THR D 36 -17.21 1.17 -22.96
C THR D 36 -18.55 1.57 -23.59
N GLY D 37 -19.62 0.97 -23.10
CA GLY D 37 -20.96 1.25 -23.62
C GLY D 37 -21.87 0.09 -23.27
N PHE D 38 -23.13 0.17 -23.66
CA PHE D 38 -24.08 -0.91 -23.37
C PHE D 38 -23.67 -2.18 -24.10
N ASN D 39 -23.36 -3.22 -23.32
CA ASN D 39 -22.93 -4.51 -23.86
C ASN D 39 -21.55 -4.42 -24.51
N GLU D 40 -20.80 -3.39 -24.14
CA GLU D 40 -19.45 -3.18 -24.65
C GLU D 40 -18.48 -3.27 -23.48
N PRO D 41 -18.40 -4.44 -22.82
CA PRO D 41 -17.48 -4.55 -21.69
C PRO D 41 -16.03 -4.49 -22.19
N ARG D 42 -15.09 -4.36 -21.26
CA ARG D 42 -13.68 -4.29 -21.60
C ARG D 42 -13.02 -5.62 -21.30
N ALA D 43 -11.71 -5.68 -21.51
CA ALA D 43 -10.95 -6.90 -21.24
C ALA D 43 -11.25 -7.38 -19.81
N HIS D 44 -11.45 -6.43 -18.91
CA HIS D 44 -11.77 -6.73 -17.52
C HIS D 44 -13.14 -6.17 -17.19
N ASP D 45 -13.91 -6.92 -16.42
CA ASP D 45 -15.26 -6.53 -16.01
C ASP D 45 -15.44 -6.70 -14.50
N TYR D 46 -14.71 -7.66 -13.94
CA TYR D 46 -14.75 -7.89 -12.50
C TYR D 46 -13.39 -8.35 -12.04
N SER D 47 -12.78 -7.57 -11.14
CA SER D 47 -11.46 -7.85 -10.61
C SER D 47 -11.23 -9.27 -10.05
N ARG D 48 -12.26 -9.86 -9.45
CA ARG D 48 -12.14 -11.21 -8.90
C ARG D 48 -11.91 -12.19 -10.06
N ARG D 49 -12.32 -11.76 -11.25
CA ARG D 49 -12.17 -12.55 -12.47
C ARG D 49 -10.85 -12.17 -13.15
N GLY D 50 -10.75 -10.92 -13.61
CA GLY D 50 -9.54 -10.46 -14.26
C GLY D 50 -9.08 -9.11 -13.71
N ASN D 51 -7.79 -8.97 -13.44
CA ASN D 51 -7.24 -7.73 -12.90
C ASN D 51 -5.99 -7.35 -13.70
N PRO D 52 -5.85 -6.07 -14.12
CA PRO D 52 -4.67 -5.65 -14.88
C PRO D 52 -3.31 -5.89 -14.23
N THR D 53 -3.21 -5.64 -12.93
CA THR D 53 -1.95 -5.83 -12.23
C THR D 53 -1.65 -7.33 -12.05
N ARG D 54 -2.68 -8.12 -11.78
CA ARG D 54 -2.45 -9.56 -11.65
C ARG D 54 -1.99 -10.11 -13.01
N ASP D 55 -2.56 -9.57 -14.11
CA ASP D 55 -2.19 -10.01 -15.46
C ASP D 55 -0.68 -9.85 -15.73
N VAL D 56 -0.14 -8.70 -15.39
CA VAL D 56 1.27 -8.40 -15.61
C VAL D 56 2.15 -9.41 -14.88
N VAL D 57 1.91 -9.61 -13.60
CA VAL D 57 2.77 -10.55 -12.89
C VAL D 57 2.58 -11.99 -13.39
N GLN D 58 1.36 -12.33 -13.80
CA GLN D 58 1.11 -13.65 -14.33
C GLN D 58 1.96 -13.87 -15.59
N ARG D 59 1.97 -12.86 -16.47
CA ARG D 59 2.77 -12.97 -17.69
C ARG D 59 4.25 -13.11 -17.35
N ALA D 60 4.72 -12.38 -16.34
CA ALA D 60 6.13 -12.46 -15.96
C ALA D 60 6.49 -13.85 -15.43
N LEU D 61 5.64 -14.38 -14.55
CA LEU D 61 5.90 -15.69 -13.99
C LEU D 61 5.86 -16.74 -15.08
N ALA D 62 4.90 -16.63 -16.00
CA ALA D 62 4.79 -17.58 -17.11
C ALA D 62 6.04 -17.59 -17.95
N GLU D 63 6.55 -16.39 -18.27
CA GLU D 63 7.75 -16.26 -19.08
C GLU D 63 8.99 -16.83 -18.42
N LEU D 64 9.14 -16.65 -17.10
CA LEU D 64 10.32 -17.16 -16.39
C LEU D 64 10.36 -18.70 -16.35
N GLU D 65 9.21 -19.37 -16.49
CA GLU D 65 9.17 -20.84 -16.48
C GLU D 65 8.96 -21.38 -17.88
N GLY D 66 8.82 -20.50 -18.86
CA GLY D 66 8.63 -20.93 -20.22
C GLY D 66 7.24 -21.51 -20.48
N GLY D 67 6.26 -21.08 -19.69
CA GLY D 67 4.91 -21.57 -19.85
C GLY D 67 4.06 -20.71 -20.77
N ALA D 68 2.88 -21.18 -21.15
CA ALA D 68 2.00 -20.38 -22.00
C ALA D 68 1.35 -19.25 -21.19
N GLY D 69 0.98 -19.54 -19.95
CA GLY D 69 0.35 -18.54 -19.10
C GLY D 69 0.37 -18.99 -17.65
N ALA D 70 -0.08 -18.12 -16.76
CA ALA D 70 -0.09 -18.44 -15.33
C ALA D 70 -1.35 -17.89 -14.66
N VAL D 71 -1.70 -18.53 -13.55
CA VAL D 71 -2.84 -18.11 -12.74
C VAL D 71 -2.27 -17.85 -11.36
N LEU D 72 -2.37 -16.59 -10.93
CA LEU D 72 -1.87 -16.22 -9.61
C LEU D 72 -2.98 -16.46 -8.61
N THR D 73 -2.67 -17.20 -7.55
CA THR D 73 -3.64 -17.47 -6.50
C THR D 73 -3.28 -16.70 -5.22
N ASN D 74 -4.19 -16.67 -4.24
CA ASN D 74 -3.95 -15.92 -3.01
C ASN D 74 -2.93 -16.55 -2.05
N THR D 75 -2.69 -17.86 -2.21
CA THR D 75 -1.67 -18.56 -1.43
C THR D 75 -1.10 -19.72 -2.25
N GLY D 76 0.07 -20.21 -1.83
CA GLY D 76 0.67 -21.35 -2.48
C GLY D 76 -0.26 -22.55 -2.25
N MET D 77 -0.89 -22.60 -1.09
CA MET D 77 -1.80 -23.70 -0.79
C MET D 77 -3.03 -23.70 -1.68
N SER D 78 -3.54 -22.53 -2.01
CA SER D 78 -4.72 -22.46 -2.87
C SER D 78 -4.35 -22.76 -4.32
N ALA D 79 -3.07 -22.58 -4.66
CA ALA D 79 -2.60 -22.93 -6.02
C ALA D 79 -2.61 -24.45 -6.09
N ILE D 80 -2.17 -25.09 -4.99
CA ILE D 80 -2.16 -26.53 -4.90
C ILE D 80 -3.62 -27.03 -4.87
N HIS D 81 -4.48 -26.34 -4.10
CA HIS D 81 -5.89 -26.70 -4.01
C HIS D 81 -6.61 -26.48 -5.36
N LEU D 82 -6.17 -25.48 -6.10
CA LEU D 82 -6.77 -25.19 -7.41
C LEU D 82 -6.44 -26.32 -8.41
N VAL D 83 -5.18 -26.76 -8.44
CA VAL D 83 -4.81 -27.80 -9.38
C VAL D 83 -5.52 -29.11 -9.06
N THR D 84 -5.56 -29.50 -7.78
CA THR D 84 -6.24 -30.73 -7.42
C THR D 84 -7.75 -30.60 -7.64
N THR D 85 -8.29 -29.40 -7.51
CA THR D 85 -9.73 -29.22 -7.72
C THR D 85 -10.06 -29.40 -9.20
N VAL D 86 -9.21 -28.87 -10.08
CA VAL D 86 -9.43 -28.97 -11.53
C VAL D 86 -9.24 -30.39 -12.07
N PHE D 87 -8.22 -31.11 -11.61
CA PHE D 87 -7.95 -32.45 -12.15
C PHE D 87 -8.44 -33.68 -11.39
N LEU D 88 -9.07 -33.48 -10.23
CA LEU D 88 -9.59 -34.60 -9.44
C LEU D 88 -11.05 -34.39 -9.00
N LYS D 89 -11.80 -35.49 -8.98
CA LYS D 89 -13.18 -35.45 -8.51
C LYS D 89 -13.36 -36.80 -7.85
N PRO D 90 -14.46 -37.00 -7.10
CA PRO D 90 -14.58 -38.30 -6.47
C PRO D 90 -14.30 -39.51 -7.37
N GLY D 91 -13.50 -40.43 -6.85
CA GLY D 91 -13.12 -41.63 -7.59
C GLY D 91 -11.75 -41.51 -8.24
N ASP D 92 -11.30 -40.30 -8.52
CA ASP D 92 -10.01 -40.07 -9.16
C ASP D 92 -8.87 -40.23 -8.19
N LEU D 93 -7.68 -40.53 -8.71
CA LEU D 93 -6.51 -40.77 -7.89
C LEU D 93 -5.41 -39.75 -8.09
N LEU D 94 -4.79 -39.36 -6.99
CA LEU D 94 -3.68 -38.43 -6.98
C LEU D 94 -2.48 -39.19 -6.42
N VAL D 95 -1.35 -39.07 -7.09
CA VAL D 95 -0.13 -39.70 -6.60
C VAL D 95 0.71 -38.49 -6.19
N ALA D 96 1.13 -38.47 -4.93
CA ALA D 96 1.92 -37.35 -4.39
C ALA D 96 3.20 -37.87 -3.75
N PRO D 97 4.21 -37.01 -3.55
CA PRO D 97 5.47 -37.43 -2.94
C PRO D 97 5.30 -37.86 -1.49
N HIS D 98 5.93 -38.96 -1.13
CA HIS D 98 5.85 -39.45 0.23
C HIS D 98 6.43 -38.45 1.22
N ASP D 99 7.30 -37.56 0.75
CA ASP D 99 7.93 -36.57 1.63
C ASP D 99 7.60 -35.13 1.22
N CYS D 100 6.42 -34.92 0.64
CA CYS D 100 6.07 -33.59 0.19
C CYS D 100 5.85 -32.61 1.34
N TYR D 101 5.63 -31.35 0.96
CA TYR D 101 5.39 -30.27 1.90
C TYR D 101 4.26 -30.61 2.88
N GLY D 102 4.49 -30.36 4.16
CA GLY D 102 3.46 -30.65 5.15
C GLY D 102 2.06 -30.14 4.82
N GLY D 103 1.94 -28.91 4.32
CA GLY D 103 0.63 -28.37 4.01
C GLY D 103 -0.03 -29.20 2.93
N SER D 104 0.79 -29.69 2.00
CA SER D 104 0.27 -30.49 0.89
C SER D 104 -0.22 -31.83 1.42
N TYR D 105 0.56 -32.45 2.28
CA TYR D 105 0.16 -33.72 2.84
C TYR D 105 -1.20 -33.57 3.54
N ARG D 106 -1.27 -32.61 4.45
CA ARG D 106 -2.47 -32.33 5.24
C ARG D 106 -3.69 -32.08 4.35
N LEU D 107 -3.49 -31.30 3.31
CA LEU D 107 -4.60 -31.03 2.41
C LEU D 107 -5.09 -32.31 1.76
N PHE D 108 -4.20 -33.04 1.09
CA PHE D 108 -4.62 -34.27 0.41
C PHE D 108 -5.22 -35.27 1.37
N ASP D 109 -4.60 -35.45 2.52
CA ASP D 109 -5.10 -36.40 3.52
C ASP D 109 -6.50 -36.03 3.99
N SER D 110 -6.65 -34.79 4.43
CA SER D 110 -7.93 -34.33 4.92
C SER D 110 -9.06 -34.53 3.91
N LEU D 111 -8.83 -34.22 2.63
CA LEU D 111 -9.91 -34.38 1.66
C LEU D 111 -10.11 -35.82 1.15
N ALA D 112 -9.04 -36.61 1.10
CA ALA D 112 -9.17 -38.00 0.66
C ALA D 112 -9.99 -38.75 1.69
N LYS D 113 -9.79 -38.40 2.98
CA LYS D 113 -10.52 -39.03 4.08
C LYS D 113 -12.02 -38.75 4.03
N ARG D 114 -12.42 -37.70 3.35
CA ARG D 114 -13.83 -37.34 3.19
C ARG D 114 -14.38 -37.94 1.88
N GLY D 115 -13.49 -38.57 1.11
CA GLY D 115 -13.86 -39.18 -0.15
C GLY D 115 -13.84 -38.24 -1.33
N CYS D 116 -13.23 -37.08 -1.17
CA CYS D 116 -13.20 -36.11 -2.24
C CYS D 116 -12.40 -36.60 -3.44
N TYR D 117 -11.46 -37.49 -3.17
CA TYR D 117 -10.61 -38.11 -4.17
C TYR D 117 -9.72 -39.09 -3.41
N ARG D 118 -8.96 -39.90 -4.15
CA ARG D 118 -8.07 -40.85 -3.55
C ARG D 118 -6.64 -40.29 -3.63
N VAL D 119 -5.80 -40.60 -2.65
CA VAL D 119 -4.42 -40.14 -2.69
C VAL D 119 -3.46 -41.29 -2.38
N LEU D 120 -2.31 -41.25 -3.04
CA LEU D 120 -1.28 -42.26 -2.82
C LEU D 120 0.04 -41.52 -2.63
N PHE D 121 0.63 -41.69 -1.45
CA PHE D 121 1.92 -41.07 -1.12
C PHE D 121 2.96 -42.13 -1.41
N VAL D 122 3.80 -41.82 -2.39
CA VAL D 122 4.83 -42.72 -2.88
C VAL D 122 6.23 -42.17 -2.84
N ASP D 123 7.19 -43.05 -2.61
CA ASP D 123 8.59 -42.66 -2.63
C ASP D 123 8.97 -42.67 -4.12
N GLN D 124 8.85 -41.50 -4.76
CA GLN D 124 9.13 -41.32 -6.18
C GLN D 124 10.58 -41.56 -6.60
N GLY D 125 11.45 -41.79 -5.63
CA GLY D 125 12.84 -42.12 -5.93
C GLY D 125 13.04 -43.62 -6.03
N ASP D 126 11.97 -44.37 -5.75
CA ASP D 126 12.00 -45.82 -5.82
C ASP D 126 11.26 -46.28 -7.08
N GLU D 127 11.99 -46.84 -8.03
CA GLU D 127 11.39 -47.28 -9.29
C GLU D 127 10.18 -48.22 -9.13
N GLN D 128 10.31 -49.21 -8.25
CA GLN D 128 9.24 -50.18 -8.06
C GLN D 128 7.98 -49.50 -7.55
N ALA D 129 8.10 -48.79 -6.44
CA ALA D 129 6.97 -48.10 -5.85
C ALA D 129 6.35 -47.04 -6.80
N LEU D 130 7.21 -46.28 -7.48
CA LEU D 130 6.74 -45.25 -8.39
C LEU D 130 5.92 -45.81 -9.54
N ARG D 131 6.44 -46.86 -10.17
CA ARG D 131 5.78 -47.47 -11.30
C ARG D 131 4.49 -48.22 -10.91
N ALA D 132 4.46 -48.80 -9.72
CA ALA D 132 3.27 -49.48 -9.24
C ALA D 132 2.16 -48.44 -9.01
N ALA D 133 2.54 -47.25 -8.54
CA ALA D 133 1.57 -46.18 -8.30
C ALA D 133 0.99 -45.68 -9.61
N LEU D 134 1.84 -45.45 -10.60
CA LEU D 134 1.38 -44.96 -11.91
C LEU D 134 0.47 -45.96 -12.61
N ALA D 135 0.66 -47.25 -12.30
CA ALA D 135 -0.15 -48.33 -12.87
C ALA D 135 -1.58 -48.25 -12.32
N GLU D 136 -1.75 -47.53 -11.21
CA GLU D 136 -3.06 -47.35 -10.62
C GLU D 136 -3.85 -46.32 -11.42
N LYS D 137 -3.18 -45.76 -12.43
CA LYS D 137 -3.79 -44.78 -13.34
C LYS D 137 -4.32 -43.49 -12.71
N PRO D 138 -3.44 -42.74 -12.02
CA PRO D 138 -3.88 -41.49 -11.41
C PRO D 138 -4.22 -40.45 -12.48
N LYS D 139 -5.03 -39.47 -12.13
CA LYS D 139 -5.37 -38.42 -13.08
C LYS D 139 -4.30 -37.32 -12.91
N LEU D 140 -3.68 -37.29 -11.72
CA LEU D 140 -2.69 -36.29 -11.37
C LEU D 140 -1.51 -36.83 -10.57
N VAL D 141 -0.31 -36.33 -10.93
CA VAL D 141 0.91 -36.71 -10.26
C VAL D 141 1.64 -35.43 -9.81
N LEU D 142 1.83 -35.29 -8.50
CA LEU D 142 2.52 -34.14 -7.94
C LEU D 142 3.96 -34.54 -7.64
N VAL D 143 4.92 -33.72 -8.08
CA VAL D 143 6.34 -33.96 -7.84
C VAL D 143 6.82 -32.72 -7.11
N GLU D 144 7.67 -32.90 -6.11
CA GLU D 144 8.22 -31.78 -5.35
C GLU D 144 9.69 -32.10 -5.10
N SER D 145 10.56 -31.39 -5.83
CA SER D 145 12.00 -31.59 -5.75
C SER D 145 12.80 -30.29 -5.86
N PRO D 146 13.77 -30.07 -4.95
CA PRO D 146 14.19 -30.91 -3.82
C PRO D 146 13.15 -30.94 -2.70
N SER D 147 13.23 -31.95 -1.84
CA SER D 147 12.27 -32.07 -0.73
C SER D 147 12.78 -31.38 0.54
N ASN D 148 11.85 -31.12 1.44
CA ASN D 148 12.15 -30.44 2.70
C ASN D 148 12.00 -31.48 3.80
N PRO D 149 12.92 -31.51 4.79
CA PRO D 149 14.12 -30.71 5.06
C PRO D 149 15.44 -31.40 4.69
N LEU D 150 15.37 -32.58 4.06
CA LEU D 150 16.57 -33.34 3.70
C LEU D 150 17.13 -33.04 2.30
N LEU D 151 16.40 -32.23 1.54
CA LEU D 151 16.83 -31.83 0.21
C LEU D 151 17.00 -32.96 -0.77
N ARG D 152 16.20 -34.01 -0.63
CA ARG D 152 16.28 -35.15 -1.53
C ARG D 152 15.72 -34.73 -2.88
N VAL D 153 16.32 -35.25 -3.93
CA VAL D 153 15.94 -34.92 -5.30
C VAL D 153 15.48 -36.15 -6.11
N VAL D 154 14.41 -35.96 -6.87
CA VAL D 154 13.90 -37.03 -7.70
C VAL D 154 13.93 -36.57 -9.16
N ASP D 155 13.93 -37.55 -10.05
CA ASP D 155 14.04 -37.32 -11.49
C ASP D 155 12.75 -36.83 -12.10
N ILE D 156 12.63 -35.51 -12.23
CA ILE D 156 11.43 -34.92 -12.81
C ILE D 156 11.13 -35.37 -14.25
N ALA D 157 12.12 -35.37 -15.14
CA ALA D 157 11.89 -35.78 -16.53
C ALA D 157 11.39 -37.23 -16.60
N LYS D 158 11.98 -38.10 -15.78
CA LYS D 158 11.58 -39.50 -15.76
C LYS D 158 10.16 -39.66 -15.27
N ILE D 159 9.83 -39.04 -14.14
CA ILE D 159 8.49 -39.12 -13.57
C ILE D 159 7.43 -38.57 -14.52
N CYS D 160 7.69 -37.41 -15.12
CA CYS D 160 6.71 -36.83 -16.04
C CYS D 160 6.55 -37.67 -17.31
N HIS D 161 7.63 -38.33 -17.71
CA HIS D 161 7.63 -39.18 -18.89
C HIS D 161 6.72 -40.39 -18.61
N LEU D 162 6.95 -41.07 -17.50
CA LEU D 162 6.14 -42.22 -17.15
C LEU D 162 4.70 -41.84 -16.87
N ALA D 163 4.51 -40.66 -16.29
CA ALA D 163 3.19 -40.15 -15.95
C ALA D 163 2.37 -39.92 -17.22
N ARG D 164 2.96 -39.26 -18.20
CA ARG D 164 2.25 -38.98 -19.44
C ARG D 164 1.83 -40.29 -20.11
N GLU D 165 2.69 -41.30 -19.98
CA GLU D 165 2.41 -42.60 -20.56
C GLU D 165 1.11 -43.18 -20.11
N VAL D 166 0.75 -42.99 -18.82
CA VAL D 166 -0.51 -43.53 -18.28
C VAL D 166 -1.65 -42.51 -18.31
N GLY D 167 -1.45 -41.39 -19.02
CA GLY D 167 -2.49 -40.38 -19.11
C GLY D 167 -2.65 -39.46 -17.92
N ALA D 168 -1.69 -39.47 -17.00
CA ALA D 168 -1.75 -38.60 -15.83
C ALA D 168 -1.20 -37.23 -16.20
N VAL D 169 -1.71 -36.19 -15.52
CA VAL D 169 -1.22 -34.83 -15.73
C VAL D 169 -0.12 -34.68 -14.67
N SER D 170 0.98 -34.03 -15.01
CA SER D 170 2.07 -33.83 -14.04
C SER D 170 2.15 -32.37 -13.57
N VAL D 171 2.33 -32.18 -12.27
CA VAL D 171 2.50 -30.84 -11.72
C VAL D 171 3.69 -30.92 -10.79
N VAL D 172 4.58 -29.93 -10.91
CA VAL D 172 5.79 -29.86 -10.11
C VAL D 172 5.77 -28.62 -9.21
N ASP D 173 5.93 -28.82 -7.91
CA ASP D 173 5.98 -27.71 -6.96
C ASP D 173 7.47 -27.34 -6.96
N ASN D 174 7.78 -26.25 -7.66
CA ASN D 174 9.15 -25.79 -7.83
C ASN D 174 9.54 -24.64 -6.88
N THR D 175 8.83 -24.55 -5.77
CA THR D 175 9.08 -23.50 -4.78
C THR D 175 10.52 -23.41 -4.27
N PHE D 176 11.07 -24.56 -3.89
CA PHE D 176 12.41 -24.62 -3.32
C PHE D 176 13.55 -24.06 -4.16
N LEU D 177 13.51 -24.22 -5.48
CA LEU D 177 14.58 -23.71 -6.34
C LEU D 177 14.20 -22.46 -7.12
N SER D 178 12.90 -22.27 -7.38
CA SER D 178 12.41 -21.13 -8.12
C SER D 178 12.77 -21.28 -9.59
N PRO D 179 12.16 -20.48 -10.48
CA PRO D 179 12.47 -20.57 -11.91
C PRO D 179 13.92 -20.25 -12.23
N ALA D 180 14.59 -19.54 -11.34
CA ALA D 180 15.96 -19.15 -11.60
C ALA D 180 16.91 -20.31 -11.52
N LEU D 181 16.54 -21.37 -10.79
CA LEU D 181 17.44 -22.52 -10.66
C LEU D 181 16.89 -23.85 -11.15
N GLN D 182 15.66 -23.87 -11.67
CA GLN D 182 15.07 -25.09 -12.18
C GLN D 182 13.83 -24.77 -13.00
N ASN D 183 13.67 -25.45 -14.14
CA ASN D 183 12.52 -25.24 -15.01
C ASN D 183 11.80 -26.54 -15.35
N PRO D 184 10.88 -26.98 -14.46
CA PRO D 184 10.17 -28.23 -14.71
C PRO D 184 9.43 -28.38 -16.05
N LEU D 185 8.97 -27.29 -16.65
CA LEU D 185 8.26 -27.43 -17.91
C LEU D 185 9.26 -27.90 -18.96
N ALA D 186 10.50 -27.43 -18.84
CA ALA D 186 11.56 -27.83 -19.77
C ALA D 186 11.98 -29.28 -19.53
N LEU D 187 11.54 -29.83 -18.41
CA LEU D 187 11.85 -31.21 -18.06
C LEU D 187 10.64 -32.10 -18.36
N GLY D 188 9.65 -31.54 -19.05
CA GLY D 188 8.48 -32.33 -19.43
C GLY D 188 7.21 -32.26 -18.59
N ALA D 189 7.17 -31.38 -17.60
CA ALA D 189 5.98 -31.29 -16.75
C ALA D 189 4.85 -30.56 -17.46
N ASP D 190 3.61 -30.86 -17.10
CA ASP D 190 2.46 -30.19 -17.70
C ASP D 190 2.25 -28.85 -16.99
N LEU D 191 2.52 -28.85 -15.69
CA LEU D 191 2.33 -27.68 -14.85
C LEU D 191 3.44 -27.52 -13.85
N VAL D 192 3.66 -26.27 -13.45
CA VAL D 192 4.64 -26.00 -12.41
C VAL D 192 3.95 -24.99 -11.49
N LEU D 193 4.05 -25.20 -10.18
CA LEU D 193 3.45 -24.26 -9.26
C LEU D 193 4.47 -23.82 -8.23
N HIS D 194 4.19 -22.70 -7.58
CA HIS D 194 5.06 -22.14 -6.55
C HIS D 194 4.29 -21.43 -5.44
N SER D 195 4.89 -21.41 -4.26
CA SER D 195 4.34 -20.60 -3.20
C SER D 195 5.16 -19.35 -3.52
N CYS D 196 4.52 -18.27 -3.97
CA CYS D 196 5.24 -17.03 -4.27
C CYS D 196 5.66 -16.32 -2.98
N THR D 197 5.15 -16.82 -1.86
CA THR D 197 5.43 -16.32 -0.52
C THR D 197 6.90 -16.48 -0.16
N TYR D 199 10.73 -17.52 -2.28
CA TYR D 199 11.70 -16.88 -3.16
C TYR D 199 11.19 -15.89 -4.20
N LEU D 200 10.10 -16.22 -4.89
CA LEU D 200 9.65 -15.33 -5.94
C LEU D 200 9.48 -13.88 -5.45
N ASN D 201 8.79 -13.70 -4.32
CA ASN D 201 8.61 -12.39 -3.74
C ASN D 201 9.91 -11.97 -3.06
N GLY D 202 10.46 -12.91 -2.29
CA GLY D 202 11.74 -12.73 -1.61
C GLY D 202 11.90 -11.71 -0.50
N HIS D 203 10.83 -11.01 -0.14
CA HIS D 203 10.93 -10.00 0.90
C HIS D 203 10.02 -10.28 2.11
N SER D 204 9.47 -11.48 2.18
CA SER D 204 8.63 -11.89 3.31
C SER D 204 7.47 -10.96 3.67
N ASP D 205 6.81 -10.38 2.67
CA ASP D 205 5.72 -9.47 2.98
C ASP D 205 4.57 -9.64 1.98
N VAL D 206 4.54 -10.82 1.37
CA VAL D 206 3.53 -11.17 0.39
C VAL D 206 3.17 -12.66 0.55
N VAL D 207 1.89 -12.96 0.41
CA VAL D 207 1.46 -14.34 0.48
C VAL D 207 0.71 -14.50 -0.86
N ALA D 208 1.18 -15.45 -1.66
CA ALA D 208 0.59 -15.69 -2.97
C ALA D 208 1.10 -17.01 -3.51
N GLY D 209 0.39 -17.53 -4.51
CA GLY D 209 0.78 -18.77 -5.13
C GLY D 209 0.59 -18.58 -6.62
N VAL D 210 1.11 -19.52 -7.42
CA VAL D 210 0.94 -19.42 -8.85
C VAL D 210 0.99 -20.79 -9.51
N VAL D 211 0.20 -20.96 -10.56
CA VAL D 211 0.21 -22.20 -11.32
C VAL D 211 0.49 -21.80 -12.77
N ILE D 212 1.56 -22.34 -13.32
CA ILE D 212 1.97 -22.06 -14.69
C ILE D 212 1.80 -23.31 -15.54
N ALA D 213 1.20 -23.16 -16.72
CA ALA D 213 0.97 -24.29 -17.57
C ALA D 213 1.60 -24.16 -18.95
N LYS D 214 2.06 -25.28 -19.51
CA LYS D 214 2.65 -25.26 -20.85
C LYS D 214 1.57 -25.16 -21.94
N ASP D 215 0.37 -25.65 -21.64
CA ASP D 215 -0.73 -25.63 -22.60
C ASP D 215 -1.69 -24.45 -22.35
N PRO D 216 -1.83 -23.54 -23.33
CA PRO D 216 -2.74 -22.41 -23.11
C PRO D 216 -4.16 -22.81 -22.77
N ASP D 217 -4.59 -23.98 -23.23
CA ASP D 217 -5.95 -24.44 -22.95
C ASP D 217 -6.07 -24.78 -21.49
N VAL D 218 -4.99 -25.29 -20.90
CA VAL D 218 -5.03 -25.62 -19.50
C VAL D 218 -5.00 -24.32 -18.68
N VAL D 219 -4.32 -23.28 -19.17
CA VAL D 219 -4.29 -21.99 -18.47
C VAL D 219 -5.73 -21.47 -18.38
N THR D 220 -6.47 -21.57 -19.48
CA THR D 220 -7.86 -21.13 -19.49
C THR D 220 -8.72 -21.88 -18.48
N GLU D 221 -8.56 -23.19 -18.44
CA GLU D 221 -9.34 -24.01 -17.52
C GLU D 221 -9.02 -23.67 -16.07
N LEU D 222 -7.74 -23.49 -15.76
CA LEU D 222 -7.32 -23.16 -14.40
C LEU D 222 -7.83 -21.78 -14.03
N ALA D 223 -7.82 -20.85 -14.98
CA ALA D 223 -8.30 -19.51 -14.74
C ALA D 223 -9.81 -19.54 -14.48
N TRP D 224 -10.55 -20.33 -15.24
CA TRP D 224 -11.99 -20.41 -15.03
C TRP D 224 -12.26 -20.91 -13.62
N TRP D 225 -11.55 -21.94 -13.22
CA TRP D 225 -11.78 -22.50 -11.89
C TRP D 225 -11.31 -21.60 -10.74
N ALA D 226 -10.23 -20.85 -10.95
CA ALA D 226 -9.72 -19.97 -9.90
C ALA D 226 -10.78 -18.91 -9.58
N ASN D 227 -11.46 -18.44 -10.62
CA ASN D 227 -12.51 -17.45 -10.47
C ASN D 227 -13.76 -18.09 -9.84
N ASN D 228 -14.04 -19.31 -10.28
CA ASN D 228 -15.18 -20.10 -9.83
C ASN D 228 -15.15 -20.36 -8.33
N ILE D 229 -14.02 -20.86 -7.83
CA ILE D 229 -13.94 -21.13 -6.38
C ILE D 229 -13.35 -19.97 -5.57
N GLY D 230 -13.05 -18.85 -6.26
CA GLY D 230 -12.52 -17.64 -5.62
C GLY D 230 -11.12 -17.62 -5.01
N VAL D 231 -10.13 -18.24 -5.65
CA VAL D 231 -8.76 -18.23 -5.09
C VAL D 231 -7.79 -17.35 -5.84
N THR D 232 -8.28 -16.42 -6.66
CA THR D 232 -7.38 -15.53 -7.39
C THR D 232 -6.64 -14.60 -6.41
N GLY D 233 -5.38 -14.31 -6.70
CA GLY D 233 -4.60 -13.45 -5.83
C GLY D 233 -4.98 -11.97 -5.91
N GLY D 234 -4.55 -11.20 -4.93
CA GLY D 234 -4.89 -9.78 -4.90
C GLY D 234 -4.02 -8.83 -5.71
N ALA D 235 -4.58 -7.66 -6.03
CA ALA D 235 -3.88 -6.65 -6.82
C ALA D 235 -2.66 -6.08 -6.08
N PHE D 236 -2.80 -5.77 -4.81
CA PHE D 236 -1.66 -5.24 -4.08
C PHE D 236 -0.56 -6.29 -3.99
N ASP D 237 -0.93 -7.52 -3.66
CA ASP D 237 0.04 -8.62 -3.57
C ASP D 237 0.71 -8.82 -4.94
N SER D 238 -0.06 -8.70 -6.02
CA SER D 238 0.47 -8.86 -7.39
C SER D 238 1.55 -7.81 -7.65
N TYR D 239 1.31 -6.61 -7.15
CA TYR D 239 2.27 -5.53 -7.31
C TYR D 239 3.57 -5.78 -6.55
N LEU D 240 3.45 -6.08 -5.26
CA LEU D 240 4.63 -6.31 -4.43
C LEU D 240 5.41 -7.53 -4.91
N LEU D 241 4.71 -8.56 -5.39
CA LEU D 241 5.38 -9.75 -5.89
C LEU D 241 6.15 -9.39 -7.15
N LEU D 242 5.54 -8.64 -8.06
CA LEU D 242 6.26 -8.25 -9.28
C LEU D 242 7.50 -7.43 -8.88
N ARG D 243 7.35 -6.59 -7.86
CA ARG D 243 8.46 -5.77 -7.40
C ARG D 243 9.56 -6.70 -6.90
N GLY D 244 9.18 -7.71 -6.14
CA GLY D 244 10.16 -8.67 -5.63
C GLY D 244 10.84 -9.48 -6.73
N LEU D 245 10.08 -9.80 -7.77
CA LEU D 245 10.61 -10.55 -8.91
C LEU D 245 11.77 -9.85 -9.57
N ARG D 246 11.71 -8.52 -9.61
CA ARG D 246 12.76 -7.75 -10.26
C ARG D 246 14.14 -8.19 -9.88
N THR D 247 14.34 -8.63 -8.63
CA THR D 247 15.66 -9.03 -8.16
C THR D 247 15.84 -10.53 -7.92
N LEU D 248 14.95 -11.34 -8.49
CA LEU D 248 15.04 -12.79 -8.30
C LEU D 248 16.40 -13.39 -8.65
N VAL D 249 16.92 -13.10 -9.84
CA VAL D 249 18.20 -13.68 -10.25
C VAL D 249 19.38 -13.35 -9.34
N PRO D 250 19.68 -12.05 -9.13
CA PRO D 250 20.80 -11.79 -8.23
C PRO D 250 20.58 -12.32 -6.80
N ARG D 251 19.34 -12.33 -6.33
CA ARG D 251 19.06 -12.84 -4.96
C ARG D 251 19.37 -14.35 -4.89
N MET D 252 18.83 -15.12 -5.83
CA MET D 252 19.06 -16.56 -5.83
C MET D 252 20.55 -16.87 -6.01
N GLU D 253 21.20 -16.12 -6.90
CA GLU D 253 22.63 -16.30 -7.18
C GLU D 253 23.47 -16.08 -5.93
N LEU D 254 23.19 -14.99 -5.24
CA LEU D 254 23.93 -14.66 -4.04
C LEU D 254 23.56 -15.59 -2.90
N ALA D 255 22.26 -15.87 -2.74
CA ALA D 255 21.83 -16.78 -1.69
C ALA D 255 22.51 -18.12 -1.90
N GLN D 256 22.52 -18.59 -3.14
CA GLN D 256 23.14 -19.88 -3.47
C GLN D 256 24.64 -19.89 -3.17
N ARG D 257 25.31 -18.81 -3.59
CA ARG D 257 26.73 -18.61 -3.39
C ARG D 257 27.05 -18.66 -1.89
N ASN D 258 26.20 -18.02 -1.08
CA ASN D 258 26.37 -18.01 0.39
C ASN D 258 26.14 -19.42 0.90
N ALA D 259 25.11 -20.08 0.36
CA ALA D 259 24.78 -21.46 0.75
C ALA D 259 25.97 -22.39 0.54
N GLN D 260 26.66 -22.24 -0.59
CA GLN D 260 27.84 -23.06 -0.91
C GLN D 260 28.98 -22.79 0.07
N ALA D 261 29.15 -21.53 0.45
CA ALA D 261 30.19 -21.17 1.40
C ALA D 261 29.86 -21.74 2.79
N ILE D 262 28.57 -21.76 3.15
CA ILE D 262 28.17 -22.30 4.45
C ILE D 262 28.36 -23.84 4.46
N VAL D 263 28.01 -24.50 3.36
CA VAL D 263 28.15 -25.95 3.25
C VAL D 263 29.63 -26.31 3.42
N LYS D 264 30.49 -25.65 2.66
CA LYS D 264 31.93 -25.84 2.72
C LYS D 264 32.40 -25.71 4.19
N TYR D 265 31.93 -24.67 4.87
CA TYR D 265 32.32 -24.44 6.25
C TYR D 265 31.83 -25.53 7.19
N LEU D 266 30.57 -25.92 7.05
CA LEU D 266 30.00 -26.92 7.94
C LEU D 266 30.69 -28.27 7.77
N GLN D 267 31.25 -28.50 6.61
CA GLN D 267 31.94 -29.77 6.39
C GLN D 267 33.19 -29.81 7.26
N THR D 268 33.49 -28.72 7.96
CA THR D 268 34.69 -28.65 8.81
C THR D 268 34.36 -28.61 10.30
N GLN D 269 33.07 -28.67 10.63
CA GLN D 269 32.66 -28.60 12.00
C GLN D 269 32.50 -29.96 12.62
N PRO D 270 33.34 -30.29 13.58
CA PRO D 270 33.25 -31.60 14.22
C PRO D 270 31.86 -31.85 14.79
N LEU D 271 31.14 -30.78 15.12
CA LEU D 271 29.80 -30.90 15.70
C LEU D 271 28.71 -31.17 14.67
N VAL D 272 29.03 -31.05 13.40
CA VAL D 272 28.07 -31.32 12.35
C VAL D 272 28.14 -32.83 12.08
N LYS D 273 27.16 -33.60 12.55
CA LYS D 273 27.22 -35.04 12.32
C LYS D 273 26.63 -35.48 10.98
N LYS D 274 25.93 -34.57 10.31
CA LYS D 274 25.35 -34.90 9.02
C LYS D 274 24.95 -33.61 8.32
N LEU D 275 25.26 -33.54 7.03
CA LEU D 275 24.99 -32.35 6.23
C LEU D 275 24.15 -32.73 5.01
N TYR D 276 23.25 -31.83 4.61
CA TYR D 276 22.38 -32.06 3.47
C TYR D 276 22.31 -30.85 2.55
N HIS D 277 22.60 -31.09 1.28
CA HIS D 277 22.56 -30.07 0.23
C HIS D 277 22.69 -30.80 -1.09
N PRO D 278 21.92 -30.38 -2.12
CA PRO D 278 21.99 -31.05 -3.43
C PRO D 278 23.38 -31.13 -4.08
N SER D 279 24.26 -30.21 -3.72
CA SER D 279 25.61 -30.20 -4.30
C SER D 279 26.50 -31.29 -3.71
N LEU D 280 26.11 -31.86 -2.58
CA LEU D 280 26.91 -32.89 -1.92
C LEU D 280 26.82 -34.23 -2.63
N PRO D 281 27.97 -34.74 -3.10
CA PRO D 281 28.11 -36.02 -3.81
C PRO D 281 27.29 -37.16 -3.22
N GLU D 282 27.21 -37.22 -1.90
CA GLU D 282 26.46 -38.27 -1.23
C GLU D 282 24.99 -37.93 -0.96
N ASN D 283 24.57 -36.72 -1.32
CA ASN D 283 23.18 -36.35 -1.09
C ASN D 283 22.23 -37.14 -1.98
N GLN D 284 21.19 -37.69 -1.38
CA GLN D 284 20.23 -38.48 -2.13
C GLN D 284 19.72 -37.74 -3.36
N GLY D 285 20.04 -38.28 -4.53
CA GLY D 285 19.62 -37.67 -5.78
C GLY D 285 20.62 -36.67 -6.36
N HIS D 286 21.86 -36.64 -5.85
CA HIS D 286 22.84 -35.69 -6.39
C HIS D 286 23.09 -35.75 -7.91
N GLU D 287 23.21 -36.95 -8.47
CA GLU D 287 23.43 -37.07 -9.92
C GLU D 287 22.25 -36.43 -10.67
N ILE D 288 21.03 -36.68 -10.19
CA ILE D 288 19.83 -36.12 -10.80
C ILE D 288 19.84 -34.60 -10.68
N ALA D 289 20.15 -34.10 -9.48
CA ALA D 289 20.20 -32.66 -9.22
C ALA D 289 21.16 -31.96 -10.19
N ALA D 290 22.39 -32.48 -10.29
CA ALA D 290 23.41 -31.91 -11.16
C ALA D 290 22.93 -31.89 -12.63
N ARG D 291 22.10 -32.86 -12.96
CA ARG D 291 21.58 -33.01 -14.31
C ARG D 291 20.32 -32.15 -14.63
N GLN D 292 19.38 -32.07 -13.70
CA GLN D 292 18.14 -31.32 -13.93
C GLN D 292 18.05 -29.91 -13.37
N GLN D 293 18.99 -29.51 -12.52
CA GLN D 293 18.95 -28.18 -11.93
C GLN D 293 19.96 -27.27 -12.57
N LYS D 294 19.68 -25.97 -12.52
CA LYS D 294 20.59 -24.96 -13.07
C LYS D 294 21.51 -24.48 -11.94
N GLY D 295 21.23 -24.95 -10.72
CA GLY D 295 22.02 -24.59 -9.56
C GLY D 295 21.63 -25.54 -8.45
N PHE D 296 22.48 -25.70 -7.42
CA PHE D 296 22.13 -26.62 -6.34
C PHE D 296 21.23 -26.03 -5.25
N GLY D 297 21.03 -24.71 -5.28
CA GLY D 297 20.13 -24.09 -4.31
C GLY D 297 20.69 -23.44 -3.06
N ALA D 298 19.83 -22.66 -2.39
CA ALA D 298 20.18 -21.93 -1.18
C ALA D 298 19.64 -22.53 0.13
N MET D 299 18.92 -23.65 0.05
CA MET D 299 18.41 -24.32 1.24
C MET D 299 19.40 -25.42 1.61
N LEU D 300 19.63 -25.62 2.90
CA LEU D 300 20.52 -26.68 3.35
C LEU D 300 20.14 -27.09 4.76
N SER D 301 20.61 -28.26 5.18
CA SER D 301 20.32 -28.71 6.53
C SER D 301 21.45 -29.56 7.06
N PHE D 302 21.53 -29.70 8.37
CA PHE D 302 22.58 -30.49 8.97
C PHE D 302 22.13 -30.98 10.34
N GLU D 303 22.67 -32.10 10.79
CA GLU D 303 22.32 -32.62 12.10
C GLU D 303 23.42 -32.26 13.07
N LEU D 304 23.05 -31.59 14.15
CA LEU D 304 24.03 -31.20 15.14
C LEU D 304 24.36 -32.43 15.96
N ASP D 305 25.64 -32.64 16.22
CA ASP D 305 26.07 -33.77 17.02
C ASP D 305 25.84 -33.30 18.44
N GLY D 306 24.88 -33.91 19.12
CA GLY D 306 24.59 -33.51 20.49
C GLY D 306 23.15 -33.79 20.83
N ASP D 307 22.68 -33.19 21.93
CA ASP D 307 21.32 -33.40 22.37
C ASP D 307 20.53 -32.12 22.27
N GLU D 308 19.43 -32.05 23.02
CA GLU D 308 18.59 -30.87 23.01
C GLU D 308 19.21 -29.67 23.72
N GLN D 309 20.05 -29.92 24.72
CA GLN D 309 20.65 -28.81 25.41
C GLN D 309 21.74 -28.21 24.53
N THR D 310 22.39 -29.07 23.77
CA THR D 310 23.45 -28.65 22.86
C THR D 310 22.79 -27.76 21.80
N LEU D 311 21.68 -28.24 21.26
CA LEU D 311 20.96 -27.52 20.22
C LEU D 311 20.56 -26.14 20.70
N ARG D 312 20.12 -26.09 21.95
CA ARG D 312 19.70 -24.84 22.58
C ARG D 312 20.89 -23.88 22.62
N ARG D 313 22.02 -24.39 23.12
CA ARG D 313 23.24 -23.61 23.22
C ARG D 313 23.67 -23.06 21.86
N PHE D 314 23.56 -23.91 20.84
CA PHE D 314 23.92 -23.53 19.46
C PHE D 314 23.01 -22.40 18.95
N LEU D 315 21.70 -22.58 19.03
CA LEU D 315 20.78 -21.57 18.56
C LEU D 315 21.01 -20.28 19.34
N GLY D 316 21.15 -20.40 20.66
CA GLY D 316 21.38 -19.23 21.47
C GLY D 316 22.60 -18.44 21.02
N GLY D 317 23.59 -19.12 20.46
CA GLY D 317 24.79 -18.43 20.02
C GLY D 317 24.64 -17.69 18.69
N LEU D 318 23.48 -17.75 18.07
CA LEU D 318 23.29 -17.08 16.78
C LEU D 318 22.65 -15.69 16.87
N SER D 319 22.98 -14.83 15.92
CA SER D 319 22.41 -13.50 15.91
C SER D 319 22.07 -13.01 14.49
N LEU D 320 22.57 -13.71 13.47
CA LEU D 320 22.30 -13.31 12.08
C LEU D 320 21.34 -14.28 11.39
N PHE D 321 20.82 -15.23 12.16
CA PHE D 321 19.87 -16.22 11.65
C PHE D 321 18.64 -16.11 12.51
N THR D 322 17.50 -15.81 11.91
CA THR D 322 16.29 -15.71 12.71
C THR D 322 15.59 -17.06 12.83
N LEU D 323 15.32 -17.48 14.06
CA LEU D 323 14.64 -18.74 14.32
C LEU D 323 13.19 -18.52 13.92
N ALA D 324 12.82 -19.03 12.76
CA ALA D 324 11.46 -18.84 12.28
C ALA D 324 11.16 -19.81 11.16
N GLU D 325 9.86 -20.06 10.95
CA GLU D 325 9.46 -20.95 9.87
C GLU D 325 9.50 -20.17 8.56
N SER D 326 9.26 -20.85 7.45
CA SER D 326 9.29 -20.24 6.14
C SER D 326 10.73 -20.14 5.61
N LEU D 327 10.86 -19.62 4.39
CA LEU D 327 12.15 -19.55 3.74
C LEU D 327 12.02 -18.69 2.49
N GLY D 328 13.14 -18.45 1.82
CA GLY D 328 13.11 -17.71 0.58
C GLY D 328 13.24 -16.21 0.62
N GLY D 329 13.29 -15.64 1.84
CA GLY D 329 13.45 -14.20 1.97
C GLY D 329 14.92 -13.83 1.88
N VAL D 330 15.19 -12.54 1.73
CA VAL D 330 16.56 -12.07 1.64
C VAL D 330 17.28 -12.27 2.95
N GLU D 331 16.53 -12.43 4.04
CA GLU D 331 17.18 -12.62 5.34
C GLU D 331 17.36 -14.10 5.66
N SER D 332 18.50 -14.44 6.25
CA SER D 332 18.81 -15.82 6.62
C SER D 332 17.95 -16.29 7.78
N LEU D 333 17.34 -17.47 7.63
CA LEU D 333 16.50 -18.04 8.69
C LEU D 333 16.98 -19.44 9.04
N ILE D 334 16.69 -19.88 10.25
CA ILE D 334 17.06 -21.22 10.67
C ILE D 334 15.84 -21.81 11.34
N SER D 335 15.67 -23.12 11.24
CA SER D 335 14.53 -23.76 11.87
C SER D 335 14.89 -25.17 12.33
N HIS D 336 14.23 -25.62 13.39
CA HIS D 336 14.47 -26.93 13.94
C HIS D 336 13.26 -27.76 13.55
N ALA D 337 13.44 -28.65 12.59
CA ALA D 337 12.32 -29.46 12.08
C ALA D 337 11.47 -30.20 13.13
N ALA D 338 12.13 -30.83 14.11
CA ALA D 338 11.40 -31.57 15.13
C ALA D 338 10.36 -30.73 15.86
N THR D 339 10.69 -29.49 16.20
CA THR D 339 9.76 -28.62 16.92
C THR D 339 9.12 -27.53 16.07
N MET D 340 9.50 -27.43 14.80
CA MET D 340 8.92 -26.39 13.97
C MET D 340 8.19 -26.97 12.78
N THR D 341 8.91 -27.12 11.67
CA THR D 341 8.35 -27.64 10.42
C THR D 341 7.66 -29.01 10.48
N HIS D 342 8.22 -29.95 11.23
CA HIS D 342 7.65 -31.29 11.31
C HIS D 342 7.25 -31.67 12.72
N ALA D 343 6.93 -30.66 13.51
CA ALA D 343 6.52 -30.87 14.89
C ALA D 343 5.25 -31.72 14.94
N GLY D 344 4.39 -31.54 13.94
CA GLY D 344 3.15 -32.29 13.89
C GLY D 344 3.29 -33.69 13.34
N MET D 345 4.50 -34.21 13.44
CA MET D 345 4.84 -35.54 12.95
C MET D 345 5.35 -36.31 14.16
N ALA D 346 4.69 -37.42 14.49
CA ALA D 346 5.12 -38.22 15.64
C ALA D 346 6.62 -38.49 15.51
N PRO D 347 7.33 -38.42 16.64
CA PRO D 347 8.77 -38.68 16.62
C PRO D 347 9.12 -39.97 15.88
N GLU D 348 8.29 -40.99 16.05
CA GLU D 348 8.51 -42.28 15.39
C GLU D 348 8.50 -42.07 13.89
N ALA D 349 7.54 -41.28 13.42
CA ALA D 349 7.42 -40.99 12.00
C ALA D 349 8.61 -40.17 11.51
N ARG D 350 9.00 -39.16 12.27
CA ARG D 350 10.12 -38.33 11.88
C ARG D 350 11.35 -39.20 11.78
N ALA D 351 11.46 -40.13 12.72
CA ALA D 351 12.58 -41.06 12.75
C ALA D 351 12.59 -41.95 11.51
N ALA D 352 11.42 -42.53 11.20
CA ALA D 352 11.35 -43.40 10.04
C ALA D 352 11.64 -42.59 8.78
N ALA D 353 11.41 -41.28 8.87
CA ALA D 353 11.62 -40.35 7.75
C ALA D 353 13.04 -39.82 7.61
N GLY D 354 13.93 -40.25 8.51
CA GLY D 354 15.31 -39.80 8.45
C GLY D 354 15.45 -38.38 8.95
N ILE D 355 14.43 -37.94 9.68
CA ILE D 355 14.44 -36.60 10.23
C ILE D 355 14.89 -36.64 11.69
N SER D 356 16.15 -36.29 11.91
CA SER D 356 16.76 -36.29 13.23
C SER D 356 16.21 -35.25 14.18
N GLU D 357 16.21 -35.59 15.46
CA GLU D 357 15.73 -34.68 16.51
C GLU D 357 16.65 -33.48 16.68
N THR D 358 17.81 -33.50 16.03
CA THR D 358 18.73 -32.38 16.13
C THR D 358 19.00 -31.76 14.75
N LEU D 359 18.11 -32.04 13.78
CA LEU D 359 18.27 -31.48 12.44
C LEU D 359 17.83 -30.01 12.40
N LEU D 360 18.71 -29.17 11.85
CA LEU D 360 18.46 -27.74 11.70
C LEU D 360 18.50 -27.40 10.22
N ARG D 361 17.47 -26.73 9.72
CA ARG D 361 17.42 -26.33 8.32
C ARG D 361 17.77 -24.86 8.21
N ILE D 362 18.57 -24.50 7.21
CA ILE D 362 18.92 -23.11 7.01
C ILE D 362 18.42 -22.60 5.68
N SER D 363 17.70 -21.47 5.71
CA SER D 363 17.24 -20.83 4.48
C SER D 363 18.26 -19.69 4.35
N THR D 364 19.27 -19.88 3.48
CA THR D 364 20.33 -18.88 3.31
C THR D 364 19.89 -17.57 2.70
N GLY D 365 20.26 -16.48 3.36
CA GLY D 365 19.92 -15.14 2.91
C GLY D 365 21.04 -14.49 2.14
N ILE D 366 20.93 -13.20 1.91
CA ILE D 366 21.95 -12.51 1.15
C ILE D 366 22.86 -11.60 1.94
N GLU D 367 22.98 -11.87 3.24
CA GLU D 367 23.89 -11.11 4.08
C GLU D 367 25.33 -11.43 3.62
N ASP D 368 26.34 -10.78 4.19
CA ASP D 368 27.70 -11.11 3.78
C ASP D 368 28.01 -12.52 4.28
N GLY D 369 28.44 -13.42 3.38
CA GLY D 369 28.74 -14.80 3.75
C GLY D 369 29.71 -15.01 4.92
N GLU D 370 30.69 -14.14 5.05
CA GLU D 370 31.67 -14.22 6.14
C GLU D 370 30.99 -13.97 7.47
N ASP D 371 30.10 -12.97 7.49
CA ASP D 371 29.36 -12.63 8.69
C ASP D 371 28.50 -13.81 9.13
N LEU D 372 27.84 -14.44 8.16
CA LEU D 372 26.99 -15.59 8.43
C LEU D 372 27.84 -16.74 9.01
N ILE D 373 28.97 -17.01 8.37
CA ILE D 373 29.87 -18.08 8.81
C ILE D 373 30.35 -17.80 10.23
N ALA D 374 30.75 -16.55 10.49
CA ALA D 374 31.22 -16.13 11.81
C ALA D 374 30.13 -16.36 12.85
N ASP D 375 28.89 -16.10 12.48
CA ASP D 375 27.75 -16.28 13.39
C ASP D 375 27.64 -17.76 13.74
N LEU D 376 27.72 -18.60 12.71
CA LEU D 376 27.64 -20.04 12.88
C LEU D 376 28.74 -20.55 13.79
N GLU D 377 29.96 -20.06 13.57
CA GLU D 377 31.10 -20.46 14.38
C GLU D 377 30.78 -20.14 15.84
N ASN D 378 30.11 -19.00 16.04
CA ASN D 378 29.74 -18.58 17.37
C ASN D 378 28.76 -19.56 18.01
N GLY D 379 27.83 -20.06 17.21
CA GLY D 379 26.87 -21.01 17.74
C GLY D 379 27.57 -22.29 18.13
N PHE D 380 28.52 -22.72 17.29
CA PHE D 380 29.27 -23.94 17.53
C PHE D 380 30.16 -23.86 18.76
N ARG D 381 30.84 -22.74 18.92
CA ARG D 381 31.71 -22.58 20.08
C ARG D 381 30.87 -22.62 21.37
N ALA D 382 29.58 -22.30 21.25
CA ALA D 382 28.66 -22.33 22.38
C ALA D 382 28.11 -23.75 22.57
N ALA D 383 27.94 -24.48 21.48
CA ALA D 383 27.42 -25.84 21.59
C ALA D 383 28.41 -26.67 22.39
N ASN D 384 29.66 -26.20 22.46
CA ASN D 384 30.73 -26.91 23.15
C ASN D 384 30.86 -26.66 24.64
N LYS D 385 30.24 -25.59 25.12
CA LYS D 385 30.29 -25.23 26.54
C LYS D 385 29.34 -26.10 27.38
N GLY D 386 29.35 -27.41 27.11
CA GLY D 386 28.47 -28.30 27.85
C GLY D 386 28.84 -29.77 27.77
#